data_4JRM
#
_entry.id   4JRM
#
_cell.length_a   64.543
_cell.length_b   136.376
_cell.length_c   168.478
_cell.angle_alpha   90.000
_cell.angle_beta   90.000
_cell.angle_gamma   90.000
#
_symmetry.space_group_name_H-M   'P 21 21 21'
#
loop_
_entity.id
_entity.type
_entity.pdbx_description
1 polymer '3-oxoacyl-[acyl-carrier-protein] synthase 2'
2 non-polymer 'ACETATE ION'
3 non-polymer GLYCEROL
4 water water
#
_entity_poly.entity_id   1
_entity_poly.type   'polypeptide(L)'
_entity_poly.pdbx_seq_one_letter_code
;SNAMSKRRVVVTGMGMLSPVGNTVESSWKALLAGQSGIVNIEHFDTTNFSTRFAGLVKGFDCEQYMSKKDARKMDLFIQY
GIAAGIQALEDSGLEVNEENAARIGVAIGSGIGGLELIETGHQALIEKGPRKVSPFFVPSTIVNMIAGNLSIMRGLRGPN
IAISTACTTGLHNIGHAARMIAYGDADAMVAGGAEKASTPLGMAGFGAAKALSTRNDEPQKASRPWDKDRDGFVLGDGAG
IMVLEEYEHAKARGAKIYAEVVGFGMSGDAYHMTSPSEDGSGGALAMEAAMRDAGVTGEQIGYVNAHGTSTPAGDVAEVK
GIKRALGEAGTKQVLVSSTKSMTGHLLGAAGSVEAIITVMSLVDQMVPPTINLDNPEEGLGVDLVPHVARKVESMEYAMC
NSFGFGGTNGSLIFKRM
;
_entity_poly.pdbx_strand_id   D,A,B,C
#
loop_
_chem_comp.id
_chem_comp.type
_chem_comp.name
_chem_comp.formula
ACT non-polymer 'ACETATE ION' 'C2 H3 O2 -1'
GOL non-polymer GLYCEROL 'C3 H8 O3'
#
# COMPACT_ATOMS: atom_id res chain seq x y z
N LYS A 6 15.61 -24.15 26.96
CA LYS A 6 14.62 -24.44 25.88
C LYS A 6 13.71 -25.58 26.37
N ARG A 7 12.41 -25.31 26.50
CA ARG A 7 11.47 -26.29 27.05
C ARG A 7 11.03 -27.27 25.96
N ARG A 8 11.32 -28.54 26.16
CA ARG A 8 10.95 -29.58 25.21
C ARG A 8 9.50 -29.99 25.44
N VAL A 9 8.82 -30.39 24.36
CA VAL A 9 7.41 -30.76 24.40
C VAL A 9 7.23 -32.17 23.85
N VAL A 10 6.54 -33.02 24.60
CA VAL A 10 6.31 -34.40 24.18
C VAL A 10 4.84 -34.75 24.17
N VAL A 11 4.52 -35.83 23.46
CA VAL A 11 3.17 -36.35 23.34
C VAL A 11 2.98 -37.44 24.40
N THR A 12 2.00 -37.26 25.27
CA THR A 12 1.78 -38.19 26.38
C THR A 12 0.42 -38.87 26.37
N GLY A 13 -0.45 -38.50 25.43
CA GLY A 13 -1.79 -39.01 25.36
C GLY A 13 -2.37 -38.74 24.00
N MET A 14 -3.15 -39.69 23.47
CA MET A 14 -3.78 -39.56 22.15
C MET A 14 -5.18 -40.15 22.18
N GLY A 15 -6.07 -39.58 21.39
CA GLY A 15 -7.44 -40.00 21.36
C GLY A 15 -7.99 -39.70 19.98
N MET A 16 -8.92 -40.52 19.52
CA MET A 16 -9.40 -40.43 18.12
C MET A 16 -10.73 -41.11 17.90
N LEU A 17 -11.57 -40.45 17.10
CA LEU A 17 -12.71 -41.05 16.46
C LEU A 17 -12.51 -40.81 14.97
N SER A 18 -12.56 -41.89 14.20
CA SER A 18 -12.33 -41.81 12.75
C SER A 18 -13.26 -42.76 12.06
N PRO A 19 -13.35 -42.61 10.73
CA PRO A 19 -14.12 -43.58 9.97
C PRO A 19 -13.60 -45.01 10.00
N VAL A 20 -12.38 -45.24 10.49
CA VAL A 20 -11.84 -46.60 10.56
C VAL A 20 -11.67 -47.09 12.02
N GLY A 21 -12.21 -46.37 12.99
CA GLY A 21 -12.15 -46.85 14.41
C GLY A 21 -12.38 -45.74 15.43
N ASN A 22 -12.86 -46.12 16.61
CA ASN A 22 -13.22 -45.17 17.65
C ASN A 22 -12.19 -45.09 18.77
N THR A 23 -10.99 -45.62 18.51
CA THR A 23 -9.82 -45.43 19.34
C THR A 23 -8.60 -45.31 18.43
N VAL A 24 -7.49 -44.88 19.02
CA VAL A 24 -6.23 -44.76 18.28
C VAL A 24 -5.80 -46.15 17.83
N GLU A 25 -5.84 -47.10 18.76
CA GLU A 25 -5.36 -48.46 18.49
C GLU A 25 -6.14 -49.16 17.39
N SER A 26 -7.46 -49.07 17.42
CA SER A 26 -8.29 -49.73 16.40
C SER A 26 -8.10 -49.03 15.03
N SER A 27 -8.02 -47.71 15.07
CA SER A 27 -7.85 -46.94 13.84
C SER A 27 -6.50 -47.30 13.19
N TRP A 28 -5.44 -47.32 13.99
CA TRP A 28 -4.09 -47.63 13.50
C TRP A 28 -4.01 -49.03 12.90
N LYS A 29 -4.60 -50.00 13.58
CA LYS A 29 -4.65 -51.35 13.05
C LYS A 29 -5.39 -51.41 11.69
N ALA A 30 -6.49 -50.69 11.56
CA ALA A 30 -7.24 -50.69 10.30
C ALA A 30 -6.43 -50.03 9.19
N LEU A 31 -5.73 -48.97 9.53
CA LEU A 31 -4.94 -48.24 8.54
C LEU A 31 -3.81 -49.12 8.01
N LEU A 32 -3.15 -49.84 8.91
CA LEU A 32 -2.04 -50.71 8.48
C LEU A 32 -2.53 -51.88 7.65
N ALA A 33 -3.81 -52.24 7.80
CA ALA A 33 -4.47 -53.31 7.09
C ALA A 33 -5.06 -52.80 5.77
N GLY A 34 -4.92 -51.51 5.50
CA GLY A 34 -5.46 -50.96 4.25
C GLY A 34 -6.97 -50.85 4.18
N GLN A 35 -7.65 -50.80 5.32
CA GLN A 35 -9.09 -50.79 5.37
C GLN A 35 -9.69 -49.39 5.13
N SER A 36 -10.66 -49.30 4.23
CA SER A 36 -11.40 -48.07 3.99
C SER A 36 -12.51 -47.90 5.00
N GLY A 37 -12.76 -46.64 5.39
CA GLY A 37 -13.90 -46.29 6.24
C GLY A 37 -15.01 -45.55 5.52
N ILE A 38 -14.96 -45.55 4.21
CA ILE A 38 -15.92 -44.79 3.41
C ILE A 38 -17.15 -45.64 3.15
N VAL A 39 -18.32 -45.05 3.43
CA VAL A 39 -19.60 -45.74 3.30
C VAL A 39 -20.64 -44.79 2.72
N ASN A 40 -21.74 -45.36 2.25
CA ASN A 40 -22.89 -44.58 1.83
C ASN A 40 -23.52 -43.83 2.99
N ILE A 41 -23.92 -42.60 2.75
CA ILE A 41 -24.66 -41.80 3.73
C ILE A 41 -26.06 -42.36 3.86
N GLU A 42 -26.45 -42.68 5.10
CA GLU A 42 -27.76 -43.25 5.39
C GLU A 42 -28.71 -42.31 6.16
N HIS A 43 -28.19 -41.22 6.73
CA HIS A 43 -28.95 -40.36 7.63
C HIS A 43 -29.78 -39.27 6.96
N PHE A 44 -29.58 -39.03 5.67
CA PHE A 44 -30.51 -38.18 4.94
C PHE A 44 -30.64 -38.68 3.51
N ASP A 45 -31.68 -38.25 2.81
CA ASP A 45 -31.88 -38.63 1.41
C ASP A 45 -30.89 -37.90 0.51
N THR A 46 -30.01 -38.68 -0.11
CA THR A 46 -28.94 -38.14 -0.93
C THR A 46 -29.19 -38.16 -2.44
N THR A 47 -30.41 -38.44 -2.86
CA THR A 47 -30.75 -38.56 -4.28
C THR A 47 -30.29 -37.37 -5.12
N ASN A 48 -30.56 -36.16 -4.65
CA ASN A 48 -30.26 -34.96 -5.45
C ASN A 48 -28.82 -34.48 -5.32
N PHE A 49 -28.03 -35.18 -4.49
CA PHE A 49 -26.65 -34.83 -4.23
C PHE A 49 -25.70 -35.49 -5.20
N SER A 50 -24.72 -34.74 -5.64
CA SER A 50 -23.68 -35.26 -6.51
C SER A 50 -22.79 -36.30 -5.85
N THR A 51 -22.65 -36.26 -4.52
CA THR A 51 -21.83 -37.23 -3.81
C THR A 51 -22.68 -37.80 -2.69
N ARG A 52 -22.72 -39.12 -2.58
CA ARG A 52 -23.68 -39.78 -1.67
C ARG A 52 -23.01 -40.63 -0.59
N PHE A 53 -21.70 -40.45 -0.45
CA PHE A 53 -20.91 -41.24 0.50
C PHE A 53 -19.94 -40.33 1.26
N ALA A 54 -19.45 -40.84 2.40
CA ALA A 54 -18.54 -40.13 3.23
C ALA A 54 -17.92 -41.08 4.25
N GLY A 55 -16.77 -40.68 4.80
CA GLY A 55 -16.11 -41.36 5.92
C GLY A 55 -16.88 -41.04 7.20
N LEU A 56 -17.69 -41.97 7.68
CA LEU A 56 -18.54 -41.72 8.84
C LEU A 56 -17.98 -42.43 10.07
N VAL A 57 -18.16 -41.80 11.22
CA VAL A 57 -17.85 -42.43 12.51
C VAL A 57 -18.99 -43.41 12.76
N LYS A 58 -18.64 -44.65 13.10
CA LYS A 58 -19.63 -45.71 13.28
C LYS A 58 -19.91 -45.93 14.76
N GLY A 59 -21.18 -46.01 15.11
CA GLY A 59 -21.61 -46.37 16.47
C GLY A 59 -21.23 -45.41 17.57
N PHE A 60 -21.30 -44.11 17.30
CA PHE A 60 -21.18 -43.09 18.35
C PHE A 60 -22.48 -42.95 19.18
N ASP A 61 -22.37 -43.08 20.51
CA ASP A 61 -23.48 -42.91 21.45
C ASP A 61 -23.19 -41.76 22.39
N CYS A 62 -23.87 -40.63 22.21
CA CYS A 62 -23.62 -39.44 23.03
C CYS A 62 -23.86 -39.68 24.51
N GLU A 63 -24.90 -40.47 24.80
CA GLU A 63 -25.25 -40.77 26.21
C GLU A 63 -24.14 -41.46 26.99
N GLN A 64 -23.23 -42.12 26.33
CA GLN A 64 -22.05 -42.63 26.99
C GLN A 64 -21.14 -41.58 27.65
N TYR A 65 -21.13 -40.35 27.14
CA TYR A 65 -20.17 -39.36 27.57
C TYR A 65 -20.84 -38.24 28.34
N MET A 66 -22.14 -38.03 28.10
CA MET A 66 -22.86 -36.95 28.75
C MET A 66 -24.35 -37.23 28.73
N SER A 67 -25.11 -36.46 29.50
CA SER A 67 -26.56 -36.61 29.53
C SER A 67 -27.17 -36.10 28.24
N LYS A 68 -28.37 -36.57 27.92
CA LYS A 68 -29.08 -36.06 26.73
C LYS A 68 -29.34 -34.59 26.87
N LYS A 69 -29.53 -34.14 28.11
CA LYS A 69 -29.75 -32.73 28.37
C LYS A 69 -28.53 -31.89 27.99
N ASP A 70 -27.35 -32.34 28.37
CA ASP A 70 -26.12 -31.66 27.94
C ASP A 70 -25.96 -31.74 26.40
N ALA A 71 -26.16 -32.92 25.82
CA ALA A 71 -25.96 -33.14 24.39
C ALA A 71 -26.87 -32.30 23.51
N ARG A 72 -28.06 -31.97 24.00
CA ARG A 72 -28.95 -31.06 23.28
C ARG A 72 -28.29 -29.69 23.11
N LYS A 73 -27.31 -29.39 23.95
CA LYS A 73 -26.60 -28.14 23.88
C LYS A 73 -25.34 -28.20 22.95
N MET A 74 -25.04 -29.32 22.29
CA MET A 74 -23.80 -29.51 21.50
C MET A 74 -24.10 -30.13 20.15
N ASP A 75 -23.62 -29.48 19.08
CA ASP A 75 -23.59 -30.18 17.82
C ASP A 75 -22.66 -31.41 17.91
N LEU A 76 -22.86 -32.39 17.04
CA LEU A 76 -22.01 -33.57 17.00
C LEU A 76 -20.54 -33.30 16.87
N PHE A 77 -20.12 -32.27 16.12
CA PHE A 77 -18.70 -32.01 16.08
C PHE A 77 -18.10 -31.79 17.47
N ILE A 78 -18.86 -31.12 18.34
CA ILE A 78 -18.44 -30.89 19.69
C ILE A 78 -18.46 -32.17 20.51
N GLN A 79 -19.51 -32.97 20.36
CA GLN A 79 -19.54 -34.29 21.02
C GLN A 79 -18.35 -35.19 20.64
N TYR A 80 -18.03 -35.24 19.35
CA TYR A 80 -16.85 -35.97 18.87
C TYR A 80 -15.53 -35.48 19.51
N GLY A 81 -15.37 -34.15 19.55
CA GLY A 81 -14.14 -33.57 20.04
C GLY A 81 -13.97 -33.86 21.53
N ILE A 82 -15.08 -33.75 22.25
CA ILE A 82 -15.09 -34.09 23.68
C ILE A 82 -14.70 -35.56 23.87
N ALA A 83 -15.28 -36.46 23.10
CA ALA A 83 -14.98 -37.89 23.19
C ALA A 83 -13.50 -38.18 22.94
N ALA A 84 -12.94 -37.65 21.86
CA ALA A 84 -11.51 -37.81 21.62
C ALA A 84 -10.66 -37.16 22.71
N GLY A 85 -11.10 -35.99 23.21
CA GLY A 85 -10.36 -35.27 24.23
C GLY A 85 -10.29 -36.06 25.54
N ILE A 86 -11.41 -36.63 25.91
CA ILE A 86 -11.47 -37.48 27.09
C ILE A 86 -10.58 -38.70 26.91
N GLN A 87 -10.68 -39.35 25.74
CA GLN A 87 -9.78 -40.46 25.43
C GLN A 87 -8.34 -40.09 25.64
N ALA A 88 -7.92 -38.99 25.04
CA ALA A 88 -6.54 -38.59 25.13
C ALA A 88 -6.11 -38.27 26.57
N LEU A 89 -6.99 -37.63 27.34
CA LEU A 89 -6.69 -37.31 28.73
C LEU A 89 -6.58 -38.58 29.57
N GLU A 90 -7.51 -39.50 29.37
CA GLU A 90 -7.48 -40.76 30.08
C GLU A 90 -6.25 -41.57 29.65
N ASP A 91 -5.95 -41.56 28.35
CA ASP A 91 -4.71 -42.18 27.86
C ASP A 91 -3.45 -41.60 28.51
N SER A 92 -3.44 -40.30 28.78
CA SER A 92 -2.26 -39.68 29.37
C SER A 92 -2.14 -39.92 30.89
N GLY A 93 -3.26 -40.16 31.56
CA GLY A 93 -3.30 -40.32 33.02
C GLY A 93 -3.06 -39.03 33.79
N LEU A 94 -3.04 -37.91 33.06
CA LEU A 94 -2.82 -36.63 33.66
C LEU A 94 -3.88 -36.35 34.71
N GLU A 95 -3.44 -36.10 35.93
CA GLU A 95 -4.35 -35.77 37.00
C GLU A 95 -4.48 -34.27 37.05
N VAL A 96 -5.72 -33.77 37.06
CA VAL A 96 -5.97 -32.34 37.22
C VAL A 96 -6.47 -32.07 38.62
N ASN A 97 -5.77 -31.16 39.31
CA ASN A 97 -6.13 -30.76 40.68
C ASN A 97 -6.05 -29.24 40.82
N GLU A 98 -6.37 -28.76 42.02
CA GLU A 98 -6.43 -27.33 42.29
C GLU A 98 -5.07 -26.70 42.06
N GLU A 99 -4.01 -27.45 42.33
CA GLU A 99 -2.67 -26.92 42.25
C GLU A 99 -2.13 -26.76 40.84
N ASN A 100 -2.52 -27.64 39.91
CA ASN A 100 -2.02 -27.55 38.53
C ASN A 100 -3.04 -27.08 37.47
N ALA A 101 -4.30 -26.84 37.85
CA ALA A 101 -5.36 -26.59 36.87
C ALA A 101 -5.05 -25.41 35.95
N ALA A 102 -4.43 -24.37 36.51
CA ALA A 102 -4.06 -23.16 35.75
C ALA A 102 -2.91 -23.37 34.77
N ARG A 103 -2.29 -24.54 34.79
CA ARG A 103 -1.15 -24.88 33.94
C ARG A 103 -1.50 -25.87 32.84
N ILE A 104 -2.76 -26.24 32.79
CA ILE A 104 -3.25 -27.23 31.81
C ILE A 104 -4.38 -26.59 31.01
N GLY A 105 -4.16 -26.43 29.72
CA GLY A 105 -5.15 -25.78 28.84
C GLY A 105 -5.57 -26.60 27.65
N VAL A 106 -6.15 -25.92 26.62
CA VAL A 106 -6.84 -26.60 25.57
C VAL A 106 -6.64 -25.75 24.32
N ALA A 107 -6.26 -26.42 23.27
CA ALA A 107 -6.19 -25.79 21.90
C ALA A 107 -6.89 -26.75 20.90
N ILE A 108 -8.19 -26.56 20.71
CA ILE A 108 -8.96 -27.46 19.88
C ILE A 108 -9.90 -26.66 19.01
N GLY A 109 -9.93 -26.99 17.73
CA GLY A 109 -10.86 -26.34 16.82
C GLY A 109 -11.60 -27.23 15.86
N SER A 110 -12.27 -26.58 14.87
CA SER A 110 -13.02 -27.25 13.87
C SER A 110 -12.95 -26.29 12.66
N GLY A 111 -13.08 -26.84 11.47
CA GLY A 111 -13.02 -26.02 10.24
C GLY A 111 -14.34 -25.31 9.99
N ILE A 112 -15.44 -26.00 10.22
CA ILE A 112 -16.79 -25.50 9.92
C ILE A 112 -17.73 -25.46 11.11
N GLY A 113 -17.51 -26.30 12.12
CA GLY A 113 -18.42 -26.24 13.23
C GLY A 113 -19.74 -26.90 13.02
N GLY A 114 -20.75 -26.38 13.71
CA GLY A 114 -21.97 -27.14 13.93
C GLY A 114 -23.03 -26.94 12.85
N LEU A 115 -22.73 -27.40 11.65
CA LEU A 115 -23.61 -27.22 10.50
C LEU A 115 -25.02 -27.79 10.73
N GLU A 116 -25.10 -28.99 11.31
CA GLU A 116 -26.40 -29.60 11.54
C GLU A 116 -27.30 -28.70 12.40
N LEU A 117 -26.77 -28.21 13.51
CA LEU A 117 -27.60 -27.34 14.38
C LEU A 117 -27.82 -25.93 13.80
N ILE A 118 -26.93 -25.49 12.94
CA ILE A 118 -27.16 -24.25 12.22
C ILE A 118 -28.34 -24.44 11.26
N GLU A 119 -28.31 -25.54 10.50
CA GLU A 119 -29.42 -25.90 9.64
C GLU A 119 -30.73 -25.96 10.42
N THR A 120 -30.70 -26.64 11.57
CA THR A 120 -31.87 -26.81 12.37
C THR A 120 -32.37 -25.44 12.90
N GLY A 121 -31.44 -24.57 13.27
CA GLY A 121 -31.81 -23.24 13.79
C GLY A 121 -32.42 -22.37 12.69
N HIS A 122 -31.84 -22.42 11.51
CA HIS A 122 -32.38 -21.62 10.41
C HIS A 122 -33.77 -22.11 10.00
N GLN A 123 -33.96 -23.43 9.93
CA GLN A 123 -35.27 -24.01 9.68
C GLN A 123 -36.30 -23.50 10.69
N ALA A 124 -35.94 -23.50 11.97
CA ALA A 124 -36.85 -23.02 13.03
C ALA A 124 -37.21 -21.55 12.84
N LEU A 125 -36.20 -20.75 12.52
CA LEU A 125 -36.39 -19.35 12.24
C LEU A 125 -37.40 -19.13 11.12
N ILE A 126 -37.22 -19.85 10.03
CA ILE A 126 -38.03 -19.64 8.83
C ILE A 126 -39.42 -20.21 9.02
N GLU A 127 -39.53 -21.35 9.69
CA GLU A 127 -40.83 -22.01 9.92
C GLU A 127 -41.66 -21.32 10.97
N LYS A 128 -41.06 -21.09 12.12
CA LYS A 128 -41.79 -20.61 13.30
C LYS A 128 -41.25 -19.30 13.90
N GLY A 129 -40.25 -18.67 13.31
CA GLY A 129 -39.79 -17.38 13.78
C GLY A 129 -38.74 -17.42 14.88
N PRO A 130 -38.17 -16.24 15.20
CA PRO A 130 -36.99 -16.14 16.05
C PRO A 130 -37.18 -16.72 17.44
N ARG A 131 -38.41 -16.69 17.95
CA ARG A 131 -38.65 -17.18 19.29
C ARG A 131 -38.51 -18.70 19.41
N LYS A 132 -38.57 -19.41 18.29
CA LYS A 132 -38.38 -20.86 18.31
C LYS A 132 -36.93 -21.33 18.08
N VAL A 133 -35.99 -20.41 17.88
CA VAL A 133 -34.58 -20.80 17.80
C VAL A 133 -34.10 -21.24 19.17
N SER A 134 -33.32 -22.31 19.24
CA SER A 134 -32.81 -22.80 20.51
C SER A 134 -32.04 -21.72 21.28
N PRO A 135 -32.27 -21.64 22.60
CA PRO A 135 -31.47 -20.77 23.45
C PRO A 135 -29.99 -21.10 23.41
N PHE A 136 -29.65 -22.34 23.05
CA PHE A 136 -28.24 -22.76 22.93
C PHE A 136 -27.69 -22.68 21.52
N PHE A 137 -28.39 -22.00 20.64
CA PHE A 137 -27.91 -21.92 19.28
C PHE A 137 -26.41 -21.61 19.14
N VAL A 138 -25.97 -20.50 19.74
CA VAL A 138 -24.60 -20.03 19.56
C VAL A 138 -23.57 -20.96 20.20
N PRO A 139 -23.73 -21.29 21.49
CA PRO A 139 -22.76 -22.20 22.10
C PRO A 139 -22.73 -23.59 21.47
N SER A 140 -23.81 -23.99 20.83
CA SER A 140 -23.90 -25.33 20.28
C SER A 140 -23.24 -25.43 18.94
N THR A 141 -22.98 -24.28 18.32
CA THR A 141 -22.52 -24.30 16.93
C THR A 141 -21.14 -23.73 16.66
N ILE A 142 -20.66 -22.78 17.45
CA ILE A 142 -19.45 -22.06 17.10
C ILE A 142 -18.22 -22.91 17.40
N VAL A 143 -17.13 -22.62 16.71
CA VAL A 143 -16.04 -23.59 16.59
C VAL A 143 -15.17 -23.71 17.83
N ASN A 144 -15.26 -22.75 18.76
CA ASN A 144 -14.38 -22.76 19.91
C ASN A 144 -14.99 -23.58 21.04
N MET A 145 -16.18 -24.09 20.83
CA MET A 145 -16.91 -24.72 21.95
C MET A 145 -16.52 -26.17 22.26
N ILE A 146 -15.63 -26.78 21.48
CA ILE A 146 -15.00 -28.04 21.94
C ILE A 146 -14.03 -27.71 23.05
N ALA A 147 -13.16 -26.75 22.80
CA ALA A 147 -12.23 -26.26 23.82
C ALA A 147 -12.98 -25.78 25.08
N GLY A 148 -14.05 -25.00 24.87
CA GLY A 148 -14.85 -24.45 25.94
C GLY A 148 -15.45 -25.57 26.80
N ASN A 149 -16.20 -26.46 26.16
CA ASN A 149 -16.85 -27.56 26.90
C ASN A 149 -15.87 -28.53 27.58
N LEU A 150 -14.78 -28.89 26.90
CA LEU A 150 -13.80 -29.77 27.51
C LEU A 150 -13.16 -29.10 28.73
N SER A 151 -12.82 -27.82 28.59
CA SER A 151 -12.24 -27.07 29.71
C SER A 151 -13.15 -27.13 30.95
N ILE A 152 -14.43 -26.88 30.71
CA ILE A 152 -15.43 -26.84 31.77
C ILE A 152 -15.61 -28.22 32.38
N MET A 153 -15.74 -29.23 31.52
CA MET A 153 -15.95 -30.61 32.00
C MET A 153 -14.79 -31.15 32.85
N ARG A 154 -13.56 -30.78 32.49
N ARG A 154 -13.56 -30.78 32.49
CA ARG A 154 -12.36 -31.35 33.12
CA ARG A 154 -12.36 -31.35 33.11
C ARG A 154 -11.56 -30.40 34.00
C ARG A 154 -11.55 -30.39 33.99
N GLY A 155 -12.05 -29.18 34.21
CA GLY A 155 -11.41 -28.23 35.12
C GLY A 155 -10.10 -27.66 34.63
N LEU A 156 -10.02 -27.40 33.32
CA LEU A 156 -8.74 -26.99 32.71
C LEU A 156 -8.73 -25.49 32.59
N ARG A 157 -7.83 -24.85 33.31
CA ARG A 157 -7.87 -23.42 33.45
C ARG A 157 -6.71 -22.72 32.76
N GLY A 158 -5.92 -23.48 32.01
CA GLY A 158 -4.77 -22.96 31.33
C GLY A 158 -5.28 -22.25 30.04
N PRO A 159 -4.37 -21.82 29.22
CA PRO A 159 -4.78 -21.15 27.96
C PRO A 159 -5.87 -21.94 27.22
N ASN A 160 -6.89 -21.23 26.71
CA ASN A 160 -8.05 -21.85 26.11
C ASN A 160 -8.22 -21.24 24.72
N ILE A 161 -7.85 -21.98 23.70
CA ILE A 161 -7.89 -21.42 22.30
C ILE A 161 -8.45 -22.42 21.35
N ALA A 162 -8.83 -21.91 20.15
CA ALA A 162 -9.34 -22.76 19.13
C ALA A 162 -8.88 -22.11 17.84
N ILE A 163 -7.98 -22.79 17.15
CA ILE A 163 -7.58 -22.34 15.81
C ILE A 163 -8.55 -22.97 14.84
N SER A 164 -8.98 -22.19 13.82
CA SER A 164 -9.88 -22.71 12.82
C SER A 164 -9.36 -22.29 11.47
N THR A 165 -8.64 -23.19 10.82
CA THR A 165 -7.88 -22.93 9.57
C THR A 165 -8.22 -24.02 8.56
N ALA A 166 -9.52 -24.24 8.38
CA ALA A 166 -10.04 -25.23 7.42
C ALA A 166 -9.36 -26.57 7.61
N CYS A 167 -8.76 -27.14 6.57
CA CYS A 167 -8.05 -28.42 6.60
C CYS A 167 -6.81 -28.51 7.50
N THR A 168 -6.26 -27.38 7.92
CA THR A 168 -5.03 -27.33 8.66
C THR A 168 -5.30 -27.26 10.19
N THR A 169 -6.59 -27.16 10.55
CA THR A 169 -7.04 -26.87 11.88
C THR A 169 -6.38 -27.77 12.94
N GLY A 170 -6.46 -29.06 12.74
CA GLY A 170 -5.99 -29.99 13.80
C GLY A 170 -4.49 -29.87 13.98
N LEU A 171 -3.77 -29.57 12.90
CA LEU A 171 -2.34 -29.49 12.91
C LEU A 171 -1.91 -28.20 13.62
N HIS A 172 -2.47 -27.08 13.17
CA HIS A 172 -2.21 -25.81 13.84
C HIS A 172 -2.45 -25.85 15.36
N ASN A 173 -3.58 -26.39 15.79
CA ASN A 173 -3.87 -26.44 17.22
C ASN A 173 -2.75 -27.18 17.96
N ILE A 174 -2.31 -28.31 17.41
CA ILE A 174 -1.21 -29.07 18.04
C ILE A 174 0.06 -28.24 18.04
N GLY A 175 0.36 -27.60 16.93
CA GLY A 175 1.58 -26.85 16.88
C GLY A 175 1.60 -25.73 17.88
N HIS A 176 0.49 -24.99 17.95
CA HIS A 176 0.46 -23.82 18.83
C HIS A 176 0.37 -24.23 20.30
N ALA A 177 -0.26 -25.34 20.52
CA ALA A 177 -0.24 -25.91 21.87
C ALA A 177 1.21 -26.18 22.27
N ALA A 178 2.01 -26.77 21.39
CA ALA A 178 3.45 -26.98 21.66
C ALA A 178 4.19 -25.68 21.91
N ARG A 179 3.93 -24.68 21.05
CA ARG A 179 4.50 -23.37 21.26
CA ARG A 179 4.50 -23.36 21.26
C ARG A 179 4.20 -22.76 22.65
N MET A 180 2.96 -22.90 23.11
CA MET A 180 2.52 -22.26 24.33
C MET A 180 3.18 -22.97 25.53
N ILE A 181 3.37 -24.28 25.39
CA ILE A 181 4.09 -25.04 26.47
C ILE A 181 5.55 -24.65 26.47
N ALA A 182 6.19 -24.66 25.29
CA ALA A 182 7.54 -24.18 25.15
C ALA A 182 7.75 -22.76 25.75
N TYR A 183 6.76 -21.90 25.56
CA TYR A 183 6.88 -20.50 25.98
C TYR A 183 6.72 -20.29 27.48
N GLY A 184 6.06 -21.24 28.14
CA GLY A 184 5.81 -21.18 29.56
C GLY A 184 4.39 -20.89 29.99
N ASP A 185 3.46 -20.74 29.04
CA ASP A 185 2.06 -20.45 29.37
C ASP A 185 1.35 -21.64 30.01
N ALA A 186 1.86 -22.84 29.78
CA ALA A 186 1.23 -24.05 30.24
C ALA A 186 2.27 -25.15 30.38
N ASP A 187 1.99 -26.12 31.24
CA ASP A 187 2.84 -27.31 31.35
C ASP A 187 2.27 -28.48 30.58
N ALA A 188 0.97 -28.45 30.34
CA ALA A 188 0.30 -29.43 29.46
C ALA A 188 -0.83 -28.77 28.68
N MET A 189 -1.15 -29.37 27.53
CA MET A 189 -2.25 -28.87 26.67
C MET A 189 -2.95 -30.06 26.03
N VAL A 190 -4.26 -29.98 25.96
CA VAL A 190 -5.08 -30.89 25.17
C VAL A 190 -5.42 -30.22 23.83
N ALA A 191 -4.95 -30.82 22.76
CA ALA A 191 -4.96 -30.12 21.42
C ALA A 191 -5.34 -30.99 20.24
N GLY A 192 -5.96 -30.36 19.22
CA GLY A 192 -6.35 -31.10 18.06
C GLY A 192 -7.54 -30.45 17.36
N GLY A 193 -8.36 -31.29 16.74
CA GLY A 193 -9.55 -30.84 16.05
C GLY A 193 -10.62 -31.86 15.88
N ALA A 194 -11.81 -31.40 15.52
CA ALA A 194 -12.96 -32.24 15.28
C ALA A 194 -13.84 -31.67 14.17
N GLU A 195 -14.55 -32.54 13.48
CA GLU A 195 -15.46 -32.12 12.40
C GLU A 195 -16.59 -33.11 12.25
N LYS A 196 -17.79 -32.59 11.98
CA LYS A 196 -18.90 -33.41 11.51
C LYS A 196 -19.68 -32.61 10.46
N ALA A 197 -19.07 -32.49 9.31
CA ALA A 197 -19.65 -31.74 8.21
C ALA A 197 -20.45 -32.61 7.22
N SER A 198 -20.66 -33.88 7.49
CA SER A 198 -21.41 -34.75 6.56
C SER A 198 -22.91 -34.54 6.70
N THR A 199 -23.37 -33.32 6.44
CA THR A 199 -24.74 -32.92 6.67
C THR A 199 -25.25 -32.50 5.29
N PRO A 200 -26.57 -32.35 5.15
CA PRO A 200 -27.08 -31.86 3.86
C PRO A 200 -26.40 -30.61 3.36
N LEU A 201 -26.33 -29.56 4.17
CA LEU A 201 -25.67 -28.34 3.71
C LEU A 201 -24.17 -28.48 3.48
N GLY A 202 -23.51 -29.26 4.31
CA GLY A 202 -22.10 -29.54 4.10
C GLY A 202 -21.81 -30.25 2.79
N MET A 203 -22.57 -31.32 2.52
CA MET A 203 -22.36 -32.11 1.31
C MET A 203 -22.72 -31.24 0.10
N ALA A 204 -23.77 -30.44 0.26
CA ALA A 204 -24.19 -29.53 -0.83
C ALA A 204 -23.17 -28.46 -1.12
N GLY A 205 -22.62 -27.83 -0.07
CA GLY A 205 -21.62 -26.78 -0.24
C GLY A 205 -20.32 -27.26 -0.89
N PHE A 206 -19.77 -28.38 -0.43
CA PHE A 206 -18.58 -28.91 -1.08
C PHE A 206 -18.88 -29.45 -2.47
N GLY A 207 -20.08 -29.99 -2.63
CA GLY A 207 -20.52 -30.46 -3.94
C GLY A 207 -20.60 -29.31 -4.95
N ALA A 208 -21.13 -28.18 -4.51
CA ALA A 208 -21.34 -27.04 -5.41
C ALA A 208 -20.00 -26.48 -5.89
N ALA A 209 -18.97 -26.64 -5.06
CA ALA A 209 -17.62 -26.29 -5.44
C ALA A 209 -16.93 -27.32 -6.33
N LYS A 210 -17.60 -28.43 -6.60
CA LYS A 210 -17.04 -29.54 -7.39
C LYS A 210 -15.77 -30.07 -6.77
N ALA A 211 -15.72 -30.06 -5.43
CA ALA A 211 -14.52 -30.45 -4.73
C ALA A 211 -14.49 -31.93 -4.36
N LEU A 212 -15.64 -32.58 -4.41
CA LEU A 212 -15.74 -33.96 -3.97
C LEU A 212 -15.71 -34.93 -5.14
N SER A 213 -15.11 -36.10 -4.90
CA SER A 213 -15.31 -37.24 -5.79
C SER A 213 -16.81 -37.53 -5.92
N THR A 214 -17.23 -37.87 -7.14
CA THR A 214 -18.60 -38.30 -7.40
C THR A 214 -18.66 -39.77 -7.80
N ARG A 215 -17.70 -40.58 -7.33
CA ARG A 215 -17.64 -42.01 -7.65
C ARG A 215 -18.60 -42.78 -6.76
N ASN A 216 -19.89 -42.53 -6.94
CA ASN A 216 -20.93 -43.09 -6.11
C ASN A 216 -21.09 -44.61 -6.23
N ASP A 217 -20.67 -45.16 -7.35
N ASP A 217 -20.68 -45.16 -7.37
CA ASP A 217 -20.78 -46.59 -7.60
CA ASP A 217 -20.81 -46.61 -7.59
C ASP A 217 -19.81 -47.43 -6.76
C ASP A 217 -19.81 -47.43 -6.76
N GLU A 218 -18.64 -46.84 -6.45
CA GLU A 218 -17.59 -47.53 -5.68
C GLU A 218 -16.98 -46.56 -4.64
N PRO A 219 -17.73 -46.27 -3.58
CA PRO A 219 -17.26 -45.32 -2.56
C PRO A 219 -15.88 -45.62 -2.00
N GLN A 220 -15.53 -46.90 -1.82
CA GLN A 220 -14.24 -47.24 -1.21
C GLN A 220 -13.07 -47.06 -2.16
N LYS A 221 -13.34 -46.87 -3.45
CA LYS A 221 -12.28 -46.59 -4.42
C LYS A 221 -12.20 -45.12 -4.81
N ALA A 222 -13.12 -44.30 -4.26
CA ALA A 222 -13.20 -42.89 -4.62
C ALA A 222 -11.97 -42.09 -4.22
N SER A 223 -11.44 -42.35 -3.01
CA SER A 223 -10.27 -41.60 -2.51
C SER A 223 -8.98 -42.25 -2.98
N ARG A 224 -8.31 -41.62 -3.94
CA ARG A 224 -7.17 -42.28 -4.61
C ARG A 224 -6.05 -41.30 -4.90
N PRO A 225 -5.37 -40.82 -3.85
CA PRO A 225 -4.38 -39.78 -3.98
C PRO A 225 -3.26 -40.11 -4.98
N TRP A 226 -2.99 -39.18 -5.89
CA TRP A 226 -1.94 -39.33 -6.90
C TRP A 226 -2.29 -40.31 -8.03
N ASP A 227 -3.44 -40.97 -7.95
CA ASP A 227 -3.87 -41.86 -9.01
C ASP A 227 -4.42 -41.02 -10.19
N LYS A 228 -4.10 -41.45 -11.41
CA LYS A 228 -4.53 -40.71 -12.63
C LYS A 228 -6.03 -40.47 -12.72
N ASP A 229 -6.85 -41.32 -12.11
CA ASP A 229 -8.32 -41.20 -12.20
C ASP A 229 -9.01 -40.55 -10.98
N ARG A 230 -8.23 -39.90 -10.13
CA ARG A 230 -8.78 -39.15 -9.00
C ARG A 230 -9.67 -38.02 -9.47
N ASP A 231 -10.72 -37.75 -8.70
CA ASP A 231 -11.72 -36.75 -9.11
C ASP A 231 -12.27 -35.92 -7.95
N GLY A 232 -11.42 -35.67 -6.94
CA GLY A 232 -11.76 -34.80 -5.81
C GLY A 232 -11.73 -35.57 -4.49
N PHE A 233 -11.84 -34.86 -3.38
CA PHE A 233 -11.71 -35.56 -2.07
C PHE A 233 -12.98 -36.20 -1.61
N VAL A 234 -12.85 -37.03 -0.57
CA VAL A 234 -13.95 -37.69 0.03
C VAL A 234 -14.04 -37.13 1.44
N LEU A 235 -15.21 -36.62 1.80
CA LEU A 235 -15.40 -35.95 3.07
C LEU A 235 -15.54 -37.01 4.16
N GLY A 236 -14.90 -36.78 5.28
CA GLY A 236 -15.08 -37.65 6.45
C GLY A 236 -15.22 -36.87 7.73
N ASP A 237 -15.72 -37.53 8.79
CA ASP A 237 -15.97 -36.94 10.08
C ASP A 237 -15.06 -37.62 11.11
N GLY A 238 -14.84 -36.92 12.20
CA GLY A 238 -13.98 -37.44 13.27
C GLY A 238 -13.42 -36.40 14.19
N ALA A 239 -12.45 -36.86 15.00
CA ALA A 239 -11.76 -36.04 15.96
C ALA A 239 -10.44 -36.70 16.27
N GLY A 240 -9.41 -35.88 16.36
CA GLY A 240 -8.09 -36.33 16.77
C GLY A 240 -7.54 -35.36 17.79
N ILE A 241 -7.13 -35.88 18.95
CA ILE A 241 -6.63 -35.05 20.04
C ILE A 241 -5.34 -35.67 20.61
N MET A 242 -4.38 -34.81 20.92
CA MET A 242 -3.16 -35.17 21.64
C MET A 242 -3.13 -34.42 22.95
N VAL A 243 -2.64 -35.08 24.00
CA VAL A 243 -2.18 -34.37 25.17
C VAL A 243 -0.69 -34.11 24.99
N LEU A 244 -0.31 -32.83 25.04
CA LEU A 244 1.08 -32.43 24.96
C LEU A 244 1.53 -31.99 26.36
N GLU A 245 2.80 -32.15 26.63
CA GLU A 245 3.34 -31.90 27.97
C GLU A 245 4.80 -31.49 27.94
N GLU A 246 5.21 -30.60 28.84
CA GLU A 246 6.61 -30.25 28.96
C GLU A 246 7.41 -31.52 29.36
N TYR A 247 8.58 -31.69 28.75
CA TYR A 247 9.33 -32.95 28.83
C TYR A 247 9.73 -33.30 30.25
N GLU A 248 10.34 -32.32 30.94
CA GLU A 248 10.82 -32.52 32.31
C GLU A 248 9.65 -32.82 33.21
N HIS A 249 8.50 -32.19 33.02
CA HIS A 249 7.28 -32.50 33.79
C HIS A 249 6.88 -33.97 33.50
N ALA A 250 6.88 -34.34 32.23
CA ALA A 250 6.55 -35.71 31.82
C ALA A 250 7.62 -36.73 32.33
N LYS A 251 8.89 -36.44 32.08
CA LYS A 251 10.02 -37.24 32.59
C LYS A 251 9.95 -37.37 34.11
N ALA A 252 9.75 -36.24 34.79
CA ALA A 252 9.73 -36.20 36.28
C ALA A 252 8.64 -37.11 36.88
N ARG A 253 7.51 -37.27 36.20
CA ARG A 253 6.44 -38.13 36.68
C ARG A 253 6.47 -39.52 36.05
N GLY A 254 7.54 -39.85 35.32
CA GLY A 254 7.70 -41.19 34.76
C GLY A 254 6.70 -41.52 33.66
N ALA A 255 6.32 -40.49 32.89
CA ALA A 255 5.26 -40.63 31.89
C ALA A 255 5.69 -41.54 30.75
N LYS A 256 4.73 -42.29 30.21
CA LYS A 256 4.89 -42.94 28.91
C LYS A 256 4.83 -41.80 27.87
N ILE A 257 5.81 -41.78 27.00
CA ILE A 257 6.01 -40.68 26.08
C ILE A 257 6.01 -41.32 24.72
N TYR A 258 5.14 -40.86 23.82
CA TYR A 258 5.03 -41.46 22.50
C TYR A 258 6.06 -40.90 21.52
N ALA A 259 6.36 -39.62 21.67
CA ALA A 259 7.16 -38.88 20.71
C ALA A 259 7.38 -37.45 21.21
N GLU A 260 8.32 -36.77 20.58
CA GLU A 260 8.61 -35.40 20.91
C GLU A 260 8.18 -34.52 19.73
N VAL A 261 7.58 -33.37 20.05
CA VAL A 261 7.24 -32.40 19.01
C VAL A 261 8.49 -31.56 18.86
N VAL A 262 9.18 -31.69 17.73
CA VAL A 262 10.44 -30.97 17.55
C VAL A 262 10.41 -29.85 16.52
N GLY A 263 9.45 -29.89 15.59
CA GLY A 263 9.36 -28.86 14.53
C GLY A 263 7.91 -28.53 14.17
N PHE A 264 7.66 -27.25 13.96
CA PHE A 264 6.36 -26.73 13.55
C PHE A 264 6.62 -25.57 12.62
N GLY A 265 6.06 -25.66 11.41
CA GLY A 265 6.27 -24.63 10.40
C GLY A 265 4.95 -24.24 9.76
N MET A 266 4.87 -22.97 9.29
CA MET A 266 3.64 -22.47 8.75
C MET A 266 3.98 -21.60 7.56
N SER A 267 3.03 -21.53 6.68
CA SER A 267 3.17 -20.65 5.47
C SER A 267 1.81 -20.45 4.84
N GLY A 268 1.78 -19.60 3.80
CA GLY A 268 0.58 -19.40 3.07
C GLY A 268 0.96 -19.42 1.57
N ASP A 269 0.20 -20.16 0.78
CA ASP A 269 0.44 -20.24 -0.68
C ASP A 269 0.33 -18.90 -1.35
N ALA A 270 -0.67 -18.13 -0.93
CA ALA A 270 -0.93 -16.79 -1.48
C ALA A 270 -1.16 -16.88 -2.97
N TYR A 271 -1.88 -17.90 -3.39
CA TYR A 271 -2.07 -18.20 -4.80
C TYR A 271 -3.52 -18.18 -5.22
N HIS A 272 -4.37 -18.93 -4.55
CA HIS A 272 -5.75 -19.09 -4.96
C HIS A 272 -6.60 -19.66 -3.81
N MET A 273 -7.87 -19.27 -3.83
CA MET A 273 -8.89 -19.60 -2.83
C MET A 273 -8.99 -21.09 -2.50
N THR A 274 -8.85 -21.93 -3.53
CA THR A 274 -8.99 -23.40 -3.42
C THR A 274 -7.89 -24.23 -4.11
N SER A 275 -7.19 -23.66 -5.10
CA SER A 275 -6.13 -24.35 -5.82
C SER A 275 -4.79 -24.06 -5.16
N PRO A 276 -3.89 -25.05 -5.11
CA PRO A 276 -2.59 -24.79 -4.49
C PRO A 276 -1.60 -24.25 -5.51
N SER A 277 -0.49 -23.69 -5.04
CA SER A 277 0.54 -23.18 -5.96
C SER A 277 0.92 -24.31 -6.89
N GLU A 278 0.94 -24.02 -8.19
CA GLU A 278 1.35 -25.02 -9.19
C GLU A 278 2.73 -25.61 -8.86
N ASP A 279 3.65 -24.79 -8.38
CA ASP A 279 5.02 -25.25 -8.10
C ASP A 279 5.20 -25.90 -6.72
N GLY A 280 4.14 -25.96 -5.91
CA GLY A 280 4.22 -26.55 -4.57
C GLY A 280 5.07 -25.78 -3.58
N SER A 281 5.43 -24.53 -3.90
CA SER A 281 6.33 -23.75 -3.07
C SER A 281 5.78 -23.38 -1.70
N GLY A 282 4.47 -23.17 -1.59
CA GLY A 282 3.86 -22.87 -0.30
C GLY A 282 4.03 -23.98 0.72
N GLY A 283 3.69 -25.19 0.31
CA GLY A 283 3.92 -26.37 1.16
C GLY A 283 5.38 -26.54 1.53
N ALA A 284 6.26 -26.22 0.59
CA ALA A 284 7.71 -26.31 0.82
C ALA A 284 8.14 -25.36 1.90
N LEU A 285 7.62 -24.13 1.87
CA LEU A 285 7.95 -23.14 2.90
C LEU A 285 7.63 -23.66 4.29
N ALA A 286 6.44 -24.24 4.45
CA ALA A 286 6.02 -24.76 5.75
C ALA A 286 6.90 -25.89 6.20
N MET A 287 7.17 -26.83 5.29
CA MET A 287 8.10 -27.93 5.57
C MET A 287 9.50 -27.43 5.92
N GLU A 288 10.01 -26.49 5.13
CA GLU A 288 11.32 -25.91 5.40
C GLU A 288 11.40 -25.24 6.77
N ALA A 289 10.34 -24.50 7.15
CA ALA A 289 10.29 -23.82 8.44
C ALA A 289 10.30 -24.85 9.56
N ALA A 290 9.58 -25.94 9.35
CA ALA A 290 9.48 -26.99 10.41
C ALA A 290 10.84 -27.69 10.57
N MET A 291 11.51 -27.92 9.45
CA MET A 291 12.84 -28.55 9.47
C MET A 291 13.87 -27.65 10.17
N ARG A 292 13.87 -26.35 9.87
CA ARG A 292 14.73 -25.41 10.59
C ARG A 292 14.42 -25.42 12.07
N ASP A 293 13.14 -25.40 12.40
CA ASP A 293 12.70 -25.41 13.80
C ASP A 293 13.24 -26.64 14.53
N ALA A 294 13.21 -27.79 13.87
CA ALA A 294 13.67 -29.04 14.47
C ALA A 294 15.17 -29.23 14.34
N GLY A 295 15.80 -28.43 13.48
CA GLY A 295 17.23 -28.56 13.19
C GLY A 295 17.57 -29.88 12.51
N VAL A 296 16.72 -30.31 11.59
CA VAL A 296 16.97 -31.54 10.81
C VAL A 296 17.09 -31.28 9.32
N THR A 297 17.69 -32.24 8.62
CA THR A 297 17.81 -32.20 7.17
C THR A 297 16.91 -33.26 6.54
N GLY A 298 16.72 -33.16 5.24
CA GLY A 298 15.86 -34.09 4.51
C GLY A 298 16.13 -35.55 4.81
N GLU A 299 17.41 -35.91 4.87
CA GLU A 299 17.81 -37.32 5.05
C GLU A 299 17.33 -37.91 6.37
N GLN A 300 17.06 -37.05 7.35
CA GLN A 300 16.63 -37.52 8.67
C GLN A 300 15.14 -37.79 8.76
N ILE A 301 14.37 -37.28 7.79
CA ILE A 301 12.92 -37.51 7.77
C ILE A 301 12.58 -38.82 7.06
N GLY A 302 12.16 -39.83 7.81
CA GLY A 302 11.85 -41.12 7.21
C GLY A 302 10.49 -41.24 6.52
N TYR A 303 9.53 -40.43 6.96
CA TYR A 303 8.14 -40.58 6.54
C TYR A 303 7.45 -39.25 6.55
N VAL A 304 6.70 -38.97 5.48
CA VAL A 304 5.81 -37.80 5.43
C VAL A 304 4.39 -38.30 5.24
N ASN A 305 3.53 -38.00 6.21
CA ASN A 305 2.11 -38.27 6.07
C ASN A 305 1.57 -37.05 5.37
N ALA A 306 1.26 -37.25 4.12
CA ALA A 306 1.01 -36.15 3.22
C ALA A 306 -0.40 -35.62 3.42
N HIS A 307 -0.63 -34.41 2.93
CA HIS A 307 -1.99 -33.90 2.88
C HIS A 307 -2.81 -34.73 1.90
N GLY A 308 -2.26 -34.96 0.70
CA GLY A 308 -2.84 -35.86 -0.33
C GLY A 308 -4.32 -36.16 -0.29
N THR A 309 -5.12 -35.20 -0.73
CA THR A 309 -6.57 -35.30 -0.59
C THR A 309 -7.30 -36.00 -1.74
N SER A 310 -6.59 -36.28 -2.84
CA SER A 310 -7.15 -36.92 -4.04
C SER A 310 -7.76 -35.90 -4.99
N THR A 311 -7.16 -34.72 -5.06
CA THR A 311 -7.64 -33.70 -6.02
C THR A 311 -6.66 -33.67 -7.17
N PRO A 312 -7.15 -33.41 -8.39
CA PRO A 312 -6.20 -33.26 -9.53
C PRO A 312 -5.02 -32.34 -9.27
N ALA A 313 -5.27 -31.09 -8.91
CA ALA A 313 -4.20 -30.11 -8.78
C ALA A 313 -3.37 -30.27 -7.48
N GLY A 314 -4.06 -30.58 -6.38
CA GLY A 314 -3.40 -30.65 -5.07
C GLY A 314 -2.32 -31.69 -4.89
N ASP A 315 -2.59 -32.90 -5.36
CA ASP A 315 -1.72 -34.04 -5.06
C ASP A 315 -0.34 -33.87 -5.70
N VAL A 316 -0.32 -33.40 -6.96
CA VAL A 316 0.92 -33.20 -7.67
C VAL A 316 1.77 -32.12 -7.03
N ALA A 317 1.16 -30.98 -6.76
CA ALA A 317 1.86 -29.84 -6.19
C ALA A 317 2.56 -30.21 -4.87
N GLU A 318 1.89 -30.98 -4.04
CA GLU A 318 2.48 -31.36 -2.74
C GLU A 318 3.75 -32.16 -2.92
N VAL A 319 3.77 -33.09 -3.88
CA VAL A 319 5.02 -33.83 -4.15
C VAL A 319 6.17 -32.92 -4.58
N LYS A 320 5.89 -31.96 -5.46
CA LYS A 320 6.93 -31.03 -5.81
C LYS A 320 7.47 -30.34 -4.57
N GLY A 321 6.57 -29.93 -3.67
CA GLY A 321 6.99 -29.25 -2.47
C GLY A 321 7.79 -30.13 -1.51
N ILE A 322 7.40 -31.38 -1.38
CA ILE A 322 8.17 -32.31 -0.57
C ILE A 322 9.60 -32.50 -1.11
N LYS A 323 9.72 -32.64 -2.43
CA LYS A 323 11.01 -32.81 -3.07
C LYS A 323 11.92 -31.60 -2.86
N ARG A 324 11.34 -30.40 -2.97
CA ARG A 324 12.10 -29.19 -2.68
C ARG A 324 12.56 -29.15 -1.22
N ALA A 325 11.65 -29.38 -0.30
CA ALA A 325 11.97 -29.26 1.12
C ALA A 325 12.99 -30.28 1.53
N LEU A 326 12.83 -31.49 1.03
CA LEU A 326 13.73 -32.57 1.44
C LEU A 326 15.06 -32.62 0.72
N GLY A 327 15.13 -32.09 -0.50
CA GLY A 327 16.36 -32.12 -1.28
C GLY A 327 16.58 -33.49 -1.91
N GLU A 328 17.64 -33.60 -2.71
CA GLU A 328 17.90 -34.83 -3.46
C GLU A 328 18.10 -36.08 -2.58
N ALA A 329 19.02 -35.98 -1.65
CA ALA A 329 19.30 -37.11 -0.76
C ALA A 329 18.08 -37.50 0.06
N GLY A 330 17.39 -36.51 0.64
CA GLY A 330 16.18 -36.78 1.41
C GLY A 330 15.07 -37.42 0.59
N THR A 331 14.86 -36.91 -0.62
CA THR A 331 13.82 -37.44 -1.48
C THR A 331 14.05 -38.93 -1.83
N LYS A 332 15.31 -39.32 -2.01
CA LYS A 332 15.64 -40.71 -2.39
C LYS A 332 15.20 -41.72 -1.33
N GLN A 333 15.27 -41.35 -0.05
CA GLN A 333 15.10 -42.32 1.04
C GLN A 333 13.75 -42.22 1.76
N VAL A 334 13.00 -41.14 1.54
CA VAL A 334 11.78 -40.88 2.31
C VAL A 334 10.65 -41.75 1.79
N LEU A 335 9.74 -42.08 2.68
CA LEU A 335 8.43 -42.58 2.34
C LEU A 335 7.37 -41.49 2.53
N VAL A 336 6.39 -41.49 1.61
CA VAL A 336 5.29 -40.54 1.64
C VAL A 336 4.04 -41.36 1.48
N SER A 337 3.01 -41.08 2.24
CA SER A 337 1.71 -41.69 1.99
C SER A 337 0.59 -40.80 2.44
N SER A 338 -0.59 -41.04 1.87
CA SER A 338 -1.81 -40.38 2.30
C SER A 338 -2.81 -41.36 2.83
N THR A 339 -3.10 -41.26 4.12
CA THR A 339 -4.11 -42.07 4.74
C THR A 339 -5.55 -41.60 4.49
N LYS A 340 -5.69 -40.41 3.88
CA LYS A 340 -7.01 -40.03 3.33
C LYS A 340 -7.50 -41.00 2.27
N SER A 341 -6.60 -41.80 1.70
CA SER A 341 -7.02 -42.93 0.85
C SER A 341 -8.03 -43.84 1.55
N MET A 342 -7.89 -43.95 2.86
CA MET A 342 -8.74 -44.80 3.67
C MET A 342 -9.81 -44.07 4.49
N THR A 343 -9.45 -42.95 5.10
CA THR A 343 -10.34 -42.20 6.01
C THR A 343 -11.18 -41.15 5.35
N GLY A 344 -10.76 -40.75 4.17
CA GLY A 344 -11.28 -39.53 3.59
C GLY A 344 -10.64 -38.34 4.28
N HIS A 345 -11.08 -37.15 3.87
CA HIS A 345 -10.53 -35.92 4.32
C HIS A 345 -11.38 -35.43 5.46
N LEU A 346 -10.82 -35.49 6.67
CA LEU A 346 -11.58 -35.19 7.86
C LEU A 346 -11.61 -33.68 8.20
N LEU A 347 -11.21 -32.83 7.25
CA LEU A 347 -11.34 -31.39 7.43
C LEU A 347 -10.67 -30.90 8.70
N GLY A 348 -11.39 -30.24 9.60
CA GLY A 348 -10.82 -29.75 10.84
C GLY A 348 -10.17 -30.80 11.73
N ALA A 349 -10.52 -32.06 11.54
CA ALA A 349 -9.87 -33.15 12.28
C ALA A 349 -8.75 -33.83 11.50
N ALA A 350 -8.59 -33.50 10.22
CA ALA A 350 -7.58 -34.19 9.41
C ALA A 350 -6.17 -34.09 9.98
N GLY A 351 -5.77 -32.88 10.38
CA GLY A 351 -4.43 -32.54 10.67
C GLY A 351 -4.01 -33.22 11.96
N SER A 352 -4.97 -33.42 12.82
CA SER A 352 -4.66 -34.00 14.18
C SER A 352 -4.76 -35.51 14.16
N VAL A 353 -5.76 -36.06 13.48
CA VAL A 353 -5.80 -37.49 13.19
C VAL A 353 -4.52 -37.90 12.51
N GLU A 354 -4.10 -37.15 11.47
CA GLU A 354 -2.89 -37.51 10.79
C GLU A 354 -1.61 -37.32 11.62
N ALA A 355 -1.62 -36.38 12.54
CA ALA A 355 -0.49 -36.20 13.43
C ALA A 355 -0.38 -37.44 14.35
N ILE A 356 -1.51 -37.92 14.81
CA ILE A 356 -1.51 -39.15 15.61
C ILE A 356 -0.94 -40.34 14.80
N ILE A 357 -1.36 -40.44 13.53
CA ILE A 357 -0.84 -41.49 12.64
C ILE A 357 0.69 -41.37 12.47
N THR A 358 1.20 -40.14 12.35
CA THR A 358 2.62 -39.90 12.18
C THR A 358 3.36 -40.35 13.43
N VAL A 359 2.80 -39.99 14.56
CA VAL A 359 3.40 -40.44 15.84
C VAL A 359 3.44 -41.98 15.86
N MET A 360 2.34 -42.65 15.53
CA MET A 360 2.30 -44.12 15.62
C MET A 360 3.29 -44.77 14.66
N SER A 361 3.53 -44.14 13.51
CA SER A 361 4.54 -44.64 12.60
C SER A 361 5.93 -44.70 13.26
N LEU A 362 6.23 -43.74 14.12
CA LEU A 362 7.49 -43.72 14.86
C LEU A 362 7.47 -44.75 16.01
N VAL A 363 6.35 -44.82 16.70
CA VAL A 363 6.19 -45.73 17.82
C VAL A 363 6.33 -47.19 17.35
N ASP A 364 5.64 -47.55 16.26
CA ASP A 364 5.66 -48.94 15.73
C ASP A 364 6.64 -49.20 14.58
N GLN A 365 7.38 -48.18 14.14
CA GLN A 365 8.30 -48.35 13.01
C GLN A 365 7.61 -49.05 11.82
N MET A 366 6.42 -48.54 11.49
CA MET A 366 5.54 -49.06 10.42
C MET A 366 4.85 -47.86 9.77
N VAL A 367 4.74 -47.88 8.45
CA VAL A 367 4.17 -46.76 7.68
C VAL A 367 2.95 -47.26 6.93
N PRO A 368 1.79 -46.57 7.04
CA PRO A 368 0.61 -47.05 6.41
C PRO A 368 0.60 -46.67 4.90
N PRO A 369 -0.20 -47.40 4.11
CA PRO A 369 -0.19 -47.19 2.66
C PRO A 369 -1.11 -46.11 2.16
N THR A 370 -0.82 -45.67 0.94
CA THR A 370 -1.81 -45.02 0.11
C THR A 370 -2.56 -46.08 -0.67
N ILE A 371 -3.78 -46.38 -0.26
CA ILE A 371 -4.56 -47.37 -1.01
C ILE A 371 -5.09 -46.73 -2.28
N ASN A 372 -5.57 -47.58 -3.20
CA ASN A 372 -6.20 -47.19 -4.47
C ASN A 372 -5.27 -46.56 -5.45
N LEU A 373 -3.97 -46.58 -5.15
CA LEU A 373 -2.98 -45.96 -6.03
C LEU A 373 -2.62 -46.95 -7.18
N ASP A 374 -3.59 -47.18 -8.05
CA ASP A 374 -3.51 -48.20 -9.08
C ASP A 374 -2.63 -47.75 -10.24
N ASN A 375 -2.80 -46.50 -10.65
CA ASN A 375 -2.09 -45.90 -11.79
C ASN A 375 -1.60 -44.52 -11.42
N PRO A 376 -0.41 -44.45 -10.79
CA PRO A 376 0.04 -43.15 -10.34
C PRO A 376 0.36 -42.24 -11.51
N GLU A 377 0.25 -40.94 -11.30
CA GLU A 377 0.74 -39.94 -12.26
C GLU A 377 2.23 -40.17 -12.51
N GLU A 378 2.66 -39.78 -13.70
CA GLU A 378 4.07 -39.84 -14.08
C GLU A 378 4.87 -38.76 -13.37
N GLY A 379 6.14 -39.04 -13.16
CA GLY A 379 7.11 -38.03 -12.77
C GLY A 379 7.07 -37.61 -11.32
N LEU A 380 6.43 -38.41 -10.48
CA LEU A 380 6.31 -38.05 -9.07
C LEU A 380 7.65 -38.23 -8.37
N GLY A 381 8.36 -39.29 -8.68
CA GLY A 381 9.73 -39.46 -8.19
C GLY A 381 9.90 -39.67 -6.69
N VAL A 382 8.82 -40.10 -6.02
CA VAL A 382 8.90 -40.45 -4.60
C VAL A 382 8.13 -41.72 -4.37
N ASP A 383 8.46 -42.39 -3.28
CA ASP A 383 7.84 -43.62 -2.86
C ASP A 383 6.58 -43.28 -2.11
N LEU A 384 5.43 -43.62 -2.69
CA LEU A 384 4.12 -43.25 -2.16
C LEU A 384 3.47 -44.37 -1.38
N VAL A 385 4.27 -45.38 -1.04
CA VAL A 385 3.76 -46.55 -0.27
C VAL A 385 2.41 -47.08 -0.80
N PRO A 386 2.36 -47.44 -2.09
CA PRO A 386 1.08 -47.89 -2.65
C PRO A 386 0.58 -49.19 -2.02
N HIS A 387 -0.72 -49.26 -1.75
CA HIS A 387 -1.48 -50.47 -1.49
C HIS A 387 -1.27 -51.15 -0.12
N VAL A 388 -0.02 -51.32 0.27
CA VAL A 388 0.26 -52.08 1.52
C VAL A 388 1.27 -51.39 2.42
N ALA A 389 1.11 -51.60 3.72
CA ALA A 389 1.99 -51.02 4.73
C ALA A 389 3.46 -51.43 4.56
N ARG A 390 4.35 -50.63 5.14
CA ARG A 390 5.77 -50.81 5.04
C ARG A 390 6.44 -50.85 6.41
N LYS A 391 7.21 -51.90 6.69
CA LYS A 391 8.07 -51.86 7.88
C LYS A 391 9.26 -51.00 7.60
N VAL A 392 9.63 -50.17 8.57
CA VAL A 392 10.83 -49.37 8.52
C VAL A 392 11.75 -49.68 9.69
N GLU A 393 12.97 -49.16 9.60
CA GLU A 393 14.00 -49.43 10.59
C GLU A 393 14.77 -48.16 10.89
N SER A 394 15.02 -47.91 12.17
CA SER A 394 15.73 -46.72 12.62
C SER A 394 15.14 -45.42 12.06
N MET A 395 13.82 -45.32 12.04
CA MET A 395 13.18 -44.06 11.66
C MET A 395 13.08 -43.16 12.90
N GLU A 396 13.83 -42.05 12.88
CA GLU A 396 13.93 -41.19 14.07
C GLU A 396 13.02 -39.97 14.00
N TYR A 397 12.70 -39.52 12.80
CA TYR A 397 11.83 -38.36 12.58
C TYR A 397 10.77 -38.67 11.51
N ALA A 398 9.58 -38.11 11.68
CA ALA A 398 8.49 -38.23 10.71
C ALA A 398 7.72 -36.91 10.70
N MET A 399 7.19 -36.57 9.54
CA MET A 399 6.60 -35.26 9.28
C MET A 399 5.16 -35.47 8.80
N CYS A 400 4.28 -34.53 9.17
CA CYS A 400 2.93 -34.54 8.61
C CYS A 400 2.56 -33.14 8.16
N ASN A 401 1.95 -33.08 6.99
CA ASN A 401 1.52 -31.82 6.36
C ASN A 401 0.01 -31.68 6.25
N SER A 402 -0.50 -30.47 6.47
CA SER A 402 -1.90 -30.15 6.18
C SER A 402 -1.89 -28.81 5.41
N PHE A 403 -2.56 -28.79 4.27
CA PHE A 403 -2.58 -27.61 3.40
C PHE A 403 -4.02 -27.28 3.09
N GLY A 404 -4.57 -26.25 3.73
CA GLY A 404 -5.99 -25.95 3.67
C GLY A 404 -6.42 -24.86 2.71
N PHE A 405 -7.73 -24.71 2.60
CA PHE A 405 -8.33 -23.72 1.71
C PHE A 405 -7.87 -22.32 2.10
N GLY A 406 -7.67 -21.46 1.10
CA GLY A 406 -7.07 -20.17 1.36
C GLY A 406 -5.55 -20.21 1.39
N GLY A 407 -4.98 -21.37 1.11
CA GLY A 407 -3.54 -21.54 1.04
C GLY A 407 -2.83 -21.69 2.38
N THR A 408 -3.57 -22.01 3.44
CA THR A 408 -2.99 -22.09 4.78
C THR A 408 -2.27 -23.44 4.98
N ASN A 409 -0.99 -23.39 5.23
CA ASN A 409 -0.13 -24.58 5.24
C ASN A 409 0.50 -24.74 6.62
N GLY A 410 0.59 -26.00 7.04
CA GLY A 410 1.32 -26.33 8.25
C GLY A 410 2.02 -27.67 8.12
N SER A 411 3.15 -27.80 8.84
CA SER A 411 3.86 -29.07 8.93
C SER A 411 4.30 -29.22 10.37
N LEU A 412 4.22 -30.43 10.84
CA LEU A 412 4.79 -30.82 12.15
C LEU A 412 5.84 -31.89 11.92
N ILE A 413 6.91 -31.84 12.73
CA ILE A 413 7.89 -32.93 12.78
C ILE A 413 7.96 -33.49 14.20
N PHE A 414 7.84 -34.80 14.26
CA PHE A 414 7.91 -35.56 15.51
C PHE A 414 9.17 -36.40 15.51
N LYS A 415 9.73 -36.60 16.71
CA LYS A 415 10.93 -37.37 16.89
C LYS A 415 10.56 -38.57 17.77
N ARG A 416 11.09 -39.73 17.36
CA ARG A 416 10.90 -40.99 18.04
C ARG A 416 11.40 -40.85 19.47
N MET A 417 10.62 -41.45 20.37
CA MET A 417 10.91 -41.49 21.80
C MET A 417 10.64 -42.88 22.34
N LYS B 6 17.88 46.05 -9.28
CA LYS B 6 18.09 44.69 -9.84
C LYS B 6 18.60 43.76 -8.72
N ARG B 7 17.84 42.71 -8.41
CA ARG B 7 18.18 41.82 -7.30
C ARG B 7 19.24 40.81 -7.75
N ARG B 8 20.39 40.80 -7.10
CA ARG B 8 21.47 39.89 -7.46
C ARG B 8 21.27 38.57 -6.76
N VAL B 9 21.70 37.50 -7.43
CA VAL B 9 21.52 36.14 -6.93
C VAL B 9 22.88 35.45 -6.80
N VAL B 10 23.14 34.84 -5.64
CA VAL B 10 24.41 34.19 -5.40
C VAL B 10 24.22 32.76 -4.91
N VAL B 11 25.28 31.97 -5.06
CA VAL B 11 25.31 30.59 -4.64
C VAL B 11 25.90 30.48 -3.22
N THR B 12 25.14 29.92 -2.29
CA THR B 12 25.53 29.90 -0.87
C THR B 12 25.67 28.53 -0.26
N GLY B 13 25.31 27.51 -1.04
CA GLY B 13 25.36 26.15 -0.58
C GLY B 13 25.32 25.24 -1.78
N MET B 14 26.05 24.13 -1.69
CA MET B 14 26.11 23.11 -2.75
C MET B 14 26.11 21.71 -2.18
N GLY B 15 25.54 20.78 -2.91
CA GLY B 15 25.46 19.38 -2.49
C GLY B 15 25.45 18.50 -3.71
N MET B 16 25.99 17.31 -3.59
CA MET B 16 26.18 16.44 -4.74
C MET B 16 26.40 14.98 -4.37
N LEU B 17 25.77 14.12 -5.15
CA LEU B 17 26.10 12.72 -5.24
C LEU B 17 26.42 12.47 -6.69
N SER B 18 27.56 11.86 -6.95
CA SER B 18 27.98 11.56 -8.30
C SER B 18 28.71 10.21 -8.33
N PRO B 19 28.98 9.71 -9.54
CA PRO B 19 29.76 8.50 -9.67
C PRO B 19 31.19 8.62 -9.15
N VAL B 20 31.66 9.84 -8.91
CA VAL B 20 33.03 10.04 -8.42
C VAL B 20 33.09 10.57 -7.00
N GLY B 21 31.97 10.59 -6.29
CA GLY B 21 31.98 11.02 -4.87
C GLY B 21 30.61 11.42 -4.36
N ASN B 22 30.43 11.28 -3.05
CA ASN B 22 29.15 11.58 -2.41
C ASN B 22 29.07 12.92 -1.68
N THR B 23 30.04 13.79 -1.94
CA THR B 23 30.02 15.18 -1.53
C THR B 23 30.62 16.02 -2.66
N VAL B 24 30.45 17.32 -2.58
CA VAL B 24 31.02 18.26 -3.56
C VAL B 24 32.53 18.14 -3.49
N GLU B 25 33.07 18.18 -2.26
CA GLU B 25 34.52 18.18 -2.06
C GLU B 25 35.20 16.94 -2.58
N SER B 26 34.66 15.76 -2.31
CA SER B 26 35.25 14.50 -2.79
C SER B 26 35.10 14.39 -4.32
N SER B 27 33.95 14.76 -4.82
CA SER B 27 33.71 14.73 -6.27
C SER B 27 34.69 15.65 -6.97
N TRP B 28 34.84 16.88 -6.48
CA TRP B 28 35.72 17.90 -7.12
C TRP B 28 37.16 17.43 -7.13
N LYS B 29 37.60 16.83 -6.02
CA LYS B 29 38.94 16.28 -5.96
C LYS B 29 39.16 15.16 -6.98
N ALA B 30 38.17 14.29 -7.16
CA ALA B 30 38.29 13.17 -8.07
C ALA B 30 38.31 13.69 -9.50
N LEU B 31 37.51 14.71 -9.76
CA LEU B 31 37.45 15.30 -11.11
C LEU B 31 38.76 15.96 -11.50
N LEU B 32 39.35 16.73 -10.59
CA LEU B 32 40.65 17.35 -10.83
C LEU B 32 41.77 16.34 -10.97
N ALA B 33 41.59 15.14 -10.43
CA ALA B 33 42.55 14.05 -10.55
C ALA B 33 42.30 13.19 -11.78
N GLY B 34 41.26 13.50 -12.56
CA GLY B 34 40.93 12.71 -13.72
C GLY B 34 40.35 11.33 -13.49
N GLN B 35 39.71 11.11 -12.34
CA GLN B 35 39.21 9.79 -11.99
C GLN B 35 37.84 9.49 -12.61
N SER B 36 37.70 8.32 -13.18
CA SER B 36 36.44 7.84 -13.76
C SER B 36 35.60 7.21 -12.69
N GLY B 37 34.28 7.42 -12.80
CA GLY B 37 33.32 6.78 -11.92
C GLY B 37 32.53 5.67 -12.58
N ILE B 38 32.94 5.24 -13.76
CA ILE B 38 32.18 4.28 -14.54
C ILE B 38 32.58 2.84 -14.17
N VAL B 39 31.55 2.02 -13.91
CA VAL B 39 31.75 0.65 -13.46
C VAL B 39 30.72 -0.27 -14.06
N ASN B 40 31.00 -1.57 -13.98
CA ASN B 40 30.03 -2.56 -14.41
C ASN B 40 28.81 -2.55 -13.52
N ILE B 41 27.65 -2.74 -14.13
CA ILE B 41 26.39 -2.85 -13.41
C ILE B 41 26.32 -4.22 -12.74
N GLU B 42 26.05 -4.21 -11.44
CA GLU B 42 25.97 -5.45 -10.66
C GLU B 42 24.56 -5.75 -10.12
N HIS B 43 23.65 -4.76 -10.16
CA HIS B 43 22.36 -4.86 -9.48
C HIS B 43 21.25 -5.52 -10.28
N PHE B 44 21.47 -5.74 -11.58
CA PHE B 44 20.64 -6.64 -12.33
C PHE B 44 21.46 -7.41 -13.34
N ASP B 45 20.89 -8.47 -13.88
CA ASP B 45 21.56 -9.31 -14.86
C ASP B 45 21.62 -8.63 -16.22
N THR B 46 22.83 -8.30 -16.67
CA THR B 46 23.05 -7.51 -17.90
C THR B 46 23.45 -8.33 -19.12
N THR B 47 23.30 -9.65 -19.01
CA THR B 47 23.73 -10.59 -20.07
C THR B 47 23.17 -10.24 -21.44
N ASN B 48 21.88 -9.95 -21.50
CA ASN B 48 21.23 -9.64 -22.78
C ASN B 48 21.31 -8.17 -23.22
N PHE B 49 21.97 -7.33 -22.42
CA PHE B 49 22.03 -5.88 -22.67
C PHE B 49 23.24 -5.51 -23.50
N SER B 50 23.05 -4.60 -24.46
CA SER B 50 24.15 -4.11 -25.27
C SER B 50 25.19 -3.27 -24.51
N THR B 51 24.78 -2.63 -23.43
CA THR B 51 25.67 -1.83 -22.60
C THR B 51 25.53 -2.37 -21.17
N ARG B 52 26.65 -2.67 -20.54
CA ARG B 52 26.63 -3.35 -19.25
C ARG B 52 27.29 -2.57 -18.12
N PHE B 53 27.55 -1.30 -18.36
CA PHE B 53 28.22 -0.43 -17.40
C PHE B 53 27.54 0.94 -17.33
N ALA B 54 27.83 1.66 -16.25
CA ALA B 54 27.24 2.95 -15.99
C ALA B 54 28.01 3.65 -14.89
N GLY B 55 27.85 4.97 -14.82
CA GLY B 55 28.31 5.79 -13.70
C GLY B 55 27.35 5.59 -12.54
N LEU B 56 27.76 4.78 -11.56
CA LEU B 56 26.93 4.51 -10.40
C LEU B 56 27.42 5.27 -9.17
N VAL B 57 26.47 5.69 -8.34
CA VAL B 57 26.77 6.27 -7.05
C VAL B 57 27.19 5.07 -6.18
N LYS B 58 28.32 5.21 -5.49
CA LYS B 58 28.87 4.14 -4.66
C LYS B 58 28.54 4.32 -3.20
N GLY B 59 28.10 3.24 -2.56
CA GLY B 59 27.89 3.21 -1.13
C GLY B 59 26.90 4.23 -0.61
N PHE B 60 25.83 4.49 -1.37
CA PHE B 60 24.85 5.47 -0.92
C PHE B 60 24.20 5.02 0.38
N ASP B 61 24.24 5.88 1.38
CA ASP B 61 23.56 5.59 2.62
C ASP B 61 22.48 6.63 2.83
N CYS B 62 21.22 6.26 2.54
CA CYS B 62 20.10 7.18 2.66
C CYS B 62 19.93 7.69 4.06
N GLU B 63 20.16 6.81 5.04
CA GLU B 63 20.01 7.19 6.44
C GLU B 63 20.89 8.36 6.90
N GLN B 64 22.02 8.58 6.24
CA GLN B 64 22.81 9.75 6.54
C GLN B 64 22.09 11.09 6.31
N TYR B 65 21.09 11.13 5.43
CA TYR B 65 20.45 12.39 5.03
C TYR B 65 18.98 12.52 5.34
N MET B 66 18.32 11.39 5.55
CA MET B 66 16.89 11.40 5.78
C MET B 66 16.52 10.16 6.53
N SER B 67 15.30 10.19 7.08
CA SER B 67 14.80 9.05 7.82
C SER B 67 14.52 7.94 6.87
N LYS B 68 14.68 6.71 7.33
CA LYS B 68 14.22 5.57 6.57
C LYS B 68 12.73 5.73 6.27
N LYS B 69 12.00 6.37 7.20
CA LYS B 69 10.57 6.50 7.07
C LYS B 69 10.24 7.31 5.83
N ASP B 70 10.96 8.39 5.62
CA ASP B 70 10.79 9.19 4.41
C ASP B 70 11.28 8.41 3.19
N ALA B 71 12.47 7.84 3.28
CA ALA B 71 13.07 7.10 2.17
C ALA B 71 12.24 5.96 1.65
N ARG B 72 11.51 5.28 2.54
CA ARG B 72 10.73 4.13 2.08
C ARG B 72 9.67 4.48 1.01
N LYS B 73 9.26 5.74 0.96
CA LYS B 73 8.23 6.23 0.04
C LYS B 73 8.81 6.88 -1.20
N MET B 74 10.07 6.58 -1.48
CA MET B 74 10.83 7.26 -2.54
C MET B 74 11.62 6.33 -3.46
N ASP B 75 11.52 6.53 -4.78
CA ASP B 75 12.48 5.93 -5.68
C ASP B 75 13.84 6.52 -5.35
N LEU B 76 14.88 5.80 -5.75
CA LEU B 76 16.22 6.26 -5.56
C LEU B 76 16.50 7.63 -6.15
N PHE B 77 15.90 7.97 -7.28
CA PHE B 77 16.18 9.31 -7.77
C PHE B 77 15.76 10.42 -6.79
N ILE B 78 14.66 10.20 -6.08
CA ILE B 78 14.23 11.11 -5.07
C ILE B 78 15.20 11.06 -3.89
N GLN B 79 15.59 9.86 -3.45
CA GLN B 79 16.51 9.75 -2.31
C GLN B 79 17.82 10.52 -2.62
N TYR B 80 18.33 10.35 -3.83
CA TYR B 80 19.53 11.07 -4.25
C TYR B 80 19.34 12.59 -4.22
N GLY B 81 18.20 13.06 -4.70
CA GLY B 81 17.93 14.49 -4.69
C GLY B 81 17.81 15.08 -3.30
N ILE B 82 17.14 14.35 -2.42
CA ILE B 82 16.99 14.78 -1.05
C ILE B 82 18.37 14.83 -0.39
N ALA B 83 19.19 13.81 -0.63
CA ALA B 83 20.55 13.77 -0.05
C ALA B 83 21.39 14.97 -0.48
N ALA B 84 21.42 15.25 -1.78
CA ALA B 84 22.10 16.43 -2.24
C ALA B 84 21.48 17.72 -1.72
N GLY B 85 20.15 17.77 -1.61
CA GLY B 85 19.45 18.96 -1.13
C GLY B 85 19.77 19.28 0.32
N ILE B 86 19.76 18.22 1.12
CA ILE B 86 20.09 18.36 2.55
C ILE B 86 21.56 18.80 2.69
N GLN B 87 22.47 18.15 1.94
CA GLN B 87 23.86 18.58 1.90
C GLN B 87 23.96 20.04 1.61
N ALA B 88 23.33 20.49 0.52
CA ALA B 88 23.41 21.88 0.17
C ALA B 88 22.87 22.82 1.23
N LEU B 89 21.75 22.44 1.85
CA LEU B 89 21.14 23.30 2.86
C LEU B 89 22.03 23.36 4.10
N GLU B 90 22.56 22.22 4.50
CA GLU B 90 23.48 22.17 5.63
C GLU B 90 24.76 22.95 5.30
N ASP B 91 25.26 22.78 4.08
CA ASP B 91 26.38 23.59 3.60
C ASP B 91 26.08 25.09 3.68
N SER B 92 24.87 25.52 3.37
CA SER B 92 24.56 26.95 3.38
C SER B 92 24.35 27.50 4.79
N GLY B 93 23.95 26.65 5.74
CA GLY B 93 23.60 27.07 7.10
C GLY B 93 22.30 27.82 7.20
N LEU B 94 21.53 27.86 6.11
CA LEU B 94 20.30 28.65 6.07
C LEU B 94 19.34 28.15 7.14
N GLU B 95 18.90 29.05 8.03
CA GLU B 95 17.97 28.70 9.08
C GLU B 95 16.58 29.03 8.60
N VAL B 96 15.69 28.06 8.69
CA VAL B 96 14.31 28.24 8.28
C VAL B 96 13.48 28.38 9.53
N ASN B 97 12.72 29.46 9.59
CA ASN B 97 11.82 29.72 10.71
C ASN B 97 10.46 30.19 10.21
N GLU B 98 9.55 30.41 11.15
CA GLU B 98 8.18 30.78 10.81
C GLU B 98 8.14 32.08 10.03
N GLU B 99 9.07 32.99 10.33
CA GLU B 99 9.09 34.31 9.71
C GLU B 99 9.58 34.31 8.25
N ASN B 100 10.54 33.45 7.92
CA ASN B 100 11.09 33.43 6.55
C ASN B 100 10.66 32.24 5.66
N ALA B 101 9.94 31.27 6.21
CA ALA B 101 9.63 30.02 5.48
C ALA B 101 8.99 30.29 4.11
N ALA B 102 8.13 31.30 4.04
CA ALA B 102 7.39 31.62 2.81
C ALA B 102 8.26 32.25 1.75
N ARG B 103 9.51 32.56 2.12
CA ARG B 103 10.46 33.22 1.22
C ARG B 103 11.54 32.27 0.71
N ILE B 104 11.45 31.00 1.09
CA ILE B 104 12.44 29.99 0.75
C ILE B 104 11.75 28.83 0.07
N GLY B 105 12.09 28.60 -1.21
CA GLY B 105 11.43 27.59 -2.00
C GLY B 105 12.37 26.59 -2.63
N VAL B 106 11.84 25.85 -3.60
CA VAL B 106 12.52 24.69 -4.16
C VAL B 106 12.25 24.68 -5.63
N ALA B 107 13.29 24.41 -6.41
CA ALA B 107 13.17 24.15 -7.84
C ALA B 107 14.08 22.97 -8.20
N ILE B 108 13.52 21.78 -8.16
CA ILE B 108 14.30 20.58 -8.37
C ILE B 108 13.52 19.59 -9.20
N GLY B 109 14.18 19.00 -10.19
CA GLY B 109 13.53 18.02 -11.06
C GLY B 109 14.36 16.81 -11.40
N SER B 110 13.85 16.04 -12.35
CA SER B 110 14.50 14.88 -12.88
C SER B 110 14.02 14.76 -14.33
N GLY B 111 14.80 14.09 -15.15
CA GLY B 111 14.45 13.88 -16.54
C GLY B 111 13.44 12.77 -16.74
N ILE B 112 13.61 11.67 -16.00
CA ILE B 112 12.82 10.47 -16.17
C ILE B 112 12.09 10.04 -14.90
N GLY B 113 12.62 10.39 -13.74
CA GLY B 113 11.94 9.97 -12.51
C GLY B 113 12.15 8.52 -12.16
N GLY B 114 11.15 7.95 -11.50
CA GLY B 114 11.34 6.75 -10.71
C GLY B 114 11.11 5.48 -11.51
N LEU B 115 11.98 5.22 -12.49
CA LEU B 115 11.84 4.05 -13.33
C LEU B 115 11.80 2.72 -12.58
N GLU B 116 12.71 2.55 -11.65
CA GLU B 116 12.76 1.31 -10.86
C GLU B 116 11.42 0.99 -10.21
N LEU B 117 10.84 1.95 -9.51
CA LEU B 117 9.56 1.72 -8.84
C LEU B 117 8.38 1.66 -9.83
N ILE B 118 8.50 2.31 -10.98
CA ILE B 118 7.50 2.08 -12.00
C ILE B 118 7.55 0.65 -12.53
N GLU B 119 8.74 0.16 -12.85
CA GLU B 119 8.95 -1.22 -13.23
C GLU B 119 8.38 -2.15 -12.16
N THR B 120 8.66 -1.86 -10.90
CA THR B 120 8.20 -2.70 -9.81
C THR B 120 6.67 -2.68 -9.69
N GLY B 121 6.07 -1.53 -9.93
CA GLY B 121 4.63 -1.39 -9.90
C GLY B 121 3.97 -2.14 -11.04
N HIS B 122 4.53 -2.04 -12.23
CA HIS B 122 3.96 -2.73 -13.36
C HIS B 122 4.04 -4.26 -13.18
N GLN B 123 5.18 -4.74 -12.71
CA GLN B 123 5.37 -6.15 -12.42
C GLN B 123 4.30 -6.65 -11.45
N ALA B 124 4.04 -5.89 -10.41
CA ALA B 124 3.01 -6.24 -9.42
C ALA B 124 1.62 -6.29 -10.03
N LEU B 125 1.33 -5.28 -10.87
CA LEU B 125 0.10 -5.24 -11.58
C LEU B 125 -0.13 -6.50 -12.42
N ILE B 126 0.89 -6.89 -13.17
CA ILE B 126 0.77 -7.96 -14.14
C ILE B 126 0.76 -9.32 -13.46
N GLU B 127 1.57 -9.45 -12.42
CA GLU B 127 1.66 -10.70 -11.66
C GLU B 127 0.43 -10.91 -10.81
N LYS B 128 0.05 -9.91 -10.02
CA LYS B 128 -0.95 -10.08 -8.98
C LYS B 128 -2.10 -9.09 -9.02
N GLY B 129 -2.14 -8.21 -10.01
CA GLY B 129 -3.26 -7.31 -10.13
C GLY B 129 -3.11 -6.01 -9.35
N PRO B 130 -4.05 -5.09 -9.57
CA PRO B 130 -3.97 -3.75 -9.03
C PRO B 130 -3.84 -3.67 -7.50
N ARG B 131 -4.39 -4.63 -6.77
CA ARG B 131 -4.32 -4.60 -5.30
C ARG B 131 -2.89 -4.77 -4.75
N LYS B 132 -1.99 -5.31 -5.57
CA LYS B 132 -0.60 -5.48 -5.19
C LYS B 132 0.26 -4.24 -5.45
N VAL B 133 -0.23 -3.25 -6.18
CA VAL B 133 0.53 -2.01 -6.42
C VAL B 133 0.66 -1.18 -5.15
N SER B 134 1.85 -0.63 -4.91
CA SER B 134 2.12 0.15 -3.72
C SER B 134 1.19 1.35 -3.61
N PRO B 135 0.66 1.60 -2.41
CA PRO B 135 -0.09 2.83 -2.15
C PRO B 135 0.72 4.09 -2.43
N PHE B 136 2.04 4.00 -2.36
CA PHE B 136 2.91 5.14 -2.62
C PHE B 136 3.40 5.19 -4.08
N PHE B 137 2.81 4.39 -4.96
CA PHE B 137 3.26 4.35 -6.33
C PHE B 137 3.49 5.75 -6.90
N VAL B 138 2.49 6.60 -6.85
CA VAL B 138 2.57 7.90 -7.54
C VAL B 138 3.56 8.86 -6.88
N PRO B 139 3.42 9.12 -5.58
CA PRO B 139 4.38 10.00 -4.93
C PRO B 139 5.81 9.49 -5.00
N SER B 140 6.00 8.20 -5.20
CA SER B 140 7.34 7.63 -5.17
C SER B 140 8.03 7.75 -6.49
N THR B 141 7.28 8.09 -7.55
CA THR B 141 7.80 7.95 -8.88
C THR B 141 7.80 9.24 -9.70
N ILE B 142 6.88 10.16 -9.41
CA ILE B 142 6.71 11.34 -10.30
C ILE B 142 7.78 12.39 -10.00
N VAL B 143 8.10 13.17 -11.01
CA VAL B 143 9.37 13.91 -10.99
C VAL B 143 9.39 15.11 -10.07
N ASN B 144 8.23 15.58 -9.59
CA ASN B 144 8.19 16.78 -8.77
C ASN B 144 8.37 16.43 -7.29
N MET B 145 8.48 15.16 -7.02
CA MET B 145 8.51 14.74 -5.61
C MET B 145 9.84 14.93 -4.89
N ILE B 146 10.91 15.33 -5.59
CA ILE B 146 12.10 15.74 -4.87
C ILE B 146 11.82 17.07 -4.20
N ALA B 147 11.30 18.00 -5.01
CA ALA B 147 10.87 19.29 -4.51
C ALA B 147 9.81 19.18 -3.39
N GLY B 148 8.84 18.30 -3.60
CA GLY B 148 7.76 18.08 -2.68
C GLY B 148 8.32 17.57 -1.34
N ASN B 149 9.08 16.51 -1.39
CA ASN B 149 9.60 15.89 -0.14
C ASN B 149 10.55 16.80 0.58
N LEU B 150 11.43 17.47 -0.16
CA LEU B 150 12.37 18.37 0.49
C LEU B 150 11.63 19.52 1.15
N SER B 151 10.63 20.07 0.47
CA SER B 151 9.83 21.17 1.03
C SER B 151 9.19 20.76 2.36
N ILE B 152 8.63 19.57 2.38
CA ILE B 152 7.92 19.03 3.54
C ILE B 152 8.93 18.75 4.67
N MET B 153 10.02 18.08 4.33
CA MET B 153 11.05 17.74 5.33
C MET B 153 11.67 18.97 6.00
N ARG B 154 11.86 20.04 5.23
CA ARG B 154 12.58 21.24 5.71
C ARG B 154 11.75 22.51 5.92
N GLY B 155 10.44 22.43 5.75
CA GLY B 155 9.55 23.55 6.07
C GLY B 155 9.63 24.69 5.09
N LEU B 156 9.84 24.37 3.81
CA LEU B 156 10.08 25.40 2.79
C LEU B 156 8.78 25.72 2.05
N ARG B 157 8.30 26.95 2.22
CA ARG B 157 6.95 27.30 1.83
C ARG B 157 6.97 28.29 0.68
N GLY B 158 8.15 28.57 0.15
CA GLY B 158 8.29 29.49 -0.98
C GLY B 158 7.86 28.77 -2.26
N PRO B 159 8.03 29.43 -3.41
CA PRO B 159 7.69 28.75 -4.68
C PRO B 159 8.25 27.32 -4.78
N ASN B 160 7.42 26.39 -5.23
CA ASN B 160 7.76 24.98 -5.29
C ASN B 160 7.56 24.52 -6.71
N ILE B 161 8.65 24.31 -7.44
CA ILE B 161 8.57 23.87 -8.81
C ILE B 161 9.55 22.77 -9.12
N ALA B 162 9.30 22.11 -10.22
CA ALA B 162 10.15 21.08 -10.73
C ALA B 162 10.12 21.21 -12.26
N ILE B 163 11.23 21.61 -12.84
CA ILE B 163 11.38 21.59 -14.29
C ILE B 163 11.94 20.25 -14.73
N SER B 164 11.36 19.66 -15.77
CA SER B 164 11.78 18.37 -16.30
C SER B 164 12.00 18.50 -17.78
N THR B 165 13.26 18.68 -18.17
CA THR B 165 13.65 18.99 -19.56
C THR B 165 14.80 18.08 -19.93
N ALA B 166 14.60 16.78 -19.71
CA ALA B 166 15.59 15.77 -20.06
C ALA B 166 16.98 16.17 -19.52
N CYS B 167 17.99 16.19 -20.37
CA CYS B 167 19.37 16.57 -20.04
C CYS B 167 19.61 17.99 -19.52
N THR B 168 18.64 18.89 -19.72
CA THR B 168 18.78 20.26 -19.37
C THR B 168 18.17 20.58 -18.00
N THR B 169 17.56 19.56 -17.41
CA THR B 169 16.78 19.70 -16.20
C THR B 169 17.51 20.50 -15.13
N GLY B 170 18.70 20.05 -14.77
CA GLY B 170 19.36 20.59 -13.56
C GLY B 170 19.73 22.02 -13.75
N LEU B 171 20.02 22.36 -15.00
CA LEU B 171 20.38 23.70 -15.37
C LEU B 171 19.15 24.62 -15.35
N HIS B 172 18.07 24.20 -16.00
CA HIS B 172 16.84 24.97 -16.03
C HIS B 172 16.30 25.27 -14.66
N ASN B 173 16.33 24.26 -13.78
CA ASN B 173 15.90 24.56 -12.42
C ASN B 173 16.70 25.64 -11.71
N ILE B 174 18.03 25.60 -11.85
CA ILE B 174 18.89 26.61 -11.26
C ILE B 174 18.58 27.96 -11.89
N GLY B 175 18.44 28.00 -13.20
CA GLY B 175 18.21 29.26 -13.82
C GLY B 175 16.90 29.92 -13.44
N HIS B 176 15.86 29.14 -13.42
CA HIS B 176 14.57 29.64 -13.04
C HIS B 176 14.47 29.95 -11.58
N ALA B 177 15.17 29.17 -10.76
CA ALA B 177 15.28 29.55 -9.37
C ALA B 177 15.89 30.94 -9.20
N ALA B 178 16.96 31.21 -9.95
CA ALA B 178 17.55 32.53 -9.94
C ALA B 178 16.57 33.59 -10.43
N ARG B 179 15.86 33.31 -11.52
N ARG B 179 15.86 33.31 -11.52
CA ARG B 179 14.85 34.23 -12.06
CA ARG B 179 14.85 34.22 -12.05
C ARG B 179 13.79 34.58 -11.00
C ARG B 179 13.79 34.57 -10.99
N MET B 180 13.33 33.57 -10.25
CA MET B 180 12.28 33.76 -9.25
C MET B 180 12.79 34.60 -8.08
N ILE B 181 14.05 34.40 -7.68
CA ILE B 181 14.64 35.25 -6.64
C ILE B 181 14.81 36.69 -7.15
N ALA B 182 15.39 36.84 -8.34
CA ALA B 182 15.48 38.15 -8.97
C ALA B 182 14.13 38.89 -9.07
N TYR B 183 13.06 38.15 -9.36
CA TYR B 183 11.73 38.74 -9.58
C TYR B 183 11.07 39.18 -8.29
N GLY B 184 11.47 38.56 -7.18
CA GLY B 184 10.91 38.86 -5.86
C GLY B 184 10.03 37.78 -5.26
N ASP B 185 9.88 36.62 -5.93
CA ASP B 185 9.00 35.57 -5.42
C ASP B 185 9.61 34.89 -4.21
N ALA B 186 10.94 34.98 -4.08
CA ALA B 186 11.64 34.27 -3.01
C ALA B 186 12.93 35.01 -2.68
N ASP B 187 13.46 34.77 -1.47
CA ASP B 187 14.77 35.25 -1.09
C ASP B 187 15.83 34.18 -1.21
N ALA B 188 15.41 32.93 -1.19
CA ALA B 188 16.30 31.80 -1.37
C ALA B 188 15.57 30.69 -2.04
N MET B 189 16.32 29.85 -2.74
CA MET B 189 15.79 28.70 -3.42
C MET B 189 16.80 27.56 -3.38
N VAL B 190 16.30 26.36 -3.10
CA VAL B 190 17.08 25.15 -3.26
C VAL B 190 16.77 24.56 -4.62
N ALA B 191 17.78 24.43 -5.47
CA ALA B 191 17.56 24.13 -6.88
C ALA B 191 18.55 23.14 -7.52
N GLY B 192 18.08 22.39 -8.48
CA GLY B 192 18.94 21.44 -9.19
C GLY B 192 18.16 20.28 -9.76
N GLY B 193 18.82 19.14 -9.86
CA GLY B 193 18.22 17.93 -10.39
C GLY B 193 18.83 16.63 -9.89
N ALA B 194 18.12 15.54 -10.14
CA ALA B 194 18.54 14.20 -9.75
C ALA B 194 18.08 13.18 -10.72
N GLU B 195 18.84 12.09 -10.85
CA GLU B 195 18.47 10.98 -11.73
C GLU B 195 19.03 9.63 -11.26
N LYS B 196 18.24 8.58 -11.40
CA LYS B 196 18.68 7.19 -11.24
C LYS B 196 18.00 6.33 -12.28
N ALA B 197 18.44 6.51 -13.52
CA ALA B 197 17.91 5.79 -14.65
C ALA B 197 18.70 4.51 -15.03
N SER B 198 19.68 4.11 -14.22
CA SER B 198 20.45 2.88 -14.52
C SER B 198 19.68 1.62 -14.11
N THR B 199 18.53 1.42 -14.72
CA THR B 199 17.63 0.34 -14.35
C THR B 199 17.49 -0.52 -15.59
N PRO B 200 16.86 -1.70 -15.49
CA PRO B 200 16.71 -2.55 -16.66
C PRO B 200 16.00 -1.81 -17.78
N LEU B 201 14.87 -1.19 -17.47
CA LEU B 201 14.15 -0.47 -18.53
C LEU B 201 14.88 0.76 -19.02
N GLY B 202 15.55 1.48 -18.13
CA GLY B 202 16.33 2.64 -18.55
C GLY B 202 17.46 2.27 -19.50
N MET B 203 18.23 1.23 -19.14
CA MET B 203 19.35 0.78 -19.98
C MET B 203 18.83 0.21 -21.28
N ALA B 204 17.71 -0.50 -21.21
CA ALA B 204 17.10 -1.08 -22.40
C ALA B 204 16.58 -0.01 -23.35
N GLY B 205 15.90 0.99 -22.80
CA GLY B 205 15.36 2.08 -23.63
C GLY B 205 16.41 2.91 -24.34
N PHE B 206 17.44 3.34 -23.62
CA PHE B 206 18.52 4.06 -24.28
C PHE B 206 19.32 3.14 -25.23
N GLY B 207 19.45 1.86 -24.86
CA GLY B 207 20.13 0.89 -25.70
C GLY B 207 19.39 0.70 -27.02
N ALA B 208 18.07 0.61 -26.97
CA ALA B 208 17.26 0.38 -28.17
C ALA B 208 17.37 1.56 -29.13
N ALA B 209 17.63 2.74 -28.58
CA ALA B 209 17.88 3.92 -29.41
C ALA B 209 19.31 3.99 -29.97
N LYS B 210 20.15 3.04 -29.58
CA LYS B 210 21.55 3.02 -29.95
C LYS B 210 22.26 4.28 -29.49
N ALA B 211 21.86 4.81 -28.34
CA ALA B 211 22.40 6.08 -27.86
C ALA B 211 23.63 5.89 -26.97
N LEU B 212 23.81 4.68 -26.44
CA LEU B 212 24.87 4.46 -25.49
C LEU B 212 26.12 3.87 -26.13
N SER B 213 27.28 4.22 -25.59
CA SER B 213 28.49 3.44 -25.84
C SER B 213 28.29 1.97 -25.50
N THR B 214 28.82 1.10 -26.33
CA THR B 214 28.83 -0.33 -26.08
C THR B 214 30.26 -0.85 -25.85
N ARG B 215 31.15 0.00 -25.35
CA ARG B 215 32.54 -0.38 -25.08
C ARG B 215 32.64 -1.14 -23.74
N ASN B 216 32.04 -2.32 -23.72
CA ASN B 216 31.94 -3.12 -22.50
C ASN B 216 33.27 -3.66 -21.98
N ASP B 217 34.25 -3.79 -22.87
CA ASP B 217 35.57 -4.30 -22.48
C ASP B 217 36.37 -3.30 -21.64
N GLU B 218 36.13 -1.99 -21.85
CA GLU B 218 36.85 -0.92 -21.14
C GLU B 218 35.87 0.21 -20.73
N PRO B 219 35.06 -0.05 -19.71
CA PRO B 219 34.04 0.93 -19.32
C PRO B 219 34.58 2.31 -19.02
N GLN B 220 35.78 2.40 -18.41
CA GLN B 220 36.33 3.68 -18.03
C GLN B 220 36.85 4.49 -19.20
N LYS B 221 37.00 3.85 -20.36
CA LYS B 221 37.44 4.55 -21.58
C LYS B 221 36.26 4.83 -22.49
N ALA B 222 35.07 4.36 -22.13
CA ALA B 222 33.89 4.51 -23.00
C ALA B 222 33.47 5.95 -23.26
N SER B 223 33.48 6.78 -22.22
CA SER B 223 33.08 8.17 -22.34
C SER B 223 34.25 9.03 -22.78
N ARG B 224 34.20 9.50 -24.03
CA ARG B 224 35.36 10.11 -24.62
C ARG B 224 34.93 11.24 -25.53
N PRO B 225 34.40 12.31 -24.93
CA PRO B 225 33.90 13.45 -25.70
C PRO B 225 34.91 14.00 -26.70
N TRP B 226 34.45 14.20 -27.93
CA TRP B 226 35.26 14.78 -29.02
C TRP B 226 36.38 13.85 -29.54
N ASP B 227 36.56 12.68 -28.93
CA ASP B 227 37.51 11.69 -29.41
C ASP B 227 36.96 10.98 -30.63
N LYS B 228 37.82 10.73 -31.61
CA LYS B 228 37.40 10.12 -32.88
C LYS B 228 36.69 8.77 -32.74
N ASP B 229 36.96 8.03 -31.67
CA ASP B 229 36.39 6.71 -31.47
C ASP B 229 35.19 6.68 -30.51
N ARG B 230 34.64 7.84 -30.18
CA ARG B 230 33.42 7.89 -29.37
C ARG B 230 32.25 7.18 -30.08
N ASP B 231 31.39 6.54 -29.29
CA ASP B 231 30.32 5.72 -29.82
C ASP B 231 29.03 5.82 -28.99
N GLY B 232 28.80 6.99 -28.37
CA GLY B 232 27.54 7.26 -27.66
C GLY B 232 27.82 7.53 -26.16
N PHE B 233 26.80 8.00 -25.44
CA PHE B 233 27.06 8.42 -24.07
C PHE B 233 27.08 7.24 -23.11
N VAL B 234 27.57 7.53 -21.92
CA VAL B 234 27.61 6.59 -20.81
C VAL B 234 26.67 7.13 -19.77
N LEU B 235 25.67 6.34 -19.41
CA LEU B 235 24.61 6.78 -18.48
C LEU B 235 25.19 6.79 -17.08
N GLY B 236 24.89 7.82 -16.32
CA GLY B 236 25.24 7.86 -14.91
C GLY B 236 24.14 8.39 -14.04
N ASP B 237 24.22 8.10 -12.74
CA ASP B 237 23.23 8.50 -11.77
C ASP B 237 23.82 9.55 -10.84
N GLY B 238 22.98 10.31 -10.18
CA GLY B 238 23.39 11.32 -9.25
C GLY B 238 22.40 12.41 -8.97
N ALA B 239 22.91 13.44 -8.31
CA ALA B 239 22.14 14.60 -7.93
C ALA B 239 23.09 15.76 -7.66
N GLY B 240 22.69 16.95 -8.09
CA GLY B 240 23.39 18.15 -7.84
C GLY B 240 22.42 19.26 -7.47
N ILE B 241 22.69 19.92 -6.36
CA ILE B 241 21.81 20.95 -5.82
C ILE B 241 22.59 22.13 -5.33
N MET B 242 22.05 23.33 -5.62
CA MET B 242 22.57 24.58 -5.12
C MET B 242 21.52 25.28 -4.28
N VAL B 243 21.97 25.94 -3.22
CA VAL B 243 21.14 26.93 -2.53
C VAL B 243 21.47 28.27 -3.15
N LEU B 244 20.44 28.92 -3.73
CA LEU B 244 20.59 30.24 -4.31
C LEU B 244 19.92 31.22 -3.39
N GLU B 245 20.47 32.42 -3.33
CA GLU B 245 20.03 33.41 -2.35
C GLU B 245 20.18 34.82 -2.89
N GLU B 246 19.24 35.70 -2.56
CA GLU B 246 19.38 37.11 -2.91
C GLU B 246 20.63 37.67 -2.20
N TYR B 247 21.40 38.48 -2.91
CA TYR B 247 22.75 38.88 -2.47
C TYR B 247 22.75 39.62 -1.14
N GLU B 248 21.89 40.62 -1.00
CA GLU B 248 21.77 41.37 0.28
C GLU B 248 21.29 40.49 1.46
N HIS B 249 20.37 39.58 1.16
CA HIS B 249 19.91 38.63 2.16
C HIS B 249 21.05 37.71 2.61
N ALA B 250 21.85 37.27 1.64
CA ALA B 250 22.98 36.39 1.90
C ALA B 250 24.01 37.06 2.81
N LYS B 251 24.41 38.27 2.43
CA LYS B 251 25.32 39.03 3.27
C LYS B 251 24.79 39.20 4.68
N ALA B 252 23.53 39.61 4.77
CA ALA B 252 22.89 39.96 6.04
C ALA B 252 22.92 38.83 7.06
N ARG B 253 22.82 37.59 6.62
CA ARG B 253 22.88 36.47 7.58
C ARG B 253 24.27 35.86 7.74
N GLY B 254 25.25 36.39 7.03
CA GLY B 254 26.61 35.83 7.05
C GLY B 254 26.76 34.54 6.27
N ALA B 255 26.15 34.49 5.10
CA ALA B 255 26.28 33.33 4.19
C ALA B 255 27.71 33.20 3.63
N LYS B 256 28.13 31.97 3.43
CA LYS B 256 29.28 31.68 2.58
C LYS B 256 28.80 31.91 1.14
N ILE B 257 29.60 32.63 0.33
CA ILE B 257 29.25 32.93 -1.08
C ILE B 257 30.26 32.36 -2.04
N TYR B 258 29.82 31.41 -2.86
CA TYR B 258 30.70 30.74 -3.80
C TYR B 258 30.87 31.50 -5.12
N ALA B 259 29.78 32.12 -5.58
CA ALA B 259 29.72 32.72 -6.93
C ALA B 259 28.38 33.40 -7.11
N GLU B 260 28.27 34.17 -8.17
CA GLU B 260 27.06 34.89 -8.49
C GLU B 260 26.48 34.33 -9.78
N VAL B 261 25.16 34.18 -9.82
CA VAL B 261 24.49 33.77 -11.03
C VAL B 261 24.20 35.04 -11.82
N VAL B 262 24.84 35.22 -12.97
CA VAL B 262 24.70 36.47 -13.70
C VAL B 262 24.00 36.36 -15.05
N GLY B 263 24.00 35.18 -15.65
CA GLY B 263 23.36 34.98 -16.96
C GLY B 263 22.68 33.63 -17.06
N PHE B 264 21.50 33.62 -17.68
CA PHE B 264 20.72 32.40 -17.98
C PHE B 264 20.07 32.62 -19.33
N GLY B 265 20.29 31.67 -20.22
CA GLY B 265 19.75 31.73 -21.59
C GLY B 265 19.15 30.42 -22.00
N MET B 266 18.17 30.45 -22.90
CA MET B 266 17.43 29.28 -23.28
C MET B 266 17.09 29.37 -24.75
N SER B 267 16.93 28.21 -25.37
CA SER B 267 16.52 28.12 -26.77
C SER B 267 16.06 26.72 -27.11
N GLY B 268 15.60 26.50 -28.33
CA GLY B 268 15.26 25.21 -28.81
C GLY B 268 15.82 25.00 -30.19
N ASP B 269 16.43 23.85 -30.42
CA ASP B 269 16.98 23.52 -31.75
C ASP B 269 15.92 23.47 -32.84
N ALA B 270 14.75 22.92 -32.49
CA ALA B 270 13.63 22.71 -33.40
C ALA B 270 14.06 21.89 -34.61
N TYR B 271 14.87 20.87 -34.39
CA TYR B 271 15.51 20.15 -35.46
C TYR B 271 15.07 18.72 -35.52
N HIS B 272 15.22 18.02 -34.39
CA HIS B 272 14.99 16.59 -34.38
C HIS B 272 14.83 16.10 -32.94
N MET B 273 14.04 15.05 -32.80
CA MET B 273 13.66 14.42 -31.53
C MET B 273 14.84 14.02 -30.62
N THR B 274 15.94 13.56 -31.24
CA THR B 274 17.15 13.09 -30.53
C THR B 274 18.50 13.64 -31.08
N SER B 275 18.56 14.09 -32.32
CA SER B 275 19.80 14.65 -32.91
C SER B 275 19.86 16.17 -32.72
N PRO B 276 21.06 16.76 -32.46
CA PRO B 276 21.12 18.23 -32.38
C PRO B 276 21.27 18.89 -33.74
N SER B 277 21.03 20.20 -33.82
CA SER B 277 21.21 20.97 -35.04
C SER B 277 22.63 20.69 -35.52
N GLU B 278 22.78 20.29 -36.78
CA GLU B 278 24.11 20.08 -37.37
C GLU B 278 25.00 21.32 -37.19
N ASP B 279 24.42 22.52 -37.34
CA ASP B 279 25.20 23.76 -37.32
C ASP B 279 25.43 24.33 -35.93
N GLY B 280 24.89 23.68 -34.89
CA GLY B 280 25.11 24.11 -33.51
C GLY B 280 24.40 25.41 -33.15
N SER B 281 23.55 25.93 -34.05
CA SER B 281 22.99 27.27 -33.88
C SER B 281 22.03 27.38 -32.69
N GLY B 282 21.33 26.31 -32.39
CA GLY B 282 20.45 26.27 -31.23
C GLY B 282 21.20 26.51 -29.92
N GLY B 283 22.28 25.77 -29.70
CA GLY B 283 23.16 26.00 -28.56
C GLY B 283 23.72 27.41 -28.49
N ALA B 284 24.07 27.96 -29.67
CA ALA B 284 24.59 29.31 -29.75
C ALA B 284 23.56 30.32 -29.28
N LEU B 285 22.30 30.15 -29.68
CA LEU B 285 21.22 31.03 -29.23
C LEU B 285 21.13 31.08 -27.72
N ALA B 286 21.16 29.92 -27.09
CA ALA B 286 21.13 29.88 -25.63
C ALA B 286 22.32 30.60 -25.01
N MET B 287 23.53 30.31 -25.49
CA MET B 287 24.73 30.94 -24.99
C MET B 287 24.68 32.46 -25.18
N GLU B 288 24.27 32.87 -26.40
CA GLU B 288 24.16 34.28 -26.70
C GLU B 288 23.17 35.00 -25.78
N ALA B 289 22.04 34.35 -25.49
CA ALA B 289 21.06 34.92 -24.58
C ALA B 289 21.64 35.06 -23.20
N ALA B 290 22.40 34.07 -22.77
CA ALA B 290 22.96 34.12 -21.41
C ALA B 290 24.03 35.24 -21.29
N MET B 291 24.81 35.41 -22.35
CA MET B 291 25.85 36.45 -22.38
C MET B 291 25.21 37.84 -22.37
N ARG B 292 24.13 38.05 -23.15
CA ARG B 292 23.37 39.31 -23.08
C ARG B 292 22.83 39.55 -21.71
N ASP B 293 22.26 38.50 -21.11
CA ASP B 293 21.70 38.58 -19.78
C ASP B 293 22.76 39.04 -18.77
N ALA B 294 23.96 38.49 -18.89
CA ALA B 294 25.05 38.81 -17.96
C ALA B 294 25.81 40.08 -18.37
N GLY B 295 25.58 40.54 -19.60
CA GLY B 295 26.29 41.72 -20.13
C GLY B 295 27.78 41.46 -20.32
N VAL B 296 28.14 40.25 -20.74
CA VAL B 296 29.55 39.92 -20.98
C VAL B 296 29.81 39.55 -22.44
N THR B 297 31.08 39.62 -22.83
CA THR B 297 31.52 39.24 -24.17
C THR B 297 32.30 37.95 -24.08
N GLY B 298 32.56 37.34 -25.23
CA GLY B 298 33.32 36.10 -25.30
C GLY B 298 34.62 36.11 -24.53
N GLU B 299 35.37 37.21 -24.64
N GLU B 299 35.37 37.21 -24.64
CA GLU B 299 36.70 37.31 -24.03
CA GLU B 299 36.69 37.32 -24.02
C GLU B 299 36.68 37.21 -22.51
C GLU B 299 36.67 37.21 -22.50
N GLN B 300 35.53 37.49 -21.90
CA GLN B 300 35.39 37.46 -20.43
C GLN B 300 35.07 36.06 -19.90
N ILE B 301 34.67 35.15 -20.77
CA ILE B 301 34.37 33.77 -20.34
C ILE B 301 35.63 32.91 -20.37
N GLY B 302 36.14 32.53 -19.20
CA GLY B 302 37.37 31.74 -19.14
C GLY B 302 37.20 30.25 -19.34
N TYR B 303 36.01 29.72 -19.04
CA TYR B 303 35.75 28.29 -19.06
C TYR B 303 34.33 28.01 -19.43
N VAL B 304 34.15 27.01 -20.27
CA VAL B 304 32.83 26.47 -20.57
C VAL B 304 32.85 25.02 -20.19
N ASN B 305 32.00 24.66 -19.24
CA ASN B 305 31.75 23.26 -18.95
C ASN B 305 30.69 22.82 -19.96
N ALA B 306 31.13 22.02 -20.92
CA ALA B 306 30.34 21.72 -22.08
C ALA B 306 29.35 20.63 -21.79
N HIS B 307 28.33 20.54 -22.64
CA HIS B 307 27.42 19.43 -22.59
C HIS B 307 28.13 18.13 -22.94
N GLY B 308 28.90 18.14 -24.03
CA GLY B 308 29.83 17.06 -24.43
C GLY B 308 29.59 15.65 -23.92
N THR B 309 28.61 14.97 -24.51
CA THR B 309 28.16 13.69 -24.00
C THR B 309 28.87 12.48 -24.57
N SER B 310 29.71 12.68 -25.59
CA SER B 310 30.46 11.60 -26.26
C SER B 310 29.61 10.93 -27.35
N THR B 311 28.83 11.74 -28.06
CA THR B 311 28.06 11.22 -29.19
C THR B 311 28.68 11.75 -30.47
N PRO B 312 28.70 10.93 -31.54
CA PRO B 312 29.23 11.41 -32.82
C PRO B 312 28.71 12.79 -33.25
N ALA B 313 27.39 12.96 -33.34
CA ALA B 313 26.79 14.22 -33.82
C ALA B 313 26.85 15.36 -32.80
N GLY B 314 26.56 15.06 -31.53
CA GLY B 314 26.41 16.09 -30.53
C GLY B 314 27.66 16.88 -30.19
N ASP B 315 28.79 16.20 -30.06
CA ASP B 315 30.01 16.84 -29.54
C ASP B 315 30.51 17.92 -30.51
N VAL B 316 30.50 17.60 -31.79
CA VAL B 316 30.96 18.53 -32.82
C VAL B 316 30.05 19.76 -32.88
N ALA B 317 28.74 19.55 -32.94
CA ALA B 317 27.75 20.64 -33.03
C ALA B 317 27.93 21.68 -31.93
N GLU B 318 28.18 21.20 -30.71
CA GLU B 318 28.36 22.12 -29.61
C GLU B 318 29.56 23.04 -29.79
N VAL B 319 30.69 22.50 -30.25
CA VAL B 319 31.85 23.34 -30.48
C VAL B 319 31.53 24.43 -31.50
N LYS B 320 30.82 24.09 -32.56
CA LYS B 320 30.47 25.12 -33.54
C LYS B 320 29.69 26.22 -32.84
N GLY B 321 28.77 25.83 -31.97
CA GLY B 321 27.95 26.80 -31.27
C GLY B 321 28.73 27.65 -30.30
N ILE B 322 29.69 27.04 -29.59
CA ILE B 322 30.54 27.80 -28.69
C ILE B 322 31.35 28.86 -29.44
N LYS B 323 31.91 28.46 -30.57
CA LYS B 323 32.70 29.37 -31.40
C LYS B 323 31.88 30.54 -31.91
N ARG B 324 30.64 30.28 -32.32
CA ARG B 324 29.76 31.36 -32.73
C ARG B 324 29.47 32.30 -31.58
N ALA B 325 29.09 31.74 -30.42
CA ALA B 325 28.68 32.57 -29.31
C ALA B 325 29.81 33.38 -28.76
N LEU B 326 30.98 32.78 -28.70
CA LEU B 326 32.12 33.45 -28.11
C LEU B 326 32.83 34.40 -29.05
N GLY B 327 32.73 34.16 -30.37
CA GLY B 327 33.44 35.00 -31.34
C GLY B 327 34.91 34.64 -31.42
N GLU B 328 35.61 35.27 -32.36
CA GLU B 328 37.01 34.92 -32.64
C GLU B 328 37.92 35.12 -31.43
N ALA B 329 37.90 36.31 -30.83
CA ALA B 329 38.75 36.59 -29.68
C ALA B 329 38.42 35.66 -28.50
N GLY B 330 37.14 35.51 -28.19
CA GLY B 330 36.72 34.65 -27.08
C GLY B 330 37.13 33.21 -27.29
N THR B 331 36.93 32.71 -28.47
CA THR B 331 37.29 31.34 -28.80
C THR B 331 38.81 31.05 -28.62
N LYS B 332 39.65 32.02 -28.97
CA LYS B 332 41.11 31.84 -28.84
C LYS B 332 41.56 31.61 -27.36
N GLN B 333 40.88 32.24 -26.39
CA GLN B 333 41.36 32.26 -24.99
C GLN B 333 40.59 31.32 -24.03
N VAL B 334 39.44 30.82 -24.47
CA VAL B 334 38.56 30.05 -23.58
C VAL B 334 39.09 28.64 -23.41
N LEU B 335 38.80 28.06 -22.26
CA LEU B 335 38.90 26.64 -22.03
C LEU B 335 37.50 25.98 -22.03
N VAL B 336 37.42 24.79 -22.59
CA VAL B 336 36.20 24.04 -22.70
C VAL B 336 36.56 22.65 -22.20
N SER B 337 35.73 22.05 -21.37
CA SER B 337 35.90 20.65 -21.08
C SER B 337 34.57 19.97 -20.76
N SER B 338 34.55 18.64 -20.90
CA SER B 338 33.40 17.87 -20.53
C SER B 338 33.80 16.93 -19.38
N THR B 339 33.20 17.14 -18.25
CA THR B 339 33.38 16.22 -17.12
C THR B 339 32.55 14.95 -17.21
N LYS B 340 31.67 14.85 -18.22
CA LYS B 340 31.05 13.56 -18.53
C LYS B 340 32.06 12.49 -18.91
N SER B 341 33.28 12.92 -19.27
CA SER B 341 34.36 11.99 -19.55
C SER B 341 34.58 11.10 -18.32
N MET B 342 34.30 11.67 -17.19
CA MET B 342 34.55 10.98 -15.91
C MET B 342 33.30 10.45 -15.22
N THR B 343 32.24 11.27 -15.22
CA THR B 343 30.99 10.96 -14.51
C THR B 343 30.02 10.15 -15.34
N GLY B 344 30.16 10.24 -16.65
CA GLY B 344 29.08 9.87 -17.54
C GLY B 344 28.05 10.98 -17.55
N HIS B 345 26.99 10.72 -18.30
CA HIS B 345 25.91 11.67 -18.50
C HIS B 345 24.85 11.41 -17.47
N LEU B 346 24.71 12.34 -16.52
CA LEU B 346 23.82 12.17 -15.41
C LEU B 346 22.41 12.63 -15.72
N LEU B 347 22.07 12.87 -17.00
CA LEU B 347 20.69 13.13 -17.38
C LEU B 347 20.10 14.29 -16.61
N GLY B 348 18.97 14.09 -15.91
CA GLY B 348 18.37 15.20 -15.14
C GLY B 348 19.27 15.88 -14.14
N ALA B 349 20.35 15.21 -13.70
CA ALA B 349 21.30 15.79 -12.78
C ALA B 349 22.51 16.39 -13.45
N ALA B 350 22.68 16.10 -14.74
CA ALA B 350 23.87 16.55 -15.43
C ALA B 350 24.08 18.04 -15.29
N GLY B 351 23.02 18.82 -15.48
CA GLY B 351 23.10 20.25 -15.60
C GLY B 351 23.48 20.93 -14.32
N SER B 352 23.07 20.33 -13.19
CA SER B 352 23.27 20.95 -11.90
C SER B 352 24.60 20.48 -11.26
N VAL B 353 24.93 19.21 -11.43
CA VAL B 353 26.29 18.68 -11.14
C VAL B 353 27.32 19.51 -11.87
N GLU B 354 27.08 19.75 -13.15
CA GLU B 354 28.00 20.56 -13.93
C GLU B 354 28.00 22.04 -13.57
N ALA B 355 26.88 22.59 -13.13
CA ALA B 355 26.87 23.94 -12.62
C ALA B 355 27.74 24.04 -11.35
N ILE B 356 27.66 23.05 -10.50
CA ILE B 356 28.47 23.05 -9.29
C ILE B 356 29.97 22.99 -9.65
N ILE B 357 30.31 22.16 -10.63
CA ILE B 357 31.67 22.06 -11.14
C ILE B 357 32.14 23.43 -11.70
N THR B 358 31.27 24.12 -12.43
CA THR B 358 31.59 25.40 -13.01
C THR B 358 31.86 26.43 -11.92
N VAL B 359 31.03 26.41 -10.89
CA VAL B 359 31.27 27.27 -9.73
C VAL B 359 32.63 26.96 -9.11
N MET B 360 32.92 25.68 -8.86
CA MET B 360 34.18 25.32 -8.17
C MET B 360 35.40 25.70 -9.02
N SER B 361 35.27 25.67 -10.33
CA SER B 361 36.32 26.17 -11.19
C SER B 361 36.66 27.64 -10.91
N LEU B 362 35.65 28.46 -10.64
CA LEU B 362 35.85 29.86 -10.28
C LEU B 362 36.44 29.99 -8.86
N VAL B 363 35.90 29.20 -7.94
CA VAL B 363 36.36 29.22 -6.53
C VAL B 363 37.84 28.86 -6.44
N ASP B 364 38.24 27.76 -7.06
CA ASP B 364 39.61 27.27 -6.98
C ASP B 364 40.51 27.67 -8.16
N GLN B 365 39.99 28.43 -9.13
CA GLN B 365 40.79 28.83 -10.29
C GLN B 365 41.53 27.63 -10.92
N MET B 366 40.77 26.55 -11.12
CA MET B 366 41.25 25.28 -11.63
C MET B 366 40.13 24.71 -12.50
N VAL B 367 40.50 24.11 -13.62
CA VAL B 367 39.54 23.63 -14.58
C VAL B 367 39.78 22.15 -14.78
N PRO B 368 38.73 21.32 -14.67
CA PRO B 368 38.92 19.88 -14.77
C PRO B 368 39.04 19.44 -16.22
N PRO B 369 39.65 18.27 -16.44
CA PRO B 369 39.90 17.85 -17.81
C PRO B 369 38.77 17.09 -18.47
N THR B 370 38.82 17.03 -19.80
CA THR B 370 38.20 15.98 -20.55
C THR B 370 39.15 14.79 -20.64
N ILE B 371 38.91 13.75 -19.84
CA ILE B 371 39.70 12.56 -19.98
C ILE B 371 39.29 11.77 -21.23
N ASN B 372 40.18 10.84 -21.61
CA ASN B 372 40.01 9.89 -22.70
C ASN B 372 40.10 10.56 -24.05
N LEU B 373 40.48 11.82 -24.06
CA LEU B 373 40.52 12.58 -25.33
C LEU B 373 41.88 12.28 -26.01
N ASP B 374 42.04 11.04 -26.47
CA ASP B 374 43.29 10.52 -26.99
C ASP B 374 43.56 11.05 -28.39
N ASN B 375 42.52 11.02 -29.22
CA ASN B 375 42.59 11.40 -30.64
CA ASN B 375 42.62 11.42 -30.63
C ASN B 375 41.43 12.31 -30.99
N PRO B 376 41.55 13.62 -30.73
CA PRO B 376 40.40 14.49 -30.97
C PRO B 376 40.07 14.60 -32.45
N GLU B 377 38.80 14.85 -32.76
CA GLU B 377 38.39 15.20 -34.11
C GLU B 377 39.15 16.40 -34.59
N GLU B 378 39.37 16.48 -35.89
CA GLU B 378 40.05 17.63 -36.46
C GLU B 378 39.14 18.84 -36.51
N GLY B 379 39.75 20.02 -36.53
CA GLY B 379 39.04 21.25 -36.88
C GLY B 379 38.16 21.80 -35.78
N LEU B 380 38.37 21.33 -34.55
CA LEU B 380 37.57 21.79 -33.43
C LEU B 380 37.97 23.22 -33.08
N GLY B 381 39.25 23.51 -33.08
CA GLY B 381 39.73 24.88 -32.93
C GLY B 381 39.53 25.50 -31.56
N VAL B 382 39.33 24.65 -30.54
CA VAL B 382 39.23 25.15 -29.15
C VAL B 382 40.02 24.22 -28.23
N ASP B 383 40.41 24.77 -27.09
CA ASP B 383 41.18 24.03 -26.07
C ASP B 383 40.20 23.23 -25.24
N LEU B 384 40.30 21.91 -25.33
CA LEU B 384 39.35 21.00 -24.69
C LEU B 384 39.90 20.39 -23.39
N VAL B 385 40.96 20.97 -22.86
CA VAL B 385 41.58 20.53 -21.62
C VAL B 385 41.73 19.01 -21.54
N PRO B 386 42.44 18.44 -22.51
CA PRO B 386 42.56 16.99 -22.51
C PRO B 386 43.36 16.44 -21.31
N HIS B 387 42.87 15.36 -20.75
CA HIS B 387 43.60 14.48 -19.81
C HIS B 387 43.79 15.00 -18.43
N VAL B 388 44.29 16.22 -18.29
CA VAL B 388 44.73 16.71 -16.97
C VAL B 388 44.20 18.10 -16.69
N ALA B 389 43.93 18.36 -15.44
CA ALA B 389 43.42 19.64 -14.99
C ALA B 389 44.35 20.81 -15.33
N ARG B 390 43.76 22.00 -15.39
CA ARG B 390 44.46 23.21 -15.78
C ARG B 390 44.31 24.30 -14.75
N LYS B 391 45.42 24.83 -14.27
CA LYS B 391 45.39 25.98 -13.40
C LYS B 391 45.14 27.21 -14.26
N VAL B 392 44.22 28.07 -13.82
CA VAL B 392 43.95 29.34 -14.49
C VAL B 392 44.19 30.52 -13.56
N GLU B 393 44.16 31.72 -14.12
CA GLU B 393 44.45 32.92 -13.40
C GLU B 393 43.49 34.03 -13.80
N SER B 394 42.99 34.76 -12.81
CA SER B 394 42.04 35.85 -13.04
C SER B 394 40.85 35.43 -13.90
N MET B 395 40.32 34.25 -13.65
CA MET B 395 39.10 33.84 -14.35
C MET B 395 37.91 34.38 -13.58
N GLU B 396 37.18 35.31 -14.21
CA GLU B 396 36.08 36.03 -13.53
C GLU B 396 34.70 35.45 -13.86
N TYR B 397 34.56 34.80 -15.02
CA TYR B 397 33.29 34.23 -15.46
C TYR B 397 33.52 32.86 -16.01
N ALA B 398 32.53 31.99 -15.83
CA ALA B 398 32.54 30.65 -16.41
C ALA B 398 31.12 30.27 -16.76
N MET B 399 30.99 29.43 -17.77
CA MET B 399 29.71 29.10 -18.39
C MET B 399 29.51 27.62 -18.38
N CYS B 400 28.26 27.18 -18.27
CA CYS B 400 27.95 25.77 -18.43
CA CYS B 400 27.92 25.79 -18.40
C CYS B 400 26.72 25.63 -19.32
N ASN B 401 26.80 24.67 -20.23
CA ASN B 401 25.72 24.34 -21.16
C ASN B 401 25.11 22.97 -20.95
N SER B 402 23.80 22.87 -21.13
CA SER B 402 23.12 21.60 -21.25
C SER B 402 22.18 21.65 -22.45
N PHE B 403 22.26 20.64 -23.30
CA PHE B 403 21.45 20.56 -24.52
C PHE B 403 20.74 19.22 -24.57
N GLY B 404 19.44 19.17 -24.27
CA GLY B 404 18.70 17.91 -24.11
C GLY B 404 17.86 17.43 -25.27
N PHE B 405 17.31 16.22 -25.10
CA PHE B 405 16.43 15.60 -26.11
C PHE B 405 15.21 16.47 -26.39
N GLY B 406 14.77 16.49 -27.64
CA GLY B 406 13.77 17.46 -28.05
C GLY B 406 14.35 18.81 -28.41
N GLY B 407 15.66 18.95 -28.38
CA GLY B 407 16.32 20.20 -28.73
C GLY B 407 16.31 21.31 -27.69
N THR B 408 16.04 20.95 -26.43
CA THR B 408 15.97 21.93 -25.39
C THR B 408 17.37 22.34 -24.89
N ASN B 409 17.68 23.64 -24.97
CA ASN B 409 19.00 24.15 -24.67
C ASN B 409 18.99 25.16 -23.58
N GLY B 410 20.02 25.12 -22.73
CA GLY B 410 20.22 26.10 -21.69
C GLY B 410 21.68 26.42 -21.45
N SER B 411 21.98 27.64 -21.00
CA SER B 411 23.31 28.03 -20.56
C SER B 411 23.20 28.90 -19.35
N LEU B 412 24.13 28.70 -18.41
CA LEU B 412 24.27 29.57 -17.26
C LEU B 412 25.65 30.15 -17.23
N ILE B 413 25.73 31.39 -16.76
CA ILE B 413 27.00 32.03 -16.52
C ILE B 413 27.10 32.45 -15.08
N PHE B 414 28.20 32.04 -14.46
CA PHE B 414 28.55 32.39 -13.10
C PHE B 414 29.70 33.36 -13.07
N LYS B 415 29.70 34.22 -12.06
CA LYS B 415 30.78 35.17 -11.85
C LYS B 415 31.46 34.85 -10.53
N ARG B 416 32.80 34.91 -10.55
CA ARG B 416 33.64 34.70 -9.36
C ARG B 416 33.29 35.71 -8.28
N MET B 417 33.31 35.22 -7.03
CA MET B 417 33.02 36.00 -5.81
C MET B 417 34.12 35.73 -4.80
N LYS C 6 6.96 47.46 -17.52
CA LYS C 6 6.46 46.06 -17.65
C LYS C 6 6.08 45.74 -19.10
N ARG C 7 6.69 44.70 -19.67
CA ARG C 7 6.16 44.10 -20.90
C ARG C 7 4.87 43.39 -20.51
N ARG C 8 3.75 43.77 -21.12
CA ARG C 8 2.48 43.13 -20.84
C ARG C 8 2.34 41.85 -21.66
N VAL C 9 1.66 40.86 -21.06
CA VAL C 9 1.50 39.54 -21.67
C VAL C 9 0.03 39.21 -21.82
N VAL C 10 -0.39 38.84 -23.03
CA VAL C 10 -1.77 38.55 -23.30
C VAL C 10 -1.94 37.17 -23.93
N VAL C 11 -3.18 36.66 -23.85
CA VAL C 11 -3.55 35.38 -24.39
C VAL C 11 -4.13 35.59 -25.79
N THR C 12 -3.53 34.96 -26.78
CA THR C 12 -3.94 35.19 -28.21
C THR C 12 -4.40 33.97 -28.93
N GLY C 13 -4.29 32.81 -28.28
CA GLY C 13 -4.68 31.57 -28.86
C GLY C 13 -4.88 30.53 -27.75
N MET C 14 -5.86 29.67 -27.94
CA MET C 14 -6.19 28.62 -26.93
C MET C 14 -6.56 27.34 -27.65
N GLY C 15 -6.23 26.23 -27.03
CA GLY C 15 -6.47 24.95 -27.60
C GLY C 15 -6.67 23.96 -26.46
N MET C 16 -7.50 22.97 -26.70
CA MET C 16 -7.93 22.08 -25.61
C MET C 16 -8.52 20.80 -26.11
N LEU C 17 -8.13 19.72 -25.45
CA LEU C 17 -8.81 18.47 -25.50
C LEU C 17 -9.20 18.19 -24.07
N SER C 18 -10.47 17.89 -23.85
CA SER C 18 -11.00 17.61 -22.51
C SER C 18 -12.07 16.56 -22.60
N PRO C 19 -12.50 16.06 -21.44
CA PRO C 19 -13.55 15.08 -21.45
C PRO C 19 -14.90 15.62 -21.89
N VAL C 20 -15.04 16.95 -22.00
CA VAL C 20 -16.30 17.52 -22.45
C VAL C 20 -16.20 18.19 -23.81
N GLY C 21 -15.08 17.98 -24.52
CA GLY C 21 -14.94 18.53 -25.89
C GLY C 21 -13.51 18.59 -26.38
N ASN C 22 -13.31 18.52 -27.69
CA ASN C 22 -11.99 18.49 -28.31
C ASN C 22 -11.57 19.85 -28.88
N THR C 23 -12.30 20.90 -28.49
CA THR C 23 -11.94 22.27 -28.74
C THR C 23 -12.28 23.09 -27.53
N VAL C 24 -11.75 24.30 -27.48
CA VAL C 24 -12.08 25.24 -26.42
C VAL C 24 -13.56 25.58 -26.43
N GLU C 25 -14.07 25.93 -27.62
CA GLU C 25 -15.45 26.36 -27.75
C GLU C 25 -16.45 25.28 -27.33
N SER C 26 -16.23 24.04 -27.75
CA SER C 26 -17.15 22.99 -27.42
C SER C 26 -17.07 22.69 -25.92
N SER C 27 -15.86 22.67 -25.40
CA SER C 27 -15.64 22.38 -23.97
C SER C 27 -16.32 23.45 -23.10
N TRP C 28 -16.13 24.71 -23.45
CA TRP C 28 -16.76 25.81 -22.74
C TRP C 28 -18.29 25.74 -22.77
N LYS C 29 -18.86 25.47 -23.94
CA LYS C 29 -20.31 25.30 -24.06
C LYS C 29 -20.84 24.18 -23.15
N ALA C 30 -20.12 23.07 -23.11
CA ALA C 30 -20.56 21.93 -22.33
C ALA C 30 -20.51 22.27 -20.84
N LEU C 31 -19.47 23.02 -20.46
CA LEU C 31 -19.28 23.37 -19.05
C LEU C 31 -20.37 24.31 -18.58
N LEU C 32 -20.73 25.26 -19.43
CA LEU C 32 -21.83 26.16 -19.09
C LEU C 32 -23.19 25.48 -19.05
N ALA C 33 -23.32 24.35 -19.74
CA ALA C 33 -24.52 23.56 -19.75
C ALA C 33 -24.52 22.53 -18.61
N GLY C 34 -23.48 22.51 -17.79
CA GLY C 34 -23.40 21.54 -16.69
C GLY C 34 -23.18 20.09 -17.13
N GLN C 35 -22.63 19.85 -18.31
CA GLN C 35 -22.45 18.50 -18.84
C GLN C 35 -21.21 17.82 -18.27
N SER C 36 -21.39 16.59 -17.82
CA SER C 36 -20.28 15.77 -17.33
C SER C 36 -19.60 15.07 -18.48
N GLY C 37 -18.28 14.91 -18.38
CA GLY C 37 -17.51 14.15 -19.35
C GLY C 37 -17.03 12.82 -18.82
N ILE C 38 -17.56 12.41 -17.68
CA ILE C 38 -17.11 11.19 -17.03
C ILE C 38 -17.88 10.00 -17.58
N VAL C 39 -17.12 9.00 -18.00
CA VAL C 39 -17.66 7.81 -18.62
C VAL C 39 -16.92 6.57 -18.15
N ASN C 40 -17.53 5.43 -18.39
CA ASN C 40 -16.87 4.19 -18.10
C ASN C 40 -15.66 3.99 -18.99
N ILE C 41 -14.63 3.39 -18.42
CA ILE C 41 -13.43 3.03 -19.17
C ILE C 41 -13.73 1.82 -20.02
N GLU C 42 -13.43 1.92 -21.32
CA GLU C 42 -13.63 0.82 -22.26
C GLU C 42 -12.36 0.28 -22.93
N HIS C 43 -11.23 0.97 -22.75
CA HIS C 43 -10.00 0.63 -23.47
C HIS C 43 -9.07 -0.35 -22.74
N PHE C 44 -9.40 -0.69 -21.50
CA PHE C 44 -8.82 -1.90 -20.89
C PHE C 44 -9.84 -2.55 -19.97
N ASP C 45 -9.57 -3.80 -19.61
CA ASP C 45 -10.43 -4.57 -18.71
C ASP C 45 -10.30 -4.06 -17.27
N THR C 46 -11.40 -3.50 -16.73
CA THR C 46 -11.44 -2.87 -15.42
C THR C 46 -12.04 -3.72 -14.30
N THR C 47 -12.21 -5.01 -14.58
CA THR C 47 -12.82 -5.97 -13.64
C THR C 47 -12.19 -5.94 -12.24
N ASN C 48 -10.86 -5.94 -12.19
CA ASN C 48 -10.15 -6.00 -10.90
C ASN C 48 -9.87 -4.62 -10.29
N PHE C 49 -10.35 -3.55 -10.94
CA PHE C 49 -10.11 -2.19 -10.48
C PHE C 49 -11.21 -1.66 -9.59
N SER C 50 -10.83 -0.94 -8.55
CA SER C 50 -11.79 -0.29 -7.68
C SER C 50 -12.53 0.92 -8.28
N THR C 51 -11.94 1.56 -9.27
CA THR C 51 -12.57 2.69 -9.96
C THR C 51 -12.55 2.31 -11.45
N ARG C 52 -13.73 2.38 -12.11
CA ARG C 52 -13.88 1.85 -13.47
CA ARG C 52 -13.89 1.84 -13.47
C ARG C 52 -14.34 2.92 -14.46
N PHE C 53 -14.25 4.18 -14.05
CA PHE C 53 -14.63 5.31 -14.88
C PHE C 53 -13.60 6.46 -14.79
N ALA C 54 -13.67 7.37 -15.76
CA ALA C 54 -12.73 8.47 -15.87
C ALA C 54 -13.27 9.47 -16.87
N GLY C 55 -12.76 10.70 -16.78
CA GLY C 55 -12.94 11.71 -17.81
C GLY C 55 -12.05 11.44 -19.02
N LEU C 56 -12.62 10.88 -20.08
CA LEU C 56 -11.86 10.50 -21.26
C LEU C 56 -12.05 11.47 -22.42
N VAL C 57 -11.02 11.62 -23.22
CA VAL C 57 -11.13 12.38 -24.45
C VAL C 57 -11.82 11.43 -25.43
N LYS C 58 -12.85 11.90 -26.12
CA LYS C 58 -13.64 11.05 -27.03
C LYS C 58 -13.19 11.27 -28.46
N GLY C 59 -13.01 10.17 -29.20
CA GLY C 59 -12.77 10.24 -30.64
C GLY C 59 -11.53 11.00 -31.06
N PHE C 60 -10.47 10.88 -30.29
CA PHE C 60 -9.28 11.63 -30.64
C PHE C 60 -8.73 11.15 -31.96
N ASP C 61 -8.47 12.08 -32.89
CA ASP C 61 -7.90 11.74 -34.18
C ASP C 61 -6.50 12.35 -34.41
N CYS C 62 -5.47 11.53 -34.21
CA CYS C 62 -4.09 12.01 -34.33
C CYS C 62 -3.79 12.44 -35.76
N GLU C 63 -4.39 11.76 -36.73
CA GLU C 63 -4.17 12.09 -38.14
C GLU C 63 -4.53 13.54 -38.52
N GLN C 64 -5.41 14.20 -37.75
CA GLN C 64 -5.66 15.65 -37.95
C GLN C 64 -4.37 16.50 -37.85
N TYR C 65 -3.38 16.03 -37.09
CA TYR C 65 -2.19 16.85 -36.78
C TYR C 65 -0.87 16.26 -37.23
N MET C 66 -0.82 14.96 -37.47
CA MET C 66 0.42 14.29 -37.79
C MET C 66 0.12 12.96 -38.46
N SER C 67 1.15 12.34 -39.02
CA SER C 67 1.00 11.00 -39.62
C SER C 67 0.92 9.94 -38.53
N LYS C 68 0.31 8.81 -38.85
CA LYS C 68 0.31 7.65 -37.95
C LYS C 68 1.74 7.20 -37.66
N LYS C 69 2.64 7.35 -38.64
CA LYS C 69 4.05 6.92 -38.46
C LYS C 69 4.72 7.79 -37.39
N ASP C 70 4.46 9.10 -37.40
CA ASP C 70 4.96 9.97 -36.33
C ASP C 70 4.33 9.62 -34.96
N ALA C 71 3.01 9.46 -34.96
CA ALA C 71 2.26 9.18 -33.72
C ALA C 71 2.69 7.88 -33.04
N ARG C 72 3.15 6.89 -33.81
CA ARG C 72 3.70 5.68 -33.21
C ARG C 72 4.92 5.99 -32.32
N LYS C 73 5.56 7.12 -32.52
CA LYS C 73 6.71 7.55 -31.72
C LYS C 73 6.37 8.37 -30.46
N MET C 74 5.09 8.48 -30.13
CA MET C 74 4.56 9.36 -29.07
C MET C 74 3.54 8.65 -28.25
N ASP C 75 3.69 8.70 -26.92
CA ASP C 75 2.59 8.32 -26.05
C ASP C 75 1.43 9.29 -26.30
N LEU C 76 0.22 8.86 -25.98
CA LEU C 76 -0.95 9.68 -26.13
C LEU C 76 -0.84 11.00 -25.41
N PHE C 77 -0.23 11.07 -24.22
CA PHE C 77 -0.14 12.37 -23.59
C PHE C 77 0.56 13.40 -24.51
N ILE C 78 1.55 12.95 -25.25
CA ILE C 78 2.27 13.82 -26.19
C ILE C 78 1.38 14.14 -27.38
N GLN C 79 0.70 13.14 -27.93
CA GLN C 79 -0.23 13.40 -29.06
C GLN C 79 -1.27 14.46 -28.64
N TYR C 80 -1.84 14.30 -27.44
CA TYR C 80 -2.82 15.26 -26.95
C TYR C 80 -2.26 16.66 -26.86
N GLY C 81 -1.03 16.77 -26.32
CA GLY C 81 -0.44 18.07 -26.10
C GLY C 81 -0.13 18.74 -27.44
N ILE C 82 0.33 17.95 -28.40
CA ILE C 82 0.59 18.45 -29.76
C ILE C 82 -0.74 18.93 -30.39
N ALA C 83 -1.80 18.17 -30.24
CA ALA C 83 -3.12 18.53 -30.78
C ALA C 83 -3.60 19.85 -30.20
N ALA C 84 -3.59 19.99 -28.88
CA ALA C 84 -3.95 21.24 -28.27
C ALA C 84 -3.02 22.38 -28.66
N GLY C 85 -1.72 22.08 -28.80
CA GLY C 85 -0.75 23.10 -29.15
C GLY C 85 -0.99 23.62 -30.58
N ILE C 86 -1.25 22.70 -31.47
CA ILE C 86 -1.54 23.07 -32.89
C ILE C 86 -2.85 23.87 -32.94
N GLN C 87 -3.88 23.40 -32.26
CA GLN C 87 -5.11 24.16 -32.12
C GLN C 87 -4.84 25.58 -31.67
N ALA C 88 -4.10 25.74 -30.57
CA ALA C 88 -3.87 27.07 -30.03
C ALA C 88 -3.06 27.94 -30.99
N LEU C 89 -2.09 27.36 -31.67
CA LEU C 89 -1.30 28.13 -32.64
C LEU C 89 -2.17 28.54 -33.82
N GLU C 90 -2.98 27.63 -34.32
CA GLU C 90 -3.86 27.92 -35.47
C GLU C 90 -4.90 28.94 -35.03
N ASP C 91 -5.43 28.79 -33.82
CA ASP C 91 -6.32 29.79 -33.25
C ASP C 91 -5.66 31.18 -33.20
N SER C 92 -4.37 31.25 -32.90
CA SER C 92 -3.72 32.54 -32.73
C SER C 92 -3.39 33.19 -34.08
N GLY C 93 -3.23 32.37 -35.11
CA GLY C 93 -2.77 32.86 -36.43
C GLY C 93 -1.31 33.30 -36.47
N LEU C 94 -0.57 33.04 -35.40
CA LEU C 94 0.83 33.43 -35.31
C LEU C 94 1.62 32.81 -36.45
N GLU C 95 2.29 33.65 -37.24
CA GLU C 95 3.14 33.17 -38.32
C GLU C 95 4.57 33.04 -37.80
N VAL C 96 5.15 31.86 -38.01
CA VAL C 96 6.53 31.62 -37.63
C VAL C 96 7.38 31.64 -38.89
N ASN C 97 8.44 32.43 -38.86
CA ASN C 97 9.37 32.52 -39.98
C ASN C 97 10.81 32.54 -39.48
N GLU C 98 11.76 32.58 -40.41
CA GLU C 98 13.17 32.47 -40.08
C GLU C 98 13.57 33.63 -39.17
N GLU C 99 12.94 34.78 -39.35
CA GLU C 99 13.31 35.96 -38.60
C GLU C 99 12.83 35.95 -37.14
N ASN C 100 11.64 35.42 -36.86
CA ASN C 100 11.08 35.49 -35.50
C ASN C 100 11.17 34.17 -34.73
N ALA C 101 11.64 33.10 -35.38
CA ALA C 101 11.57 31.77 -34.78
C ALA C 101 12.26 31.70 -33.42
N ALA C 102 13.37 32.41 -33.27
CA ALA C 102 14.13 32.45 -32.02
C ALA C 102 13.44 33.20 -30.88
N ARG C 103 12.31 33.85 -31.19
CA ARG C 103 11.56 34.65 -30.21
C ARG C 103 10.25 33.98 -29.77
N ILE C 104 10.01 32.78 -30.30
CA ILE C 104 8.78 32.06 -30.05
C ILE C 104 9.17 30.70 -29.49
N GLY C 105 8.76 30.46 -28.25
CA GLY C 105 9.15 29.23 -27.56
C GLY C 105 7.99 28.45 -27.01
N VAL C 106 8.30 27.50 -26.08
CA VAL C 106 7.31 26.54 -25.66
C VAL C 106 7.58 26.21 -24.20
N ALA C 107 6.51 26.17 -23.44
CA ALA C 107 6.56 25.77 -21.99
C ALA C 107 5.39 24.83 -21.72
N ILE C 108 5.62 23.55 -21.93
CA ILE C 108 4.56 22.55 -21.83
C ILE C 108 5.06 21.33 -21.10
N GLY C 109 4.28 20.89 -20.12
CA GLY C 109 4.62 19.68 -19.36
C GLY C 109 3.48 18.72 -19.13
N SER C 110 3.77 17.74 -18.28
CA SER C 110 2.82 16.72 -17.92
C SER C 110 3.23 16.36 -16.49
N GLY C 111 2.29 15.84 -15.71
CA GLY C 111 2.57 15.38 -14.35
C GLY C 111 3.25 14.01 -14.30
N ILE C 112 2.80 13.09 -15.14
CA ILE C 112 3.27 11.70 -15.14
C ILE C 112 3.88 11.25 -16.47
N GLY C 113 3.51 11.87 -17.60
CA GLY C 113 4.05 11.39 -18.84
C GLY C 113 3.49 10.10 -19.37
N GLY C 114 4.32 9.37 -20.11
CA GLY C 114 3.83 8.35 -21.00
C GLY C 114 3.69 6.99 -20.33
N LEU C 115 2.78 6.90 -19.36
CA LEU C 115 2.59 5.63 -18.60
C LEU C 115 2.28 4.43 -19.50
N GLU C 116 1.36 4.60 -20.45
CA GLU C 116 1.00 3.50 -21.34
C GLU C 116 2.23 2.91 -22.06
N LEU C 117 3.06 3.75 -22.68
CA LEU C 117 4.24 3.27 -23.36
C LEU C 117 5.35 2.80 -22.42
N ILE C 118 5.37 3.31 -21.21
CA ILE C 118 6.26 2.75 -20.21
C ILE C 118 5.83 1.31 -19.87
N GLU C 119 4.54 1.13 -19.58
CA GLU C 119 3.97 -0.20 -19.36
C GLU C 119 4.29 -1.14 -20.53
N THR C 120 4.11 -0.66 -21.74
CA THR C 120 4.35 -1.47 -22.92
C THR C 120 5.84 -1.84 -23.06
N GLY C 121 6.73 -0.90 -22.73
CA GLY C 121 8.14 -1.12 -22.79
C GLY C 121 8.57 -2.14 -21.76
N HIS C 122 8.04 -2.02 -20.57
CA HIS C 122 8.38 -2.98 -19.53
C HIS C 122 7.91 -4.39 -19.88
N GLN C 123 6.68 -4.49 -20.38
CA GLN C 123 6.14 -5.78 -20.84
C GLN C 123 7.05 -6.42 -21.89
N ALA C 124 7.49 -5.63 -22.87
CA ALA C 124 8.42 -6.11 -23.89
C ALA C 124 9.74 -6.60 -23.29
N LEU C 125 10.27 -5.84 -22.36
CA LEU C 125 11.50 -6.19 -21.69
C LEU C 125 11.37 -7.55 -21.02
N ILE C 126 10.28 -7.74 -20.29
CA ILE C 126 10.08 -8.93 -19.48
C ILE C 126 9.76 -10.13 -20.35
N GLU C 127 8.95 -9.92 -21.39
CA GLU C 127 8.52 -11.00 -22.29
C GLU C 127 9.62 -11.43 -23.22
N LYS C 128 10.24 -10.46 -23.90
CA LYS C 128 11.17 -10.75 -24.99
C LYS C 128 12.57 -10.13 -24.83
N GLY C 129 12.84 -9.47 -23.72
CA GLY C 129 14.18 -8.93 -23.49
C GLY C 129 14.44 -7.55 -24.07
N PRO C 130 15.59 -6.95 -23.68
CA PRO C 130 15.91 -5.55 -23.97
C PRO C 130 15.90 -5.20 -25.43
N ARG C 131 16.23 -6.15 -26.30
CA ARG C 131 16.32 -5.85 -27.72
C ARG C 131 14.95 -5.59 -28.33
N LYS C 132 13.89 -6.00 -27.66
CA LYS C 132 12.53 -5.77 -28.19
C LYS C 132 11.87 -4.48 -27.64
N VAL C 133 12.56 -3.73 -26.77
CA VAL C 133 12.05 -2.41 -26.35
C VAL C 133 12.14 -1.46 -27.55
N SER C 134 11.12 -0.63 -27.71
CA SER C 134 11.08 0.32 -28.82
C SER C 134 12.30 1.23 -28.83
N PRO C 135 12.89 1.44 -30.04
CA PRO C 135 13.93 2.46 -30.20
C PRO C 135 13.48 3.85 -29.75
N PHE C 136 12.18 4.10 -29.76
CA PHE C 136 11.66 5.41 -29.37
C PHE C 136 11.18 5.45 -27.93
N PHE C 137 11.54 4.43 -27.14
CA PHE C 137 11.07 4.40 -25.78
C PHE C 137 11.18 5.75 -25.06
N VAL C 138 12.39 6.30 -25.03
CA VAL C 138 12.63 7.48 -24.18
C VAL C 138 11.93 8.71 -24.73
N PRO C 139 12.15 9.03 -26.01
CA PRO C 139 11.45 10.21 -26.54
C PRO C 139 9.93 10.09 -26.53
N SER C 140 9.40 8.87 -26.51
CA SER C 140 7.97 8.66 -26.53
C SER C 140 7.33 8.82 -25.16
N THR C 141 8.12 8.80 -24.09
CA THR C 141 7.58 8.75 -22.75
C THR C 141 7.89 9.91 -21.82
N ILE C 142 9.02 10.58 -22.00
CA ILE C 142 9.46 11.57 -21.03
C ILE C 142 8.70 12.88 -21.17
N VAL C 143 8.60 13.62 -20.09
CA VAL C 143 7.56 14.67 -19.98
C VAL C 143 7.84 15.93 -20.80
N ASN C 144 9.08 16.13 -21.23
CA ASN C 144 9.43 17.35 -21.93
C ASN C 144 9.17 17.21 -23.43
N MET C 145 8.72 16.04 -23.86
CA MET C 145 8.63 15.76 -25.31
C MET C 145 7.40 16.32 -25.98
N ILE C 146 6.47 16.92 -25.23
CA ILE C 146 5.42 17.71 -25.89
C ILE C 146 6.04 18.99 -26.40
N ALA C 147 6.78 19.65 -25.50
CA ALA C 147 7.54 20.85 -25.86
C ALA C 147 8.53 20.59 -27.00
N GLY C 148 9.23 19.46 -26.92
CA GLY C 148 10.21 19.06 -27.92
C GLY C 148 9.57 18.86 -29.28
N ASN C 149 8.57 17.99 -29.35
CA ASN C 149 7.91 17.67 -30.62
C ASN C 149 7.19 18.85 -31.22
N LEU C 150 6.52 19.65 -30.39
CA LEU C 150 5.83 20.81 -30.93
C LEU C 150 6.83 21.83 -31.46
N SER C 151 7.93 22.03 -30.73
CA SER C 151 8.98 22.93 -31.23
C SER C 151 9.46 22.52 -32.63
N ILE C 152 9.71 21.22 -32.78
CA ILE C 152 10.27 20.64 -34.03
C ILE C 152 9.24 20.78 -35.13
N MET C 153 8.01 20.41 -34.86
CA MET C 153 6.96 20.42 -35.86
C MET C 153 6.68 21.82 -36.39
N ARG C 154 6.78 22.81 -35.52
CA ARG C 154 6.41 24.19 -35.87
C ARG C 154 7.52 25.20 -35.97
N GLY C 155 8.78 24.75 -35.85
CA GLY C 155 9.91 25.64 -36.03
C GLY C 155 10.08 26.67 -34.94
N LEU C 156 9.82 26.28 -33.69
CA LEU C 156 9.87 27.21 -32.56
C LEU C 156 11.22 27.10 -31.86
N ARG C 157 12.02 28.16 -31.88
CA ARG C 157 13.41 28.11 -31.45
C ARG C 157 13.65 28.94 -30.21
N GLY C 158 12.58 29.43 -29.58
CA GLY C 158 12.66 30.30 -28.42
C GLY C 158 12.86 29.37 -27.20
N PRO C 159 12.88 29.93 -26.01
CA PRO C 159 13.04 29.06 -24.81
C PRO C 159 12.15 27.86 -24.85
N ASN C 160 12.72 26.70 -24.46
CA ASN C 160 12.01 25.43 -24.58
C ASN C 160 12.05 24.78 -23.20
N ILE C 161 10.93 24.80 -22.49
CA ILE C 161 10.89 24.24 -21.13
C ILE C 161 9.64 23.41 -20.91
N ALA C 162 9.68 22.60 -19.84
CA ALA C 162 8.61 21.78 -19.48
C ALA C 162 8.67 21.71 -17.94
N ILE C 163 7.72 22.36 -17.29
CA ILE C 163 7.56 22.24 -15.86
C ILE C 163 6.65 21.05 -15.57
N SER C 164 7.01 20.22 -14.56
CA SER C 164 6.29 19.02 -14.23
C SER C 164 6.08 18.98 -12.73
N THR C 165 4.93 19.49 -12.29
CA THR C 165 4.60 19.77 -10.87
C THR C 165 3.26 19.17 -10.54
N ALA C 166 3.11 17.91 -10.91
CA ALA C 166 1.89 17.15 -10.63
C ALA C 166 0.66 17.92 -11.10
N CYS C 167 -0.32 18.12 -10.23
CA CYS C 167 -1.56 18.87 -10.52
C CYS C 167 -1.41 20.34 -10.92
N THR C 168 -0.26 20.93 -10.65
CA THR C 168 -0.03 22.33 -10.86
C THR C 168 0.63 22.62 -12.23
N THR C 169 1.01 21.54 -12.90
CA THR C 169 1.84 21.59 -14.09
C THR C 169 1.33 22.65 -15.08
N GLY C 170 0.08 22.57 -15.46
CA GLY C 170 -0.40 23.40 -16.59
C GLY C 170 -0.38 24.85 -16.23
N LEU C 171 -0.60 25.13 -14.95
CA LEU C 171 -0.64 26.47 -14.45
C LEU C 171 0.77 27.07 -14.38
N HIS C 172 1.70 26.32 -13.76
CA HIS C 172 3.09 26.72 -13.73
C HIS C 172 3.68 27.02 -15.13
N ASN C 173 3.43 26.14 -16.07
CA ASN C 173 3.97 26.37 -17.43
C ASN C 173 3.45 27.67 -18.01
N ILE C 174 2.16 27.95 -17.82
CA ILE C 174 1.58 29.24 -18.29
C ILE C 174 2.21 30.40 -17.55
N GLY C 175 2.37 30.27 -16.22
CA GLY C 175 2.91 31.37 -15.50
C GLY C 175 4.32 31.72 -15.85
N HIS C 176 5.16 30.69 -15.97
CA HIS C 176 6.53 30.91 -16.30
C HIS C 176 6.71 31.32 -17.76
N ALA C 177 5.84 30.82 -18.62
CA ALA C 177 5.84 31.34 -20.01
C ALA C 177 5.62 32.86 -19.98
N ALA C 178 4.66 33.33 -19.19
CA ALA C 178 4.40 34.77 -19.06
C ALA C 178 5.61 35.50 -18.50
N ARG C 179 6.22 34.93 -17.45
CA ARG C 179 7.43 35.49 -16.88
CA ARG C 179 7.43 35.49 -16.88
C ARG C 179 8.53 35.67 -17.94
N MET C 180 8.72 34.65 -18.76
CA MET C 180 9.81 34.66 -19.73
C MET C 180 9.54 35.72 -20.79
N ILE C 181 8.29 35.91 -21.17
CA ILE C 181 7.95 36.98 -22.14
C ILE C 181 8.17 38.34 -21.48
N ALA C 182 7.66 38.50 -20.26
CA ALA C 182 7.87 39.74 -19.51
C ALA C 182 9.35 40.07 -19.34
N TYR C 183 10.19 39.04 -19.17
CA TYR C 183 11.64 39.22 -18.92
C TYR C 183 12.42 39.60 -20.18
N GLY C 184 11.89 39.25 -21.33
CA GLY C 184 12.54 39.52 -22.61
C GLY C 184 13.13 38.30 -23.32
N ASP C 185 12.95 37.10 -22.76
CA ASP C 185 13.49 35.89 -23.40
C ASP C 185 12.72 35.49 -24.64
N ALA C 186 11.46 35.94 -24.75
CA ALA C 186 10.61 35.56 -25.89
C ALA C 186 9.56 36.63 -26.12
N ASP C 187 9.03 36.69 -27.33
CA ASP C 187 7.88 37.56 -27.64
C ASP C 187 6.58 36.80 -27.63
N ALA C 188 6.66 35.48 -27.83
CA ALA C 188 5.48 34.60 -27.73
C ALA C 188 5.90 33.24 -27.18
N MET C 189 4.95 32.57 -26.54
CA MET C 189 5.17 31.25 -25.96
C MET C 189 3.93 30.41 -26.11
N VAL C 190 4.11 29.16 -26.48
CA VAL C 190 3.04 28.17 -26.47
C VAL C 190 3.17 27.35 -25.17
N ALA C 191 2.16 27.41 -24.32
CA ALA C 191 2.30 26.95 -22.89
C ALA C 191 1.08 26.21 -22.34
N GLY C 192 1.34 25.24 -21.43
CA GLY C 192 0.27 24.53 -20.81
C GLY C 192 0.71 23.17 -20.31
N GLY C 193 -0.20 22.23 -20.39
CA GLY C 193 0.08 20.86 -20.02
C GLY C 193 -0.84 19.85 -20.66
N ALA C 194 -0.43 18.59 -20.55
CA ALA C 194 -1.19 17.46 -21.06
C ALA C 194 -1.02 16.25 -20.16
N GLU C 195 -2.03 15.40 -20.15
CA GLU C 195 -1.98 14.15 -19.37
C GLU C 195 -2.83 13.09 -20.04
N LYS C 196 -2.33 11.85 -20.01
CA LYS C 196 -3.15 10.68 -20.32
C LYS C 196 -2.75 9.55 -19.34
N ALA C 197 -3.17 9.72 -18.11
CA ALA C 197 -2.86 8.76 -17.05
C ALA C 197 -3.98 7.71 -16.81
N SER C 198 -5.02 7.68 -17.64
CA SER C 198 -6.09 6.69 -17.49
C SER C 198 -5.67 5.35 -18.07
N THR C 199 -4.63 4.77 -17.48
CA THR C 199 -4.05 3.56 -17.96
C THR C 199 -4.17 2.56 -16.80
N PRO C 200 -3.94 1.30 -17.08
CA PRO C 200 -4.00 0.30 -15.99
C PRO C 200 -3.14 0.70 -14.82
N LEU C 201 -1.85 0.96 -15.06
CA LEU C 201 -0.97 1.31 -13.94
C LEU C 201 -1.34 2.65 -13.30
N GLY C 202 -1.80 3.62 -14.11
CA GLY C 202 -2.25 4.87 -13.54
C GLY C 202 -3.46 4.75 -12.61
N MET C 203 -4.49 4.03 -13.10
CA MET C 203 -5.71 3.81 -12.31
C MET C 203 -5.35 2.97 -11.08
N ALA C 204 -4.47 2.01 -11.25
CA ALA C 204 -4.05 1.16 -10.12
C ALA C 204 -3.27 1.93 -9.09
N GLY C 205 -2.34 2.78 -9.53
CA GLY C 205 -1.55 3.61 -8.61
C GLY C 205 -2.35 4.60 -7.79
N PHE C 206 -3.23 5.36 -8.43
CA PHE C 206 -4.10 6.26 -7.68
C PHE C 206 -5.10 5.48 -6.81
N GLY C 207 -5.56 4.33 -7.30
CA GLY C 207 -6.49 3.50 -6.57
C GLY C 207 -5.83 2.98 -5.28
N ALA C 208 -4.58 2.56 -5.38
CA ALA C 208 -3.86 2.01 -4.22
C ALA C 208 -3.69 3.06 -3.14
N ALA C 209 -3.61 4.33 -3.55
CA ALA C 209 -3.53 5.44 -2.62
C ALA C 209 -4.90 5.84 -2.03
N LYS C 210 -5.96 5.16 -2.47
CA LYS C 210 -7.33 5.46 -2.06
C LYS C 210 -7.67 6.91 -2.39
N ALA C 211 -7.16 7.41 -3.51
CA ALA C 211 -7.35 8.82 -3.85
C ALA C 211 -8.56 9.05 -4.77
N LEU C 212 -9.08 8.00 -5.37
CA LEU C 212 -10.16 8.13 -6.34
C LEU C 212 -11.53 7.81 -5.76
N SER C 213 -12.54 8.53 -6.24
CA SER C 213 -13.94 8.08 -6.06
C SER C 213 -14.15 6.69 -6.61
N THR C 214 -14.92 5.88 -5.87
CA THR C 214 -15.30 4.56 -6.31
C THR C 214 -16.82 4.46 -6.56
N ARG C 215 -17.43 5.57 -6.91
CA ARG C 215 -18.88 5.61 -7.21
C ARG C 215 -19.17 5.08 -8.61
N ASN C 216 -18.91 3.78 -8.82
CA ASN C 216 -19.00 3.15 -10.11
C ASN C 216 -20.41 3.04 -10.66
N ASP C 217 -21.40 3.08 -9.76
CA ASP C 217 -22.82 3.01 -10.16
C ASP C 217 -23.32 4.29 -10.83
N GLU C 218 -22.75 5.43 -10.45
CA GLU C 218 -23.13 6.72 -11.02
C GLU C 218 -21.89 7.57 -11.33
N PRO C 219 -21.16 7.24 -12.40
CA PRO C 219 -19.90 7.95 -12.69
C PRO C 219 -20.05 9.47 -12.79
N GLN C 220 -21.17 9.94 -13.33
CA GLN C 220 -21.36 11.36 -13.55
C GLN C 220 -21.67 12.11 -12.29
N LYS C 221 -22.00 11.41 -11.21
CA LYS C 221 -22.20 12.02 -9.89
C LYS C 221 -21.01 11.87 -8.94
N ALA C 222 -19.98 11.17 -9.40
CA ALA C 222 -18.83 10.87 -8.55
C ALA C 222 -18.07 12.11 -8.12
N SER C 223 -17.86 13.03 -9.07
CA SER C 223 -17.09 14.23 -8.79
C SER C 223 -18.00 15.29 -8.20
N ARG C 224 -17.84 15.56 -6.90
CA ARG C 224 -18.79 16.44 -6.21
C ARG C 224 -18.05 17.31 -5.20
N PRO C 225 -17.26 18.28 -5.69
CA PRO C 225 -16.47 19.14 -4.84
C PRO C 225 -17.29 19.84 -3.76
N TRP C 226 -16.81 19.75 -2.51
CA TRP C 226 -17.44 20.39 -1.35
C TRP C 226 -18.73 19.72 -0.89
N ASP C 227 -19.20 18.71 -1.60
CA ASP C 227 -20.39 17.99 -1.18
C ASP C 227 -20.02 17.03 -0.05
N LYS C 228 -20.91 16.91 0.93
CA LYS C 228 -20.65 16.05 2.10
C LYS C 228 -20.35 14.59 1.76
N ASP C 229 -20.83 14.07 0.63
CA ASP C 229 -20.62 12.66 0.25
C ASP C 229 -19.50 12.40 -0.76
N ARG C 230 -18.64 13.40 -0.95
CA ARG C 230 -17.47 13.23 -1.81
C ARG C 230 -16.55 12.15 -1.26
N ASP C 231 -15.90 11.41 -2.15
CA ASP C 231 -15.07 10.27 -1.75
C ASP C 231 -13.81 10.12 -2.61
N GLY C 232 -13.26 11.25 -3.06
CA GLY C 232 -11.98 11.29 -3.78
C GLY C 232 -12.17 11.80 -5.20
N PHE C 233 -11.07 12.07 -5.90
CA PHE C 233 -11.21 12.69 -7.23
C PHE C 233 -11.53 11.69 -8.32
N VAL C 234 -11.89 12.22 -9.48
CA VAL C 234 -12.16 11.44 -10.67
C VAL C 234 -11.06 11.82 -11.67
N LEU C 235 -10.33 10.84 -12.16
CA LEU C 235 -9.16 11.09 -13.01
C LEU C 235 -9.71 11.41 -14.39
N GLY C 236 -9.11 12.41 -15.03
CA GLY C 236 -9.41 12.70 -16.43
C GLY C 236 -8.17 12.99 -17.25
N ASP C 237 -8.30 12.87 -18.56
CA ASP C 237 -7.22 13.08 -19.50
C ASP C 237 -7.52 14.34 -20.30
N GLY C 238 -6.48 14.90 -20.88
CA GLY C 238 -6.62 16.06 -21.72
C GLY C 238 -5.37 16.84 -21.94
N ALA C 239 -5.57 18.02 -22.50
CA ALA C 239 -4.51 18.97 -22.77
C ALA C 239 -5.13 20.36 -22.86
N GLY C 240 -4.47 21.32 -22.26
CA GLY C 240 -4.83 22.71 -22.36
C GLY C 240 -3.62 23.56 -22.66
N ILE C 241 -3.70 24.37 -23.74
CA ILE C 241 -2.58 25.15 -24.18
C ILE C 241 -3.06 26.55 -24.51
N MET C 242 -2.25 27.51 -24.11
CA MET C 242 -2.40 28.90 -24.49
C MET C 242 -1.23 29.38 -25.31
N VAL C 243 -1.49 30.20 -26.34
CA VAL C 243 -0.46 31.01 -26.92
C VAL C 243 -0.43 32.31 -26.16
N LEU C 244 0.73 32.64 -25.58
CA LEU C 244 0.92 33.88 -24.87
C LEU C 244 1.80 34.75 -25.73
N GLU C 245 1.58 36.04 -25.64
CA GLU C 245 2.25 36.96 -26.54
C GLU C 245 2.43 38.31 -25.89
N GLU C 246 3.56 38.96 -26.17
CA GLU C 246 3.74 40.33 -25.69
C GLU C 246 2.65 41.21 -26.29
N TYR C 247 2.11 42.11 -25.48
CA TYR C 247 0.90 42.84 -25.84
C TYR C 247 1.05 43.66 -27.11
N GLU C 248 2.10 44.43 -27.18
CA GLU C 248 2.26 45.29 -28.36
C GLU C 248 2.48 44.50 -29.63
N HIS C 249 3.21 43.39 -29.51
CA HIS C 249 3.45 42.49 -30.63
C HIS C 249 2.10 41.94 -31.11
N ALA C 250 1.26 41.60 -30.14
CA ALA C 250 -0.06 41.04 -30.43
C ALA C 250 -0.97 42.03 -31.18
N LYS C 251 -1.09 43.24 -30.65
CA LYS C 251 -1.85 44.30 -31.32
C LYS C 251 -1.32 44.56 -32.71
N ALA C 252 -0.01 44.68 -32.83
CA ALA C 252 0.63 45.03 -34.10
C ALA C 252 0.31 44.08 -35.25
N ARG C 253 0.13 42.78 -34.97
CA ARG C 253 -0.23 41.84 -36.04
C ARG C 253 -1.73 41.59 -36.18
N GLY C 254 -2.53 42.26 -35.37
CA GLY C 254 -3.96 42.07 -35.36
C GLY C 254 -4.43 40.78 -34.70
N ALA C 255 -3.76 40.40 -33.61
CA ALA C 255 -4.09 39.18 -32.84
C ALA C 255 -5.48 39.32 -32.24
N LYS C 256 -6.19 38.20 -32.11
CA LYS C 256 -7.33 38.14 -31.16
C LYS C 256 -6.71 38.19 -29.80
N ILE C 257 -7.23 39.05 -28.92
CA ILE C 257 -6.76 39.14 -27.55
C ILE C 257 -7.88 38.73 -26.59
N TYR C 258 -7.69 37.60 -25.92
CA TYR C 258 -8.71 37.04 -25.05
C TYR C 258 -8.67 37.66 -23.64
N ALA C 259 -7.47 37.94 -23.17
CA ALA C 259 -7.27 38.36 -21.79
C ALA C 259 -5.81 38.64 -21.57
N GLU C 260 -5.50 39.28 -20.44
CA GLU C 260 -4.15 39.60 -20.08
C GLU C 260 -3.76 38.77 -18.87
N VAL C 261 -2.53 38.28 -18.88
CA VAL C 261 -1.97 37.59 -17.72
C VAL C 261 -1.36 38.65 -16.83
N VAL C 262 -1.95 38.89 -15.65
CA VAL C 262 -1.50 40.00 -14.80
C VAL C 262 -0.88 39.57 -13.47
N GLY C 263 -1.17 38.38 -13.01
CA GLY C 263 -0.61 37.89 -11.71
C GLY C 263 -0.30 36.41 -11.76
N PHE C 264 0.84 36.03 -11.16
CA PHE C 264 1.28 34.66 -11.01
C PHE C 264 1.93 34.55 -9.64
N GLY C 265 1.45 33.62 -8.83
CA GLY C 265 1.99 33.39 -7.49
C GLY C 265 2.23 31.93 -7.22
N MET C 266 3.18 31.62 -6.33
CA MET C 266 3.57 30.27 -6.09
C MET C 266 3.87 30.12 -4.62
N SER C 267 3.70 28.91 -4.12
CA SER C 267 4.05 28.57 -2.73
C SER C 267 4.11 27.07 -2.52
N GLY C 268 4.48 26.65 -1.31
CA GLY C 268 4.49 25.26 -0.99
C GLY C 268 3.92 25.07 0.41
N ASP C 269 3.00 24.13 0.53
CA ASP C 269 2.35 23.84 1.82
C ASP C 269 3.37 23.40 2.87
N ALA C 270 4.34 22.57 2.45
CA ALA C 270 5.36 22.01 3.34
C ALA C 270 4.71 21.25 4.50
N TYR C 271 3.66 20.49 4.19
CA TYR C 271 2.84 19.87 5.21
C TYR C 271 2.82 18.37 5.11
N HIS C 272 2.46 17.86 3.94
CA HIS C 272 2.26 16.43 3.77
C HIS C 272 2.26 16.06 2.29
N MET C 273 2.70 14.84 2.03
CA MET C 273 2.90 14.27 0.69
C MET C 273 1.65 14.38 -0.21
N THR C 274 0.47 14.20 0.38
CA THR C 274 -0.81 14.20 -0.33
C THR C 274 -1.95 15.02 0.31
N SER C 275 -1.88 15.30 1.61
CA SER C 275 -2.89 16.09 2.33
C SER C 275 -2.49 17.56 2.33
N PRO C 276 -3.45 18.47 2.22
CA PRO C 276 -3.10 19.89 2.20
C PRO C 276 -3.11 20.45 3.61
N SER C 277 -2.49 21.62 3.78
CA SER C 277 -2.46 22.27 5.08
C SER C 277 -3.90 22.38 5.59
N GLU C 278 -4.14 21.94 6.82
CA GLU C 278 -5.47 22.02 7.43
C GLU C 278 -6.05 23.45 7.36
N ASP C 279 -5.20 24.46 7.56
CA ASP C 279 -5.65 25.83 7.60
C ASP C 279 -5.74 26.50 6.22
N GLY C 280 -5.35 25.79 5.16
CA GLY C 280 -5.39 26.36 3.80
C GLY C 280 -4.35 27.45 3.51
N SER C 281 -3.39 27.62 4.40
CA SER C 281 -2.45 28.75 4.36
C SER C 281 -1.50 28.69 3.16
N GLY C 282 -1.13 27.49 2.74
CA GLY C 282 -0.25 27.33 1.58
C GLY C 282 -0.90 27.88 0.31
N GLY C 283 -2.14 27.48 0.06
CA GLY C 283 -2.92 28.05 -1.05
C GLY C 283 -3.04 29.56 -0.94
N ALA C 284 -3.26 30.06 0.27
CA ALA C 284 -3.42 31.49 0.50
C ALA C 284 -2.14 32.24 0.10
N LEU C 285 -0.98 31.70 0.46
CA LEU C 285 0.29 32.31 0.07
C LEU C 285 0.39 32.50 -1.44
N ALA C 286 0.05 31.47 -2.19
CA ALA C 286 0.13 31.54 -3.65
C ALA C 286 -0.84 32.60 -4.18
N MET C 287 -2.06 32.58 -3.69
CA MET C 287 -3.06 33.57 -4.10
C MET C 287 -2.61 34.97 -3.74
N GLU C 288 -2.14 35.13 -2.52
CA GLU C 288 -1.66 36.43 -2.10
C GLU C 288 -0.51 36.95 -2.98
N ALA C 289 0.42 36.08 -3.32
CA ALA C 289 1.56 36.49 -4.16
C ALA C 289 1.04 36.91 -5.52
N ALA C 290 0.05 36.20 -6.04
CA ALA C 290 -0.49 36.51 -7.37
C ALA C 290 -1.19 37.87 -7.36
N MET C 291 -1.92 38.13 -6.28
CA MET C 291 -2.63 39.40 -6.11
C MET C 291 -1.66 40.58 -6.00
N ARG C 292 -0.59 40.43 -5.22
CA ARG C 292 0.48 41.44 -5.17
C ARG C 292 1.11 41.66 -6.54
N ASP C 293 1.39 40.57 -7.25
CA ASP C 293 1.96 40.62 -8.59
C ASP C 293 1.06 41.44 -9.52
N ALA C 294 -0.26 41.21 -9.44
CA ALA C 294 -1.22 41.89 -10.31
C ALA C 294 -1.60 43.28 -9.77
N GLY C 295 -1.26 43.54 -8.51
CA GLY C 295 -1.63 44.80 -7.86
C GLY C 295 -3.13 44.95 -7.69
N VAL C 296 -3.81 43.84 -7.37
CA VAL C 296 -5.25 43.86 -7.09
C VAL C 296 -5.59 43.44 -5.66
N THR C 297 -6.80 43.80 -5.23
CA THR C 297 -7.35 43.41 -3.92
C THR C 297 -8.48 42.41 -4.11
N GLY C 298 -8.89 41.79 -3.02
CA GLY C 298 -9.94 40.76 -3.06
C GLY C 298 -11.19 41.20 -3.78
N GLU C 299 -11.60 42.43 -3.54
CA GLU C 299 -12.84 42.95 -4.12
C GLU C 299 -12.83 42.98 -5.65
N GLN C 300 -11.64 43.00 -6.26
CA GLN C 300 -11.54 43.08 -7.72
C GLN C 300 -11.59 41.71 -8.40
N ILE C 301 -11.45 40.65 -7.63
CA ILE C 301 -11.54 39.29 -8.20
C ILE C 301 -13.00 38.80 -8.23
N GLY C 302 -13.59 38.72 -9.42
CA GLY C 302 -14.99 38.27 -9.53
C GLY C 302 -15.21 36.77 -9.46
N TYR C 303 -14.19 35.98 -9.84
CA TYR C 303 -14.34 34.53 -9.98
C TYR C 303 -13.03 33.85 -9.64
N VAL C 304 -13.10 32.78 -8.87
CA VAL C 304 -11.99 31.86 -8.69
C VAL C 304 -12.37 30.49 -9.18
N ASN C 305 -11.63 29.99 -10.17
CA ASN C 305 -11.79 28.63 -10.63
C ASN C 305 -10.90 27.85 -9.70
N ALA C 306 -11.54 27.12 -8.82
CA ALA C 306 -10.87 26.51 -7.69
C ALA C 306 -10.20 25.22 -8.10
N HIS C 307 -9.25 24.77 -7.28
CA HIS C 307 -8.63 23.47 -7.48
C HIS C 307 -9.66 22.37 -7.24
N GLY C 308 -10.41 22.49 -6.14
CA GLY C 308 -11.61 21.66 -5.83
C GLY C 308 -11.73 20.29 -6.48
N THR C 309 -10.94 19.34 -6.01
CA THR C 309 -10.84 18.03 -6.66
C THR C 309 -11.87 16.98 -6.20
N SER C 310 -12.64 17.29 -5.15
CA SER C 310 -13.66 16.38 -4.58
C SER C 310 -13.04 15.40 -3.58
N THR C 311 -12.04 15.87 -2.82
CA THR C 311 -11.42 15.05 -1.78
C THR C 311 -11.88 15.57 -0.43
N PRO C 312 -12.08 14.69 0.56
CA PRO C 312 -12.50 15.14 1.89
C PRO C 312 -11.66 16.30 2.48
N ALA C 313 -10.36 16.10 2.57
CA ALA C 313 -9.49 17.13 3.19
C ALA C 313 -9.21 18.36 2.32
N GLY C 314 -9.00 18.12 1.03
CA GLY C 314 -8.63 19.21 0.11
C GLY C 314 -9.62 20.33 -0.09
N ASP C 315 -10.88 19.98 -0.28
CA ASP C 315 -11.88 20.94 -0.71
C ASP C 315 -12.09 22.04 0.33
N VAL C 316 -12.17 21.62 1.60
CA VAL C 316 -12.39 22.54 2.71
C VAL C 316 -11.23 23.50 2.88
N ALA C 317 -10.01 22.96 2.91
CA ALA C 317 -8.81 23.77 3.09
C ALA C 317 -8.70 24.89 2.05
N GLU C 318 -9.03 24.60 0.80
CA GLU C 318 -8.94 25.61 -0.25
C GLU C 318 -9.88 26.79 -0.01
N VAL C 319 -11.10 26.51 0.45
CA VAL C 319 -12.01 27.61 0.79
C VAL C 319 -11.46 28.49 1.91
N LYS C 320 -10.91 27.88 2.96
CA LYS C 320 -10.29 28.69 3.99
C LYS C 320 -9.21 29.59 3.40
N GLY C 321 -8.39 29.05 2.52
CA GLY C 321 -7.34 29.84 1.89
C GLY C 321 -7.86 30.96 1.01
N ILE C 322 -8.93 30.70 0.27
CA ILE C 322 -9.53 31.73 -0.57
C ILE C 322 -10.05 32.88 0.28
N LYS C 323 -10.71 32.54 1.39
CA LYS C 323 -11.24 33.55 2.31
C LYS C 323 -10.13 34.41 2.92
N ARG C 324 -9.03 33.77 3.30
CA ARG C 324 -7.87 34.53 3.79
C ARG C 324 -7.30 35.47 2.72
N ALA C 325 -7.04 34.94 1.54
CA ALA C 325 -6.42 35.73 0.47
C ALA C 325 -7.29 36.86 0.04
N LEU C 326 -8.59 36.60 -0.08
CA LEU C 326 -9.50 37.62 -0.56
C LEU C 326 -9.93 38.62 0.50
N GLY C 327 -9.92 38.22 1.77
CA GLY C 327 -10.36 39.14 2.83
C GLY C 327 -11.89 39.20 2.90
N GLU C 328 -12.40 39.91 3.91
CA GLU C 328 -13.83 39.94 4.18
C GLU C 328 -14.65 40.49 3.01
N ALA C 329 -14.30 41.67 2.55
CA ALA C 329 -15.01 42.30 1.45
C ALA C 329 -14.94 41.45 0.18
N GLY C 330 -13.76 40.95 -0.16
CA GLY C 330 -13.61 40.11 -1.34
C GLY C 330 -14.43 38.84 -1.29
N THR C 331 -14.41 38.19 -0.13
CA THR C 331 -15.11 36.96 0.04
C THR C 331 -16.65 37.12 -0.16
N LYS C 332 -17.18 38.26 0.27
CA LYS C 332 -18.62 38.51 0.16
C LYS C 332 -19.10 38.53 -1.29
N GLN C 333 -18.26 39.02 -2.21
CA GLN C 333 -18.70 39.30 -3.59
C GLN C 333 -18.19 38.29 -4.64
N VAL C 334 -17.24 37.45 -4.27
CA VAL C 334 -16.61 36.54 -5.24
C VAL C 334 -17.49 35.35 -5.55
N LEU C 335 -17.34 34.82 -6.77
CA LEU C 335 -17.81 33.49 -7.13
C LEU C 335 -16.65 32.50 -7.18
N VAL C 336 -16.90 31.27 -6.75
CA VAL C 336 -15.92 30.20 -6.73
C VAL C 336 -16.61 29.00 -7.33
N SER C 337 -15.94 28.28 -8.23
CA SER C 337 -16.50 27.02 -8.68
C SER C 337 -15.39 26.06 -9.08
N SER C 338 -15.72 24.76 -9.07
CA SER C 338 -14.83 23.76 -9.56
C SER C 338 -15.42 23.08 -10.74
N THR C 339 -14.78 23.25 -11.89
CA THR C 339 -15.20 22.55 -13.09
C THR C 339 -14.75 21.11 -13.13
N LYS C 340 -13.94 20.68 -12.16
CA LYS C 340 -13.64 19.27 -12.01
C LYS C 340 -14.91 18.48 -11.69
N SER C 341 -15.94 19.17 -11.22
CA SER C 341 -17.27 18.53 -11.08
C SER C 341 -17.73 17.88 -12.39
N MET C 342 -17.32 18.48 -13.52
CA MET C 342 -17.69 17.99 -14.84
C MET C 342 -16.59 17.24 -15.61
N THR C 343 -15.35 17.74 -15.52
CA THR C 343 -14.21 17.20 -16.29
C THR C 343 -13.43 16.12 -15.58
N GLY C 344 -13.56 16.09 -14.26
CA GLY C 344 -12.66 15.33 -13.43
C GLY C 344 -11.38 16.12 -13.30
N HIS C 345 -10.41 15.50 -12.64
CA HIS C 345 -9.14 16.11 -12.35
C HIS C 345 -8.16 15.70 -13.43
N LEU C 346 -7.78 16.65 -14.29
CA LEU C 346 -6.96 16.35 -15.44
C LEU C 346 -5.46 16.34 -15.14
N LEU C 347 -5.08 16.32 -13.86
CA LEU C 347 -3.68 16.20 -13.48
C LEU C 347 -2.80 17.27 -14.17
N GLY C 348 -1.77 16.86 -14.90
CA GLY C 348 -0.88 17.80 -15.55
C GLY C 348 -1.56 18.80 -16.48
N ALA C 349 -2.76 18.48 -16.93
CA ALA C 349 -3.51 19.38 -17.82
C ALA C 349 -4.55 20.18 -17.06
N ALA C 350 -4.78 19.85 -15.78
CA ALA C 350 -5.82 20.54 -15.02
C ALA C 350 -5.65 22.04 -15.00
N GLY C 351 -4.42 22.49 -14.76
CA GLY C 351 -4.12 23.86 -14.46
C GLY C 351 -4.27 24.75 -15.68
N SER C 352 -3.99 24.17 -16.83
CA SER C 352 -4.04 24.93 -18.09
C SER C 352 -5.43 24.88 -18.71
N VAL C 353 -6.09 23.72 -18.66
CA VAL C 353 -7.52 23.64 -19.01
C VAL C 353 -8.34 24.61 -18.17
N GLU C 354 -8.10 24.63 -16.85
CA GLU C 354 -8.80 25.58 -16.03
C GLU C 354 -8.43 27.04 -16.26
N ALA C 355 -7.19 27.31 -16.65
CA ALA C 355 -6.80 28.66 -17.00
C ALA C 355 -7.60 29.11 -18.22
N ILE C 356 -7.78 28.21 -19.18
CA ILE C 356 -8.55 28.55 -20.37
C ILE C 356 -10.00 28.87 -19.97
N ILE C 357 -10.54 28.07 -19.05
CA ILE C 357 -11.90 28.27 -18.54
C ILE C 357 -12.02 29.64 -17.87
N THR C 358 -11.00 30.01 -17.09
CA THR C 358 -10.98 31.28 -16.37
C THR C 358 -10.96 32.43 -17.37
N VAL C 359 -10.15 32.28 -18.40
CA VAL C 359 -10.14 33.27 -19.48
C VAL C 359 -11.53 33.41 -20.14
N MET C 360 -12.16 32.30 -20.50
CA MET C 360 -13.45 32.34 -21.18
C MET C 360 -14.52 32.95 -20.27
N SER C 361 -14.41 32.76 -18.96
CA SER C 361 -15.34 33.43 -18.06
C SER C 361 -15.30 34.94 -18.19
N LEU C 362 -14.11 35.48 -18.41
CA LEU C 362 -13.94 36.91 -18.62
C LEU C 362 -14.42 37.34 -20.01
N VAL C 363 -14.10 36.54 -21.02
CA VAL C 363 -14.52 36.82 -22.40
C VAL C 363 -16.06 36.85 -22.52
N ASP C 364 -16.74 35.83 -21.99
CA ASP C 364 -18.19 35.73 -22.11
C ASP C 364 -18.98 36.25 -20.90
N GLN C 365 -18.30 36.73 -19.85
CA GLN C 365 -18.99 37.20 -18.65
C GLN C 365 -20.04 36.18 -18.18
N MET C 366 -19.58 34.93 -18.08
CA MET C 366 -20.37 33.78 -17.64
C MET C 366 -19.47 32.87 -16.82
N VAL C 367 -19.99 32.29 -15.76
CA VAL C 367 -19.19 31.49 -14.82
C VAL C 367 -19.81 30.12 -14.73
N PRO C 368 -18.99 29.07 -14.90
CA PRO C 368 -19.58 27.76 -14.97
C PRO C 368 -19.81 27.22 -13.56
N PRO C 369 -20.73 26.24 -13.42
CA PRO C 369 -21.10 25.76 -12.10
C PRO C 369 -20.20 24.68 -11.53
N THR C 370 -20.30 24.51 -10.22
CA THR C 370 -19.97 23.27 -9.58
C THR C 370 -21.20 22.33 -9.58
N ILE C 371 -21.20 21.33 -10.45
CA ILE C 371 -22.32 20.40 -10.46
C ILE C 371 -22.15 19.42 -9.30
N ASN C 372 -23.24 18.71 -9.00
CA ASN C 372 -23.32 17.64 -7.99
C ASN C 372 -23.22 18.17 -6.57
N LEU C 373 -23.27 19.47 -6.40
CA LEU C 373 -23.13 20.07 -5.09
C LEU C 373 -24.51 20.08 -4.37
N ASP C 374 -24.95 18.86 -4.04
CA ASP C 374 -26.30 18.62 -3.53
C ASP C 374 -26.42 18.98 -2.05
N ASN C 375 -25.41 18.61 -1.27
CA ASN C 375 -25.36 18.84 0.18
C ASN C 375 -24.01 19.39 0.60
N PRO C 376 -23.80 20.71 0.45
CA PRO C 376 -22.47 21.23 0.74
C PRO C 376 -22.11 21.08 2.21
N GLU C 377 -20.81 21.01 2.49
CA GLU C 377 -20.30 21.09 3.87
C GLU C 377 -20.72 22.40 4.48
N GLU C 378 -20.88 22.39 5.80
CA GLU C 378 -21.26 23.58 6.54
C GLU C 378 -20.11 24.55 6.61
N GLY C 379 -20.44 25.82 6.75
CA GLY C 379 -19.48 26.85 7.13
C GLY C 379 -18.53 27.30 6.05
N LEU C 380 -18.86 27.02 4.80
CA LEU C 380 -17.95 27.36 3.71
C LEU C 380 -17.95 28.86 3.45
N GLY C 381 -19.13 29.48 3.50
CA GLY C 381 -19.22 30.93 3.52
C GLY C 381 -18.85 31.60 2.20
N VAL C 382 -18.87 30.85 1.12
CA VAL C 382 -18.65 31.43 -0.22
C VAL C 382 -19.66 30.87 -1.19
N ASP C 383 -19.87 31.59 -2.28
CA ASP C 383 -20.81 31.20 -3.35
C ASP C 383 -20.08 30.24 -4.28
N LEU C 384 -20.49 28.99 -4.30
CA LEU C 384 -19.81 27.94 -5.03
C LEU C 384 -20.48 27.65 -6.37
N VAL C 385 -21.34 28.56 -6.81
CA VAL C 385 -22.07 28.43 -8.08
C VAL C 385 -22.65 27.02 -8.29
N PRO C 386 -23.49 26.55 -7.35
CA PRO C 386 -23.97 25.16 -7.47
C PRO C 386 -24.88 24.98 -8.68
N HIS C 387 -24.70 23.85 -9.38
CA HIS C 387 -25.64 23.29 -10.32
C HIS C 387 -25.73 23.96 -11.70
N VAL C 388 -25.86 25.28 -11.72
CA VAL C 388 -26.09 26.00 -12.98
C VAL C 388 -25.20 27.23 -13.15
N ALA C 389 -24.86 27.52 -14.40
CA ALA C 389 -24.00 28.66 -14.73
C ALA C 389 -24.59 29.99 -14.31
N ARG C 390 -23.71 30.96 -14.17
CA ARG C 390 -24.07 32.28 -13.65
C ARG C 390 -23.64 33.34 -14.64
N LYS C 391 -24.58 34.18 -15.05
CA LYS C 391 -24.24 35.37 -15.82
C LYS C 391 -23.71 36.40 -14.84
N VAL C 392 -22.59 37.03 -15.19
CA VAL C 392 -21.98 38.10 -14.39
C VAL C 392 -21.89 39.37 -15.22
N GLU C 393 -21.56 40.46 -14.53
CA GLU C 393 -21.50 41.78 -15.13
C GLU C 393 -20.29 42.54 -14.62
N SER C 394 -19.60 43.22 -15.53
CA SER C 394 -18.39 43.98 -15.21
C SER C 394 -17.37 43.17 -14.38
N MET C 395 -17.16 41.91 -14.74
CA MET C 395 -16.10 41.14 -14.11
C MET C 395 -14.79 41.44 -14.82
N GLU C 396 -13.85 42.07 -14.10
CA GLU C 396 -12.60 42.54 -14.73
C GLU C 396 -11.41 41.58 -14.49
N TYR C 397 -11.43 40.84 -13.38
CA TYR C 397 -10.37 39.91 -13.03
C TYR C 397 -10.97 38.59 -12.61
N ALA C 398 -10.25 37.51 -12.92
CA ALA C 398 -10.62 36.17 -12.50
C ALA C 398 -9.33 35.42 -12.19
N MET C 399 -9.40 34.51 -11.23
CA MET C 399 -8.27 33.79 -10.68
C MET C 399 -8.48 32.30 -10.83
N CYS C 400 -7.37 31.56 -11.03
CA CYS C 400 -7.46 30.09 -11.03
C CYS C 400 -6.32 29.52 -10.21
N ASN C 401 -6.66 28.54 -9.38
CA ASN C 401 -5.72 27.88 -8.50
C ASN C 401 -5.48 26.43 -8.87
N SER C 402 -4.24 25.97 -8.73
CA SER C 402 -3.92 24.56 -8.77
C SER C 402 -2.99 24.23 -7.59
N PHE C 403 -3.35 23.23 -6.83
CA PHE C 403 -2.60 22.84 -5.62
C PHE C 403 -2.26 21.36 -5.70
N GLY C 404 -1.01 21.02 -6.02
CA GLY C 404 -0.63 19.64 -6.34
C GLY C 404 0.05 18.85 -5.23
N PHE C 405 0.26 17.58 -5.53
CA PHE C 405 0.88 16.65 -4.59
C PHE C 405 2.29 17.14 -4.21
N GLY C 406 2.64 16.94 -2.95
CA GLY C 406 3.86 17.50 -2.43
C GLY C 406 3.67 18.92 -1.91
N GLY C 407 2.44 19.43 -1.97
CA GLY C 407 2.14 20.77 -1.53
C GLY C 407 2.51 21.91 -2.48
N THR C 408 2.72 21.61 -3.75
CA THR C 408 3.08 22.63 -4.72
C THR C 408 1.82 23.44 -5.17
N ASN C 409 1.84 24.74 -4.93
CA ASN C 409 0.68 25.60 -5.15
C ASN C 409 0.98 26.69 -6.18
N GLY C 410 -0.01 27.00 -6.99
CA GLY C 410 0.08 28.09 -7.96
C GLY C 410 -1.26 28.78 -8.17
N SER C 411 -1.22 30.08 -8.46
CA SER C 411 -2.41 30.87 -8.80
C SER C 411 -2.05 31.82 -9.93
N LEU C 412 -3.00 31.97 -10.85
CA LEU C 412 -2.88 32.92 -11.95
C LEU C 412 -4.06 33.85 -11.86
N ILE C 413 -3.82 35.10 -12.19
CA ILE C 413 -4.88 36.06 -12.32
C ILE C 413 -4.85 36.61 -13.76
N PHE C 414 -6.03 36.56 -14.37
CA PHE C 414 -6.26 37.14 -15.70
C PHE C 414 -7.11 38.38 -15.61
N LYS C 415 -6.90 39.30 -16.54
CA LYS C 415 -7.69 40.51 -16.63
C LYS C 415 -8.42 40.52 -17.96
N ARG C 416 -9.68 40.93 -17.91
CA ARG C 416 -10.54 41.07 -19.09
C ARG C 416 -9.91 42.04 -20.07
N MET C 417 -10.05 41.70 -21.36
CA MET C 417 -9.55 42.50 -22.48
C MET C 417 -10.58 42.73 -23.59
N SER D 5 18.13 -11.76 24.76
CA SER D 5 17.43 -10.63 24.09
C SER D 5 16.23 -11.14 23.29
N LYS D 6 15.05 -11.12 23.92
CA LYS D 6 13.80 -11.36 23.21
C LYS D 6 13.74 -10.55 21.91
N ARG D 7 13.08 -11.10 20.89
CA ARG D 7 12.71 -10.29 19.71
C ARG D 7 11.51 -9.44 20.12
N ARG D 8 11.65 -8.12 20.05
CA ARG D 8 10.58 -7.20 20.46
C ARG D 8 9.62 -7.02 19.29
N VAL D 9 8.35 -6.82 19.63
CA VAL D 9 7.26 -6.76 18.64
C VAL D 9 6.52 -5.46 18.80
N VAL D 10 6.34 -4.71 17.70
CA VAL D 10 5.73 -3.42 17.74
C VAL D 10 4.60 -3.30 16.71
N VAL D 11 3.73 -2.32 16.93
CA VAL D 11 2.58 -2.09 16.08
C VAL D 11 2.97 -1.01 15.06
N THR D 12 2.82 -1.31 13.79
CA THR D 12 3.29 -0.42 12.72
C THR D 12 2.23 -0.02 11.75
N GLY D 13 1.03 -0.55 11.92
CA GLY D 13 -0.10 -0.23 11.06
C GLY D 13 -1.37 -0.65 11.73
N MET D 14 -2.43 0.13 11.55
CA MET D 14 -3.76 -0.15 12.10
C MET D 14 -4.85 0.16 11.10
N GLY D 15 -5.94 -0.61 11.14
CA GLY D 15 -7.08 -0.44 10.24
C GLY D 15 -8.31 -0.87 10.96
N MET D 16 -9.44 -0.27 10.64
CA MET D 16 -10.68 -0.50 11.36
C MET D 16 -11.92 -0.06 10.61
N LEU D 17 -12.93 -0.90 10.71
CA LEU D 17 -14.30 -0.54 10.41
C LEU D 17 -15.07 -0.82 11.69
N SER D 18 -15.85 0.16 12.11
CA SER D 18 -16.65 0.04 13.32
C SER D 18 -17.96 0.75 13.13
N PRO D 19 -18.89 0.55 14.04
CA PRO D 19 -20.13 1.31 14.03
C PRO D 19 -19.96 2.82 14.19
N VAL D 20 -18.78 3.29 14.61
CA VAL D 20 -18.58 4.73 14.81
C VAL D 20 -17.58 5.33 13.83
N GLY D 21 -17.16 4.56 12.83
CA GLY D 21 -16.28 5.10 11.78
C GLY D 21 -15.60 4.03 10.97
N ASN D 22 -15.20 4.39 9.75
CA ASN D 22 -14.63 3.42 8.82
C ASN D 22 -13.13 3.55 8.64
N THR D 23 -12.51 4.32 9.53
CA THR D 23 -11.07 4.38 9.66
C THR D 23 -10.76 4.41 11.18
N VAL D 24 -9.49 4.22 11.50
CA VAL D 24 -9.02 4.29 12.89
C VAL D 24 -9.25 5.72 13.38
N GLU D 25 -8.83 6.70 12.58
CA GLU D 25 -8.87 8.10 12.98
C GLU D 25 -10.30 8.59 13.24
N SER D 26 -11.25 8.24 12.36
CA SER D 26 -12.62 8.70 12.53
C SER D 26 -13.26 7.98 13.74
N SER D 27 -12.98 6.70 13.85
CA SER D 27 -13.51 5.91 14.96
C SER D 27 -13.01 6.45 16.29
N TRP D 28 -11.73 6.71 16.38
CA TRP D 28 -11.09 7.23 17.62
C TRP D 28 -11.66 8.57 18.01
N LYS D 29 -11.84 9.46 17.02
CA LYS D 29 -12.46 10.73 17.31
C LYS D 29 -13.88 10.61 17.85
N ALA D 30 -14.67 9.69 17.29
CA ALA D 30 -16.05 9.50 17.70
C ALA D 30 -16.09 8.93 19.14
N LEU D 31 -15.17 8.03 19.41
CA LEU D 31 -15.11 7.40 20.74
C LEU D 31 -14.75 8.43 21.81
N LEU D 32 -13.79 9.29 21.52
CA LEU D 32 -13.41 10.34 22.48
C LEU D 32 -14.51 11.36 22.67
N ALA D 33 -15.42 11.48 21.70
CA ALA D 33 -16.56 12.37 21.78
C ALA D 33 -17.77 11.73 22.41
N GLY D 34 -17.67 10.45 22.80
CA GLY D 34 -18.78 9.74 23.39
C GLY D 34 -19.91 9.34 22.46
N GLN D 35 -19.63 9.23 21.16
CA GLN D 35 -20.67 9.01 20.18
C GLN D 35 -21.03 7.53 20.08
N SER D 36 -22.33 7.24 20.09
CA SER D 36 -22.87 5.89 19.88
C SER D 36 -22.99 5.56 18.42
N GLY D 37 -22.71 4.29 18.08
CA GLY D 37 -22.90 3.79 16.73
C GLY D 37 -24.09 2.88 16.57
N ILE D 38 -24.95 2.82 17.58
CA ILE D 38 -26.07 1.90 17.61
C ILE D 38 -27.29 2.50 16.90
N VAL D 39 -27.84 1.74 15.97
CA VAL D 39 -28.97 2.16 15.17
C VAL D 39 -29.95 1.02 14.96
N ASN D 40 -31.16 1.37 14.53
CA ASN D 40 -32.13 0.37 14.16
C ASN D 40 -31.70 -0.43 12.94
N ILE D 41 -32.00 -1.71 12.97
CA ILE D 41 -31.74 -2.61 11.82
C ILE D 41 -32.77 -2.35 10.74
N GLU D 42 -32.29 -2.04 9.54
CA GLU D 42 -33.16 -1.76 8.38
C GLU D 42 -33.12 -2.85 7.29
N HIS D 43 -32.13 -3.76 7.35
CA HIS D 43 -31.86 -4.70 6.24
C HIS D 43 -32.65 -5.99 6.27
N PHE D 44 -33.32 -6.27 7.37
CA PHE D 44 -34.35 -7.27 7.36
C PHE D 44 -35.50 -6.85 8.26
N ASP D 45 -36.63 -7.52 8.11
CA ASP D 45 -37.83 -7.23 8.91
C ASP D 45 -37.67 -7.77 10.33
N THR D 46 -37.64 -6.84 11.30
CA THR D 46 -37.39 -7.16 12.71
C THR D 46 -38.62 -7.22 13.60
N THR D 47 -39.81 -7.22 12.98
CA THR D 47 -41.09 -7.19 13.71
C THR D 47 -41.19 -8.23 14.81
N ASN D 48 -40.83 -9.47 14.49
CA ASN D 48 -40.95 -10.57 15.45
C ASN D 48 -39.75 -10.76 16.38
N PHE D 49 -38.74 -9.90 16.24
CA PHE D 49 -37.48 -10.03 17.01
C PHE D 49 -37.56 -9.27 18.31
N SER D 50 -37.03 -9.87 19.38
CA SER D 50 -36.97 -9.20 20.66
C SER D 50 -36.00 -7.97 20.68
N THR D 51 -34.98 -7.97 19.83
CA THR D 51 -34.03 -6.85 19.76
C THR D 51 -34.03 -6.42 18.31
N ARG D 52 -34.17 -5.12 18.06
CA ARG D 52 -34.32 -4.61 16.71
C ARG D 52 -33.27 -3.58 16.30
N PHE D 53 -32.18 -3.52 17.06
CA PHE D 53 -31.09 -2.58 16.80
C PHE D 53 -29.72 -3.26 16.95
N ALA D 54 -28.70 -2.61 16.42
CA ALA D 54 -27.34 -3.12 16.44
C ALA D 54 -26.36 -2.03 16.06
N GLY D 55 -25.09 -2.22 16.43
CA GLY D 55 -23.98 -1.41 15.96
C GLY D 55 -23.63 -1.82 14.54
N LEU D 56 -24.08 -1.03 13.56
CA LEU D 56 -23.84 -1.33 12.13
C LEU D 56 -22.76 -0.44 11.53
N VAL D 57 -22.00 -0.99 10.61
CA VAL D 57 -21.00 -0.25 9.87
C VAL D 57 -21.83 0.56 8.87
N LYS D 58 -21.55 1.86 8.76
CA LYS D 58 -22.31 2.75 7.88
C LYS D 58 -21.58 3.04 6.60
N GLY D 59 -22.31 2.94 5.50
CA GLY D 59 -21.79 3.34 4.20
C GLY D 59 -20.56 2.56 3.75
N PHE D 60 -20.51 1.28 4.07
CA PHE D 60 -19.37 0.44 3.65
C PHE D 60 -19.32 0.35 2.14
N ASP D 61 -18.18 0.73 1.57
CA ASP D 61 -18.01 0.60 0.15
C ASP D 61 -16.88 -0.36 -0.13
N CYS D 62 -17.22 -1.58 -0.49
CA CYS D 62 -16.21 -2.63 -0.68
C CYS D 62 -15.24 -2.25 -1.77
N GLU D 63 -15.75 -1.58 -2.79
CA GLU D 63 -14.89 -1.14 -3.89
C GLU D 63 -13.74 -0.22 -3.50
N GLN D 64 -13.88 0.49 -2.38
CA GLN D 64 -12.79 1.27 -1.79
C GLN D 64 -11.53 0.47 -1.53
N TYR D 65 -11.66 -0.82 -1.24
CA TYR D 65 -10.57 -1.66 -0.75
C TYR D 65 -10.23 -2.84 -1.64
N MET D 66 -11.18 -3.24 -2.48
CA MET D 66 -11.04 -4.44 -3.30
C MET D 66 -11.96 -4.35 -4.50
N SER D 67 -11.78 -5.21 -5.47
CA SER D 67 -12.66 -5.23 -6.63
C SER D 67 -14.00 -5.86 -6.25
N LYS D 68 -15.05 -5.54 -7.00
CA LYS D 68 -16.33 -6.25 -6.87
C LYS D 68 -16.17 -7.71 -7.17
N LYS D 69 -15.27 -8.07 -8.08
CA LYS D 69 -15.02 -9.48 -8.39
C LYS D 69 -14.52 -10.24 -7.14
N ASP D 70 -13.58 -9.64 -6.44
CA ASP D 70 -13.06 -10.25 -5.19
C ASP D 70 -14.20 -10.39 -4.20
N ALA D 71 -14.92 -9.28 -4.01
CA ALA D 71 -16.00 -9.21 -3.02
C ALA D 71 -17.15 -10.18 -3.25
N ARG D 72 -17.43 -10.55 -4.52
CA ARG D 72 -18.50 -11.53 -4.89
C ARG D 72 -18.44 -12.88 -4.12
N LYS D 73 -17.23 -13.28 -3.82
CA LYS D 73 -16.97 -14.58 -3.22
C LYS D 73 -16.85 -14.54 -1.72
N MET D 74 -17.34 -13.44 -1.13
CA MET D 74 -17.11 -13.18 0.30
C MET D 74 -18.38 -12.78 1.04
N ASP D 75 -18.65 -13.39 2.19
CA ASP D 75 -19.60 -12.80 3.12
C ASP D 75 -19.06 -11.47 3.59
N LEU D 76 -19.94 -10.61 4.06
CA LEU D 76 -19.57 -9.30 4.56
C LEU D 76 -18.53 -9.36 5.68
N PHE D 77 -18.56 -10.37 6.54
CA PHE D 77 -17.50 -10.39 7.53
C PHE D 77 -16.10 -10.44 6.91
N ILE D 78 -15.94 -11.16 5.79
CA ILE D 78 -14.69 -11.22 5.12
C ILE D 78 -14.41 -9.88 4.47
N GLN D 79 -15.41 -9.28 3.81
CA GLN D 79 -15.19 -8.00 3.14
C GLN D 79 -14.66 -6.95 4.17
N TYR D 80 -15.30 -6.92 5.34
CA TYR D 80 -14.90 -6.04 6.43
C TYR D 80 -13.45 -6.32 6.88
N GLY D 81 -13.09 -7.59 7.01
CA GLY D 81 -11.74 -7.94 7.43
C GLY D 81 -10.68 -7.58 6.42
N ILE D 82 -11.01 -7.79 5.14
CA ILE D 82 -10.13 -7.39 4.04
C ILE D 82 -9.95 -5.87 4.01
N ALA D 83 -11.04 -5.14 4.19
CA ALA D 83 -10.99 -3.68 4.19
C ALA D 83 -10.11 -3.15 5.32
N ALA D 84 -10.29 -3.65 6.53
CA ALA D 84 -9.42 -3.27 7.60
C ALA D 84 -7.97 -3.70 7.39
N GLY D 85 -7.76 -4.89 6.82
CA GLY D 85 -6.43 -5.41 6.54
C GLY D 85 -5.66 -4.60 5.55
N ILE D 86 -6.36 -4.23 4.48
CA ILE D 86 -5.76 -3.34 3.50
C ILE D 86 -5.43 -1.96 4.11
N GLN D 87 -6.36 -1.38 4.86
CA GLN D 87 -6.12 -0.14 5.58
C GLN D 87 -4.87 -0.23 6.43
N ALA D 88 -4.79 -1.27 7.24
CA ALA D 88 -3.65 -1.41 8.10
C ALA D 88 -2.34 -1.59 7.34
N LEU D 89 -2.36 -2.32 6.24
CA LEU D 89 -1.16 -2.55 5.45
C LEU D 89 -0.73 -1.25 4.81
N GLU D 90 -1.70 -0.53 4.28
CA GLU D 90 -1.40 0.76 3.64
C GLU D 90 -0.91 1.74 4.69
N ASP D 91 -1.52 1.72 5.87
CA ASP D 91 -1.03 2.50 6.99
C ASP D 91 0.43 2.16 7.38
N SER D 92 0.80 0.88 7.31
CA SER D 92 2.16 0.48 7.67
C SER D 92 3.22 0.77 6.60
N GLY D 93 2.79 0.89 5.34
CA GLY D 93 3.69 1.09 4.22
C GLY D 93 4.54 -0.12 3.90
N LEU D 94 4.26 -1.25 4.56
CA LEU D 94 5.04 -2.45 4.37
C LEU D 94 5.02 -2.89 2.91
N GLU D 95 6.19 -2.96 2.28
CA GLU D 95 6.30 -3.39 0.89
C GLU D 95 6.55 -4.89 0.87
N VAL D 96 5.76 -5.61 0.10
CA VAL D 96 5.91 -7.05 -0.01
C VAL D 96 6.57 -7.35 -1.33
N ASN D 97 7.67 -8.11 -1.29
CA ASN D 97 8.39 -8.52 -2.49
C ASN D 97 8.79 -9.97 -2.40
N GLU D 98 9.44 -10.47 -3.45
CA GLU D 98 9.79 -11.89 -3.53
C GLU D 98 10.71 -12.28 -2.38
N GLU D 99 11.57 -11.37 -1.96
CA GLU D 99 12.58 -11.66 -0.96
C GLU D 99 11.99 -11.75 0.46
N ASN D 100 10.99 -10.92 0.77
CA ASN D 100 10.43 -10.95 2.14
C ASN D 100 9.05 -11.60 2.28
N ALA D 101 8.41 -12.03 1.19
CA ALA D 101 7.02 -12.52 1.25
C ALA D 101 6.83 -13.66 2.27
N ALA D 102 7.82 -14.54 2.35
CA ALA D 102 7.74 -15.70 3.27
C ALA D 102 7.89 -15.33 4.72
N ARG D 103 8.21 -14.06 4.99
CA ARG D 103 8.41 -13.55 6.37
C ARG D 103 7.26 -12.70 6.86
N ILE D 104 6.22 -12.58 6.03
CA ILE D 104 5.05 -11.76 6.36
C ILE D 104 3.80 -12.59 6.24
N GLY D 105 3.11 -12.76 7.36
CA GLY D 105 1.96 -13.62 7.42
C GLY D 105 0.70 -12.95 7.92
N VAL D 106 -0.28 -13.78 8.27
CA VAL D 106 -1.60 -13.33 8.63
C VAL D 106 -2.09 -14.16 9.81
N ALA D 107 -2.71 -13.49 10.76
CA ALA D 107 -3.46 -14.13 11.83
C ALA D 107 -4.77 -13.36 12.06
N ILE D 108 -5.83 -13.78 11.38
CA ILE D 108 -7.10 -13.10 11.43
C ILE D 108 -8.20 -14.10 11.51
N GLY D 109 -9.18 -13.87 12.39
CA GLY D 109 -10.33 -14.71 12.48
C GLY D 109 -11.65 -14.00 12.69
N SER D 110 -12.66 -14.79 13.04
CA SER D 110 -14.00 -14.33 13.30
C SER D 110 -14.58 -15.31 14.30
N GLY D 111 -15.57 -14.87 15.05
CA GLY D 111 -16.23 -15.76 16.03
C GLY D 111 -17.25 -16.69 15.43
N ILE D 112 -18.02 -16.18 14.47
CA ILE D 112 -19.12 -16.90 13.86
C ILE D 112 -19.01 -17.02 12.33
N GLY D 113 -18.32 -16.10 11.68
CA GLY D 113 -18.20 -16.19 10.22
C GLY D 113 -19.44 -15.77 9.49
N GLY D 114 -19.67 -16.42 8.35
CA GLY D 114 -20.52 -15.86 7.33
C GLY D 114 -21.96 -16.25 7.45
N LEU D 115 -22.61 -15.83 8.53
CA LEU D 115 -23.97 -16.23 8.82
C LEU D 115 -24.96 -15.92 7.71
N GLU D 116 -24.88 -14.72 7.20
CA GLU D 116 -25.77 -14.33 6.10
C GLU D 116 -25.70 -15.34 4.95
N LEU D 117 -24.50 -15.64 4.47
CA LEU D 117 -24.37 -16.55 3.34
C LEU D 117 -24.70 -18.00 3.71
N ILE D 118 -24.50 -18.35 4.98
CA ILE D 118 -24.95 -19.64 5.42
C ILE D 118 -26.46 -19.72 5.36
N GLU D 119 -27.13 -18.70 5.88
CA GLU D 119 -28.57 -18.60 5.79
C GLU D 119 -29.01 -18.72 4.33
N THR D 120 -28.37 -17.97 3.48
CA THR D 120 -28.75 -17.93 2.07
C THR D 120 -28.55 -19.32 1.45
N GLY D 121 -27.50 -20.03 1.84
CA GLY D 121 -27.24 -21.36 1.34
C GLY D 121 -28.25 -22.38 1.83
N HIS D 122 -28.60 -22.31 3.11
CA HIS D 122 -29.60 -23.21 3.63
C HIS D 122 -30.97 -22.98 2.99
N GLN D 123 -31.34 -21.72 2.83
CA GLN D 123 -32.59 -21.37 2.15
C GLN D 123 -32.64 -22.00 0.75
N ALA D 124 -31.54 -21.88 0.01
CA ALA D 124 -31.44 -22.44 -1.34
C ALA D 124 -31.59 -23.94 -1.32
N LEU D 125 -30.93 -24.57 -0.35
CA LEU D 125 -31.00 -26.00 -0.17
C LEU D 125 -32.42 -26.47 0.03
N ILE D 126 -33.13 -25.80 0.93
CA ILE D 126 -34.48 -26.19 1.33
C ILE D 126 -35.50 -25.87 0.25
N GLU D 127 -35.34 -24.73 -0.40
CA GLU D 127 -36.27 -24.29 -1.45
C GLU D 127 -36.08 -25.06 -2.74
N LYS D 128 -34.85 -25.14 -3.20
CA LYS D 128 -34.53 -25.68 -4.53
C LYS D 128 -33.51 -26.81 -4.57
N GLY D 129 -33.04 -27.28 -3.42
CA GLY D 129 -32.12 -28.41 -3.41
C GLY D 129 -30.63 -28.09 -3.53
N PRO D 130 -29.79 -29.12 -3.34
CA PRO D 130 -28.34 -28.96 -3.21
C PRO D 130 -27.69 -28.29 -4.41
N ARG D 131 -28.25 -28.49 -5.58
CA ARG D 131 -27.61 -27.94 -6.76
C ARG D 131 -27.72 -26.43 -6.85
N LYS D 132 -28.63 -25.83 -6.08
CA LYS D 132 -28.75 -24.38 -6.06
C LYS D 132 -27.86 -23.68 -5.06
N VAL D 133 -27.16 -24.44 -4.22
CA VAL D 133 -26.20 -23.84 -3.31
C VAL D 133 -25.02 -23.26 -4.10
N SER D 134 -24.56 -22.07 -3.71
CA SER D 134 -23.45 -21.39 -4.36
C SER D 134 -22.18 -22.23 -4.39
N PRO D 135 -21.51 -22.27 -5.55
CA PRO D 135 -20.18 -22.89 -5.62
C PRO D 135 -19.19 -22.29 -4.63
N PHE D 136 -19.39 -21.05 -4.22
CA PHE D 136 -18.48 -20.42 -3.28
C PHE D 136 -18.95 -20.57 -1.81
N PHE D 137 -19.93 -21.42 -1.55
CA PHE D 137 -20.49 -21.54 -0.22
C PHE D 137 -19.40 -21.62 0.85
N VAL D 138 -18.51 -22.59 0.71
CA VAL D 138 -17.52 -22.86 1.78
C VAL D 138 -16.49 -21.74 1.92
N PRO D 139 -15.79 -21.34 0.82
CA PRO D 139 -14.82 -20.27 0.95
C PRO D 139 -15.46 -18.94 1.39
N SER D 140 -16.74 -18.74 1.16
CA SER D 140 -17.38 -17.46 1.44
C SER D 140 -17.80 -17.35 2.86
N THR D 141 -17.80 -18.47 3.59
CA THR D 141 -18.42 -18.51 4.89
C THR D 141 -17.53 -18.91 6.04
N ILE D 142 -16.51 -19.72 5.78
CA ILE D 142 -15.71 -20.27 6.91
C ILE D 142 -14.75 -19.21 7.44
N VAL D 143 -14.38 -19.37 8.70
CA VAL D 143 -13.77 -18.26 9.42
C VAL D 143 -12.34 -17.93 9.08
N ASN D 144 -11.61 -18.80 8.38
CA ASN D 144 -10.21 -18.61 8.13
C ASN D 144 -10.03 -17.85 6.79
N MET D 145 -11.13 -17.55 6.17
CA MET D 145 -11.06 -16.93 4.81
C MET D 145 -10.75 -15.47 4.75
N ILE D 146 -10.73 -14.75 5.90
CA ILE D 146 -10.17 -13.40 5.85
C ILE D 146 -8.67 -13.50 5.67
N ALA D 147 -8.04 -14.33 6.51
CA ALA D 147 -6.64 -14.62 6.38
C ALA D 147 -6.26 -15.13 4.98
N GLY D 148 -7.08 -16.06 4.46
CA GLY D 148 -6.82 -16.72 3.21
C GLY D 148 -6.86 -15.64 2.11
N ASN D 149 -7.95 -14.89 2.04
CA ASN D 149 -8.12 -13.90 0.95
C ASN D 149 -7.09 -12.79 1.03
N LEU D 150 -6.79 -12.31 2.24
CA LEU D 150 -5.83 -11.24 2.35
C LEU D 150 -4.45 -11.74 1.94
N SER D 151 -4.07 -12.94 2.38
CA SER D 151 -2.82 -13.54 1.97
C SER D 151 -2.68 -13.57 0.41
N ILE D 152 -3.73 -14.04 -0.22
CA ILE D 152 -3.76 -14.22 -1.69
C ILE D 152 -3.67 -12.87 -2.34
N MET D 153 -4.51 -11.94 -1.89
CA MET D 153 -4.56 -10.59 -2.52
C MET D 153 -3.22 -9.85 -2.43
N ARG D 154 -2.51 -10.01 -1.31
CA ARG D 154 -1.32 -9.25 -1.01
C ARG D 154 0.00 -10.01 -1.04
N GLY D 155 -0.04 -11.28 -1.41
CA GLY D 155 1.18 -12.04 -1.63
C GLY D 155 1.91 -12.37 -0.32
N LEU D 156 1.14 -12.64 0.73
CA LEU D 156 1.71 -12.89 2.08
C LEU D 156 1.85 -14.39 2.32
N ARG D 157 3.09 -14.83 2.44
CA ARG D 157 3.39 -16.23 2.37
C ARG D 157 3.94 -16.72 3.70
N GLY D 158 3.92 -15.82 4.69
CA GLY D 158 4.34 -16.19 6.06
C GLY D 158 3.26 -17.00 6.69
N PRO D 159 3.44 -17.35 7.99
CA PRO D 159 2.42 -18.16 8.63
C PRO D 159 1.01 -17.60 8.40
N ASN D 160 0.07 -18.49 8.14
CA ASN D 160 -1.29 -18.13 7.85
C ASN D 160 -2.18 -18.84 8.85
N ILE D 161 -2.77 -18.09 9.78
CA ILE D 161 -3.57 -18.64 10.84
C ILE D 161 -4.86 -17.88 11.03
N ALA D 162 -5.81 -18.50 11.66
CA ALA D 162 -7.05 -17.84 12.04
C ALA D 162 -7.44 -18.48 13.36
N ILE D 163 -7.37 -17.71 14.42
CA ILE D 163 -7.92 -18.15 15.73
C ILE D 163 -9.38 -17.71 15.81
N SER D 164 -10.24 -18.60 16.26
CA SER D 164 -11.69 -18.35 16.39
C SER D 164 -12.09 -18.78 17.82
N THR D 165 -12.20 -17.78 18.68
CA THR D 165 -12.42 -17.98 20.13
C THR D 165 -13.54 -17.05 20.59
N ALA D 166 -14.64 -17.07 19.85
CA ALA D 166 -15.79 -16.22 20.14
C ALA D 166 -15.35 -14.77 20.37
N CYS D 167 -15.76 -14.17 21.50
CA CYS D 167 -15.44 -12.77 21.84
C CYS D 167 -13.96 -12.41 21.98
N THR D 168 -13.10 -13.42 22.13
CA THR D 168 -11.70 -13.24 22.37
C THR D 168 -10.86 -13.31 21.08
N THR D 169 -11.54 -13.62 19.98
CA THR D 169 -10.91 -13.84 18.70
C THR D 169 -9.88 -12.78 18.33
N GLY D 170 -10.28 -11.51 18.30
CA GLY D 170 -9.38 -10.46 17.76
C GLY D 170 -8.13 -10.29 18.58
N LEU D 171 -8.29 -10.54 19.89
CA LEU D 171 -7.21 -10.39 20.84
C LEU D 171 -6.24 -11.56 20.70
N HIS D 172 -6.75 -12.80 20.72
CA HIS D 172 -5.93 -13.99 20.52
C HIS D 172 -5.13 -13.95 19.22
N ASN D 173 -5.76 -13.54 18.13
CA ASN D 173 -4.99 -13.39 16.92
C ASN D 173 -3.81 -12.45 17.02
N ILE D 174 -4.00 -11.27 17.63
CA ILE D 174 -2.94 -10.32 17.80
C ILE D 174 -1.87 -10.91 18.73
N GLY D 175 -2.32 -11.56 19.79
CA GLY D 175 -1.32 -12.07 20.67
C GLY D 175 -0.43 -13.14 20.06
N HIS D 176 -1.06 -14.08 19.37
CA HIS D 176 -0.33 -15.14 18.75
C HIS D 176 0.50 -14.70 17.57
N ALA D 177 0.01 -13.69 16.87
CA ALA D 177 0.84 -13.08 15.88
C ALA D 177 2.10 -12.52 16.49
N ALA D 178 2.00 -11.83 17.63
CA ALA D 178 3.17 -11.36 18.34
C ALA D 178 4.10 -12.52 18.75
N ARG D 179 3.51 -13.58 19.29
CA ARG D 179 4.29 -14.78 19.67
C ARG D 179 5.07 -15.35 18.50
N MET D 180 4.44 -15.42 17.32
CA MET D 180 5.06 -16.00 16.17
C MET D 180 6.21 -15.14 15.68
N ILE D 181 6.05 -13.82 15.76
CA ILE D 181 7.15 -12.92 15.38
C ILE D 181 8.30 -13.07 16.40
N ALA D 182 7.97 -13.01 17.68
CA ALA D 182 8.96 -13.23 18.73
C ALA D 182 9.74 -14.54 18.53
N TYR D 183 9.05 -15.58 18.12
CA TYR D 183 9.63 -16.92 18.00
C TYR D 183 10.58 -17.04 16.83
N GLY D 184 10.36 -16.21 15.81
CA GLY D 184 11.12 -16.25 14.57
C GLY D 184 10.42 -16.75 13.32
N ASP D 185 9.12 -17.09 13.41
CA ASP D 185 8.37 -17.65 12.28
C ASP D 185 8.08 -16.55 11.24
N ALA D 186 8.09 -15.31 11.68
CA ALA D 186 7.78 -14.19 10.79
C ALA D 186 8.48 -12.93 11.27
N ASP D 187 8.67 -11.97 10.38
CA ASP D 187 9.15 -10.65 10.74
C ASP D 187 8.02 -9.65 10.83
N ALA D 188 6.89 -9.93 10.18
CA ALA D 188 5.69 -9.14 10.31
C ALA D 188 4.48 -10.01 10.20
N MET D 189 3.36 -9.52 10.73
CA MET D 189 2.10 -10.21 10.68
C MET D 189 0.95 -9.20 10.61
N VAL D 190 -0.04 -9.50 9.78
CA VAL D 190 -1.29 -8.81 9.78
C VAL D 190 -2.29 -9.60 10.61
N ALA D 191 -2.84 -8.97 11.66
CA ALA D 191 -3.60 -9.67 12.66
C ALA D 191 -4.83 -8.95 13.18
N GLY D 192 -5.83 -9.72 13.57
CA GLY D 192 -7.02 -9.18 14.17
C GLY D 192 -8.21 -10.05 13.96
N GLY D 193 -9.37 -9.42 13.89
CA GLY D 193 -10.62 -10.10 13.68
C GLY D 193 -11.70 -9.27 12.98
N ALA D 194 -12.73 -9.95 12.53
CA ALA D 194 -13.87 -9.34 11.88
C ALA D 194 -15.13 -10.08 12.16
N GLU D 195 -16.27 -9.38 12.14
CA GLU D 195 -17.56 -10.00 12.36
C GLU D 195 -18.68 -9.22 11.65
N LYS D 196 -19.65 -9.95 11.13
CA LYS D 196 -20.93 -9.38 10.69
C LYS D 196 -22.06 -10.35 11.03
N ALA D 197 -22.39 -10.40 12.31
CA ALA D 197 -23.41 -11.30 12.82
C ALA D 197 -24.78 -10.67 12.98
N SER D 198 -24.96 -9.43 12.52
CA SER D 198 -26.27 -8.76 12.63
C SER D 198 -27.25 -9.23 11.57
N THR D 199 -27.53 -10.52 11.59
CA THR D 199 -28.33 -11.17 10.55
C THR D 199 -29.53 -11.75 11.26
N PRO D 200 -30.56 -12.19 10.51
CA PRO D 200 -31.75 -12.77 11.14
C PRO D 200 -31.41 -13.90 12.08
N LEU D 201 -30.63 -14.87 11.63
CA LEU D 201 -30.26 -15.96 12.50
C LEU D 201 -29.35 -15.51 13.66
N GLY D 202 -28.42 -14.60 13.41
CA GLY D 202 -27.56 -14.10 14.47
C GLY D 202 -28.35 -13.44 15.57
N MET D 203 -29.22 -12.53 15.18
CA MET D 203 -30.08 -11.80 16.14
C MET D 203 -31.03 -12.76 16.85
N ALA D 204 -31.57 -13.71 16.09
CA ALA D 204 -32.47 -14.72 16.68
C ALA D 204 -31.76 -15.62 17.69
N GLY D 205 -30.56 -16.09 17.34
CA GLY D 205 -29.80 -16.97 18.22
C GLY D 205 -29.41 -16.31 19.53
N PHE D 206 -28.84 -15.12 19.46
CA PHE D 206 -28.49 -14.43 20.69
C PHE D 206 -29.76 -14.03 21.45
N GLY D 207 -30.81 -13.67 20.74
CA GLY D 207 -32.10 -13.33 21.36
C GLY D 207 -32.66 -14.49 22.16
N ALA D 208 -32.61 -15.68 21.57
CA ALA D 208 -33.18 -16.87 22.22
C ALA D 208 -32.46 -17.18 23.51
N ALA D 209 -31.18 -16.84 23.57
CA ALA D 209 -30.39 -17.01 24.78
C ALA D 209 -30.66 -15.91 25.82
N LYS D 210 -31.49 -14.95 25.47
CA LYS D 210 -31.77 -13.77 26.31
C LYS D 210 -30.47 -13.02 26.63
N ALA D 211 -29.54 -12.97 25.68
CA ALA D 211 -28.26 -12.37 25.90
C ALA D 211 -28.23 -10.89 25.54
N LEU D 212 -29.20 -10.43 24.75
CA LEU D 212 -29.16 -9.09 24.22
C LEU D 212 -30.06 -8.16 25.01
N SER D 213 -29.65 -6.90 25.10
CA SER D 213 -30.56 -5.85 25.50
C SER D 213 -31.79 -5.84 24.58
N THR D 214 -32.95 -5.58 25.17
CA THR D 214 -34.18 -5.38 24.42
C THR D 214 -34.71 -3.94 24.55
N ARG D 215 -33.82 -2.99 24.80
CA ARG D 215 -34.20 -1.58 24.94
C ARG D 215 -34.42 -0.94 23.58
N ASN D 216 -35.46 -1.41 22.90
CA ASN D 216 -35.75 -0.99 21.52
C ASN D 216 -36.18 0.47 21.39
N ASP D 217 -36.70 1.04 22.46
N ASP D 217 -36.75 1.05 22.45
CA ASP D 217 -37.13 2.43 22.47
CA ASP D 217 -37.15 2.45 22.40
C ASP D 217 -35.98 3.43 22.40
C ASP D 217 -35.97 3.42 22.37
N GLU D 218 -34.85 3.06 23.00
CA GLU D 218 -33.66 3.93 23.05
C GLU D 218 -32.38 3.12 22.76
N PRO D 219 -32.19 2.75 21.49
CA PRO D 219 -31.04 1.92 21.12
C PRO D 219 -29.70 2.47 21.58
N GLN D 220 -29.50 3.80 21.55
CA GLN D 220 -28.23 4.39 21.95
C GLN D 220 -27.95 4.31 23.45
N LYS D 221 -28.98 4.07 24.24
CA LYS D 221 -28.81 3.91 25.69
C LYS D 221 -28.80 2.48 26.13
N ALA D 222 -29.01 1.56 25.20
CA ALA D 222 -29.08 0.14 25.54
C ALA D 222 -27.79 -0.43 26.11
N SER D 223 -26.65 -0.05 25.54
CA SER D 223 -25.36 -0.56 26.01
C SER D 223 -24.86 0.29 27.16
N ARG D 224 -24.85 -0.28 28.36
CA ARG D 224 -24.58 0.51 29.54
C ARG D 224 -23.81 -0.32 30.58
N PRO D 225 -22.53 -0.63 30.26
CA PRO D 225 -21.71 -1.48 31.10
C PRO D 225 -21.65 -0.98 32.56
N TRP D 226 -21.90 -1.91 33.49
CA TRP D 226 -21.84 -1.62 34.95
C TRP D 226 -23.00 -0.77 35.48
N ASP D 227 -23.90 -0.32 34.61
CA ASP D 227 -25.04 0.45 35.06
C ASP D 227 -26.08 -0.51 35.63
N LYS D 228 -26.75 -0.09 36.69
CA LYS D 228 -27.77 -0.91 37.35
C LYS D 228 -28.90 -1.42 36.47
N ASP D 229 -29.21 -0.69 35.40
CA ASP D 229 -30.32 -1.06 34.52
C ASP D 229 -29.90 -1.77 33.21
N ARG D 230 -28.66 -2.23 33.15
CA ARG D 230 -28.20 -3.01 32.00
C ARG D 230 -29.00 -4.32 31.88
N ASP D 231 -29.23 -4.75 30.65
CA ASP D 231 -30.08 -5.90 30.37
C ASP D 231 -29.56 -6.73 29.19
N GLY D 232 -28.23 -6.81 29.03
CA GLY D 232 -27.58 -7.66 28.04
C GLY D 232 -26.83 -6.84 27.00
N PHE D 233 -26.03 -7.50 26.16
CA PHE D 233 -25.17 -6.77 25.22
C PHE D 233 -25.91 -6.31 23.99
N VAL D 234 -25.27 -5.42 23.28
CA VAL D 234 -25.77 -4.88 22.03
C VAL D 234 -24.78 -5.39 20.97
N LEU D 235 -25.29 -6.09 19.98
CA LEU D 235 -24.44 -6.72 18.98
C LEU D 235 -23.97 -5.65 18.00
N GLY D 236 -22.70 -5.69 17.63
CA GLY D 236 -22.20 -4.83 16.55
C GLY D 236 -21.31 -5.55 15.60
N ASP D 237 -21.11 -4.94 14.43
CA ASP D 237 -20.29 -5.48 13.37
C ASP D 237 -19.03 -4.64 13.18
N GLY D 238 -18.01 -5.21 12.56
CA GLY D 238 -16.80 -4.52 12.28
C GLY D 238 -15.60 -5.37 12.07
N ALA D 239 -14.46 -4.71 12.06
CA ALA D 239 -13.18 -5.34 11.85
C ALA D 239 -12.11 -4.44 12.44
N GLY D 240 -11.13 -5.05 13.10
CA GLY D 240 -9.97 -4.38 13.57
C GLY D 240 -8.73 -5.19 13.26
N ILE D 241 -7.73 -4.55 12.68
CA ILE D 241 -6.51 -5.21 12.26
C ILE D 241 -5.32 -4.35 12.61
N MET D 242 -4.25 -5.01 13.04
CA MET D 242 -2.97 -4.43 13.24
C MET D 242 -1.93 -5.12 12.40
N VAL D 243 -0.97 -4.35 11.91
CA VAL D 243 0.25 -4.90 11.40
C VAL D 243 1.26 -4.91 12.55
N LEU D 244 1.76 -6.10 12.88
CA LEU D 244 2.81 -6.25 13.88
C LEU D 244 4.12 -6.56 13.19
N GLU D 245 5.20 -6.12 13.81
CA GLU D 245 6.52 -6.26 13.20
C GLU D 245 7.61 -6.42 14.24
N GLU D 246 8.63 -7.21 13.91
CA GLU D 246 9.82 -7.29 14.75
C GLU D 246 10.49 -5.92 14.81
N TYR D 247 10.91 -5.53 16.00
CA TYR D 247 11.30 -4.13 16.27
C TYR D 247 12.47 -3.70 15.41
N GLU D 248 13.51 -4.53 15.32
CA GLU D 248 14.69 -4.22 14.49
C GLU D 248 14.36 -4.15 12.98
N HIS D 249 13.48 -5.03 12.54
CA HIS D 249 12.98 -4.99 11.19
C HIS D 249 12.21 -3.70 10.94
N ALA D 250 11.37 -3.31 11.90
CA ALA D 250 10.55 -2.12 11.77
C ALA D 250 11.43 -0.87 11.67
N LYS D 251 12.40 -0.74 12.59
CA LYS D 251 13.36 0.39 12.56
C LYS D 251 14.12 0.43 11.24
N ALA D 252 14.61 -0.73 10.83
CA ALA D 252 15.43 -0.85 9.62
C ALA D 252 14.74 -0.38 8.34
N ARG D 253 13.42 -0.60 8.22
CA ARG D 253 12.71 -0.08 7.01
C ARG D 253 12.06 1.30 7.20
N GLY D 254 12.16 1.88 8.38
CA GLY D 254 11.57 3.18 8.65
C GLY D 254 10.07 3.11 8.86
N ALA D 255 9.65 2.14 9.63
CA ALA D 255 8.26 2.02 10.01
C ALA D 255 7.79 3.14 10.92
N LYS D 256 6.52 3.50 10.82
CA LYS D 256 5.83 4.28 11.86
C LYS D 256 5.55 3.28 13.00
N ILE D 257 5.87 3.65 14.22
CA ILE D 257 5.67 2.77 15.40
C ILE D 257 4.70 3.39 16.41
N TYR D 258 3.57 2.74 16.62
CA TYR D 258 2.51 3.23 17.48
C TYR D 258 2.73 2.81 18.95
N ALA D 259 3.26 1.62 19.13
CA ALA D 259 3.34 0.99 20.48
C ALA D 259 4.02 -0.33 20.37
N GLU D 260 4.35 -0.92 21.54
CA GLU D 260 5.01 -2.18 21.61
C GLU D 260 4.15 -3.18 22.32
N VAL D 261 4.12 -4.40 21.79
CA VAL D 261 3.32 -5.47 22.37
C VAL D 261 4.26 -6.09 23.40
N VAL D 262 3.93 -5.96 24.67
CA VAL D 262 4.85 -6.44 25.70
C VAL D 262 4.33 -7.60 26.55
N GLY D 263 3.03 -7.78 26.61
CA GLY D 263 2.42 -8.87 27.39
C GLY D 263 1.22 -9.47 26.72
N PHE D 264 1.10 -10.80 26.79
CA PHE D 264 -0.03 -11.57 26.28
C PHE D 264 -0.27 -12.71 27.25
N GLY D 265 -1.49 -12.80 27.75
CA GLY D 265 -1.86 -13.84 28.74
C GLY D 265 -3.18 -14.46 28.39
N MET D 266 -3.38 -15.72 28.82
CA MET D 266 -4.51 -16.48 28.43
C MET D 266 -4.92 -17.36 29.60
N SER D 267 -6.17 -17.67 29.65
CA SER D 267 -6.72 -18.59 30.64
C SER D 267 -8.11 -19.07 30.25
N GLY D 268 -8.68 -19.97 31.04
CA GLY D 268 -10.01 -20.42 30.82
C GLY D 268 -10.74 -20.46 32.14
N ASP D 269 -11.97 -19.94 32.16
CA ASP D 269 -12.79 -19.90 33.37
C ASP D 269 -13.08 -21.30 33.88
N ALA D 270 -13.35 -22.22 32.95
CA ALA D 270 -13.74 -23.61 33.25
C ALA D 270 -14.96 -23.65 34.16
N TYR D 271 -15.92 -22.78 33.87
CA TYR D 271 -17.05 -22.55 34.77
C TYR D 271 -18.36 -22.86 34.10
N HIS D 272 -18.63 -22.22 32.96
CA HIS D 272 -19.93 -22.35 32.34
C HIS D 272 -19.88 -21.90 30.89
N MET D 273 -20.74 -22.53 30.11
CA MET D 273 -20.85 -22.35 28.65
C MET D 273 -20.98 -20.88 28.19
N THR D 274 -21.71 -20.09 28.97
CA THR D 274 -22.02 -18.68 28.67
C THR D 274 -21.83 -17.69 29.83
N SER D 275 -21.87 -18.15 31.08
CA SER D 275 -21.70 -17.27 32.24
C SER D 275 -20.23 -17.24 32.67
N PRO D 276 -19.73 -16.06 33.12
CA PRO D 276 -18.36 -16.04 33.60
C PRO D 276 -18.24 -16.47 35.04
N SER D 277 -17.02 -16.81 35.47
CA SER D 277 -16.78 -17.16 36.86
C SER D 277 -17.34 -16.05 37.73
N GLU D 278 -18.17 -16.40 38.72
CA GLU D 278 -18.70 -15.41 39.66
C GLU D 278 -17.60 -14.57 40.31
N ASP D 279 -16.46 -15.20 40.61
CA ASP D 279 -15.39 -14.52 41.34
C ASP D 279 -14.43 -13.75 40.44
N GLY D 280 -14.63 -13.82 39.12
CA GLY D 280 -13.76 -13.12 38.16
C GLY D 280 -12.37 -13.69 38.01
N SER D 281 -12.10 -14.87 38.59
CA SER D 281 -10.76 -15.39 38.71
C SER D 281 -10.13 -15.77 37.39
N GLY D 282 -10.97 -16.23 36.47
CA GLY D 282 -10.48 -16.62 35.16
C GLY D 282 -9.87 -15.43 34.42
N GLY D 283 -10.59 -14.32 34.39
CA GLY D 283 -10.03 -13.05 33.87
C GLY D 283 -8.77 -12.59 34.54
N ALA D 284 -8.69 -12.80 35.85
CA ALA D 284 -7.53 -12.44 36.62
C ALA D 284 -6.33 -13.24 36.19
N LEU D 285 -6.49 -14.56 36.00
CA LEU D 285 -5.43 -15.41 35.57
C LEU D 285 -4.81 -14.89 34.27
N ALA D 286 -5.67 -14.55 33.31
CA ALA D 286 -5.19 -14.04 32.03
C ALA D 286 -4.41 -12.74 32.21
N MET D 287 -4.95 -11.80 32.99
CA MET D 287 -4.28 -10.55 33.29
C MET D 287 -2.95 -10.78 33.95
N GLU D 288 -2.95 -11.63 35.00
CA GLU D 288 -1.75 -11.91 35.68
C GLU D 288 -0.66 -12.50 34.78
N ALA D 289 -1.04 -13.41 33.88
CA ALA D 289 -0.09 -14.01 32.96
C ALA D 289 0.46 -12.94 32.03
N ALA D 290 -0.40 -12.03 31.60
CA ALA D 290 0.05 -10.95 30.68
C ALA D 290 1.05 -10.00 31.40
N MET D 291 0.79 -9.74 32.68
CA MET D 291 1.65 -8.87 33.48
C MET D 291 3.01 -9.52 33.71
N ARG D 292 3.03 -10.81 34.05
CA ARG D 292 4.30 -11.56 34.16
C ARG D 292 5.06 -11.56 32.87
N ASP D 293 4.35 -11.78 31.76
CA ASP D 293 4.96 -11.77 30.43
C ASP D 293 5.66 -10.44 30.17
N ALA D 294 5.00 -9.34 30.55
CA ALA D 294 5.50 -7.99 30.27
C ALA D 294 6.49 -7.54 31.33
N GLY D 295 6.52 -8.27 32.46
CA GLY D 295 7.33 -7.88 33.61
C GLY D 295 6.89 -6.58 34.24
N VAL D 296 5.59 -6.35 34.33
CA VAL D 296 5.04 -5.15 34.97
C VAL D 296 4.17 -5.46 36.18
N THR D 297 3.96 -4.45 37.02
CA THR D 297 3.07 -4.53 38.17
C THR D 297 1.83 -3.68 37.91
N GLY D 298 0.84 -3.83 38.77
CA GLY D 298 -0.39 -3.06 38.69
C GLY D 298 -0.17 -1.57 38.51
N GLU D 299 0.77 -1.00 39.26
CA GLU D 299 0.99 0.45 39.30
C GLU D 299 1.36 1.02 37.95
N GLN D 300 1.93 0.17 37.10
CA GLN D 300 2.42 0.62 35.82
C GLN D 300 1.34 0.63 34.74
N ILE D 301 0.21 -0.02 34.99
CA ILE D 301 -0.89 -0.04 34.01
C ILE D 301 -1.80 1.18 34.22
N GLY D 302 -1.82 2.12 33.27
CA GLY D 302 -2.65 3.30 33.41
C GLY D 302 -4.10 3.13 33.02
N TYR D 303 -4.38 2.15 32.15
CA TYR D 303 -5.70 1.99 31.54
C TYR D 303 -5.96 0.57 31.19
N VAL D 304 -7.15 0.09 31.51
CA VAL D 304 -7.65 -1.17 31.05
C VAL D 304 -8.89 -0.92 30.21
N ASN D 305 -8.81 -1.32 28.95
CA ASN D 305 -9.99 -1.35 28.10
C ASN D 305 -10.66 -2.69 28.37
N ALA D 306 -11.79 -2.62 29.06
CA ALA D 306 -12.42 -3.78 29.67
C ALA D 306 -13.24 -4.52 28.64
N HIS D 307 -13.56 -5.76 28.98
CA HIS D 307 -14.48 -6.52 28.14
C HIS D 307 -15.87 -5.92 28.25
N GLY D 308 -16.31 -5.65 29.47
CA GLY D 308 -17.54 -4.90 29.79
C GLY D 308 -18.65 -4.85 28.75
N THR D 309 -19.38 -5.94 28.63
CA THR D 309 -20.35 -6.08 27.54
C THR D 309 -21.76 -5.59 27.86
N SER D 310 -22.02 -5.22 29.13
CA SER D 310 -23.33 -4.75 29.59
C SER D 310 -24.25 -5.90 29.92
N THR D 311 -23.69 -6.95 30.50
CA THR D 311 -24.51 -8.07 30.97
C THR D 311 -24.55 -8.04 32.49
N PRO D 312 -25.68 -8.42 33.08
CA PRO D 312 -25.75 -8.48 34.56
C PRO D 312 -24.57 -9.20 35.22
N ALA D 313 -24.32 -10.46 34.85
CA ALA D 313 -23.28 -11.27 35.50
C ALA D 313 -21.86 -10.88 35.10
N GLY D 314 -21.66 -10.63 33.81
CA GLY D 314 -20.31 -10.39 33.29
C GLY D 314 -19.60 -9.15 33.82
N ASP D 315 -20.30 -8.02 33.89
CA ASP D 315 -19.64 -6.73 34.15
C ASP D 315 -19.03 -6.71 35.56
N VAL D 316 -19.79 -7.21 36.53
CA VAL D 316 -19.34 -7.26 37.93
C VAL D 316 -18.14 -8.18 38.11
N ALA D 317 -18.24 -9.40 37.58
CA ALA D 317 -17.13 -10.36 37.64
C ALA D 317 -15.82 -9.79 37.12
N GLU D 318 -15.85 -9.06 35.99
CA GLU D 318 -14.62 -8.54 35.44
C GLU D 318 -13.93 -7.54 36.38
N VAL D 319 -14.71 -6.70 37.04
CA VAL D 319 -14.13 -5.76 37.99
C VAL D 319 -13.46 -6.49 39.15
N LYS D 320 -14.08 -7.52 39.66
CA LYS D 320 -13.42 -8.32 40.69
C LYS D 320 -12.10 -8.86 40.18
N GLY D 321 -12.06 -9.35 38.94
CA GLY D 321 -10.82 -9.83 38.36
C GLY D 321 -9.76 -8.78 38.18
N ILE D 322 -10.16 -7.59 37.70
CA ILE D 322 -9.23 -6.51 37.52
C ILE D 322 -8.59 -6.07 38.88
N LYS D 323 -9.41 -5.99 39.90
CA LYS D 323 -8.94 -5.63 41.25
C LYS D 323 -7.97 -6.66 41.82
N ARG D 324 -8.25 -7.94 41.57
CA ARG D 324 -7.28 -8.98 41.95
C ARG D 324 -5.95 -8.84 41.21
N ALA D 325 -6.00 -8.74 39.87
CA ALA D 325 -4.78 -8.70 39.08
C ALA D 325 -3.96 -7.45 39.32
N LEU D 326 -4.64 -6.30 39.40
CA LEU D 326 -4.00 -4.99 39.44
C LEU D 326 -4.41 -4.38 40.78
N GLY D 327 -3.56 -4.35 41.78
CA GLY D 327 -3.94 -3.68 43.03
C GLY D 327 -4.46 -2.24 42.84
N GLU D 328 -3.72 -1.51 42.04
CA GLU D 328 -3.87 -0.10 41.86
C GLU D 328 -5.17 0.33 41.12
N ALA D 329 -5.93 -0.59 40.53
CA ALA D 329 -7.29 -0.25 40.07
C ALA D 329 -8.18 0.24 41.21
N GLY D 330 -8.18 -0.50 42.33
CA GLY D 330 -9.04 -0.18 43.47
C GLY D 330 -8.75 1.15 44.16
N THR D 331 -7.49 1.61 44.07
CA THR D 331 -7.07 2.96 44.45
C THR D 331 -7.17 4.01 43.35
N LYS D 332 -7.83 3.67 42.23
CA LYS D 332 -8.12 4.64 41.14
C LYS D 332 -6.88 5.13 40.42
N GLN D 333 -5.78 4.37 40.47
CA GLN D 333 -4.63 4.74 39.68
C GLN D 333 -4.71 4.14 38.28
N VAL D 334 -5.51 3.09 38.16
CA VAL D 334 -5.83 2.43 36.89
C VAL D 334 -7.21 2.75 36.40
N LEU D 335 -7.30 3.41 35.25
CA LEU D 335 -8.56 3.75 34.68
C LEU D 335 -9.06 2.52 33.94
N VAL D 336 -10.37 2.31 33.95
CA VAL D 336 -11.04 1.20 33.32
C VAL D 336 -12.20 1.76 32.52
N SER D 337 -12.37 1.35 31.28
CA SER D 337 -13.57 1.73 30.56
C SER D 337 -13.96 0.69 29.54
N SER D 338 -15.23 0.69 29.18
CA SER D 338 -15.75 -0.15 28.13
C SER D 338 -16.24 0.71 26.98
N THR D 339 -15.56 0.60 25.86
CA THR D 339 -16.01 1.27 24.62
C THR D 339 -17.17 0.55 23.93
N LYS D 340 -17.53 -0.64 24.39
CA LYS D 340 -18.77 -1.29 23.96
C LYS D 340 -19.99 -0.48 24.32
N SER D 341 -19.82 0.49 25.23
CA SER D 341 -20.89 1.43 25.54
C SER D 341 -21.31 2.21 24.26
N MET D 342 -20.34 2.39 23.40
CA MET D 342 -20.57 3.15 22.15
C MET D 342 -20.69 2.29 20.88
N THR D 343 -19.83 1.27 20.77
CA THR D 343 -19.76 0.41 19.58
C THR D 343 -20.69 -0.78 19.61
N GLY D 344 -21.13 -1.17 20.80
CA GLY D 344 -21.67 -2.47 21.01
C GLY D 344 -20.55 -3.50 21.05
N HIS D 345 -20.96 -4.75 21.18
CA HIS D 345 -20.04 -5.87 21.30
C HIS D 345 -19.82 -6.42 19.91
N LEU D 346 -18.60 -6.24 19.39
CA LEU D 346 -18.29 -6.64 18.04
C LEU D 346 -17.85 -8.08 17.89
N LEU D 347 -18.03 -8.90 18.93
CA LEU D 347 -17.80 -10.32 18.83
C LEU D 347 -16.38 -10.61 18.36
N GLY D 348 -16.21 -11.38 17.29
CA GLY D 348 -14.86 -11.67 16.79
C GLY D 348 -13.96 -10.48 16.50
N ALA D 349 -14.53 -9.29 16.31
CA ALA D 349 -13.75 -8.10 16.08
C ALA D 349 -13.54 -7.27 17.35
N ALA D 350 -14.25 -7.62 18.43
CA ALA D 350 -14.22 -6.80 19.63
C ALA D 350 -12.80 -6.64 20.11
N GLY D 351 -12.07 -7.76 20.18
CA GLY D 351 -10.77 -7.81 20.84
C GLY D 351 -9.69 -7.03 20.10
N SER D 352 -9.81 -6.94 18.77
CA SER D 352 -8.83 -6.24 17.96
C SER D 352 -9.17 -4.75 17.77
N VAL D 353 -10.46 -4.42 17.57
CA VAL D 353 -10.93 -3.03 17.65
C VAL D 353 -10.53 -2.41 18.97
N GLU D 354 -10.72 -3.14 20.05
CA GLU D 354 -10.33 -2.63 21.33
C GLU D 354 -8.82 -2.58 21.58
N ALA D 355 -8.07 -3.46 20.94
CA ALA D 355 -6.63 -3.34 20.99
C ALA D 355 -6.17 -2.05 20.33
N ILE D 356 -6.78 -1.74 19.19
CA ILE D 356 -6.43 -0.52 18.53
C ILE D 356 -6.73 0.71 19.41
N ILE D 357 -7.88 0.67 20.07
CA ILE D 357 -8.29 1.72 20.98
C ILE D 357 -7.29 1.87 22.13
N THR D 358 -6.85 0.73 22.68
CA THR D 358 -5.84 0.74 23.73
C THR D 358 -4.50 1.36 23.26
N VAL D 359 -4.08 1.02 22.04
CA VAL D 359 -2.90 1.63 21.46
C VAL D 359 -3.09 3.14 21.32
N MET D 360 -4.23 3.58 20.78
CA MET D 360 -4.45 5.02 20.58
C MET D 360 -4.49 5.77 21.91
N SER D 361 -4.96 5.13 22.98
CA SER D 361 -4.91 5.74 24.28
C SER D 361 -3.49 6.08 24.71
N LEU D 362 -2.52 5.24 24.37
CA LEU D 362 -1.11 5.49 24.63
C LEU D 362 -0.53 6.55 23.69
N VAL D 363 -0.89 6.46 22.42
CA VAL D 363 -0.43 7.44 21.44
C VAL D 363 -0.88 8.86 21.79
N ASP D 364 -2.17 9.04 22.05
CA ASP D 364 -2.74 10.36 22.34
C ASP D 364 -2.88 10.71 23.81
N GLN D 365 -2.45 9.81 24.69
CA GLN D 365 -2.60 10.10 26.13
C GLN D 365 -4.01 10.62 26.50
N MET D 366 -5.00 9.87 26.05
CA MET D 366 -6.43 10.15 26.23
C MET D 366 -7.14 8.80 26.34
N VAL D 367 -8.14 8.73 27.21
CA VAL D 367 -8.83 7.49 27.48
C VAL D 367 -10.28 7.70 27.23
N PRO D 368 -10.90 6.84 26.41
CA PRO D 368 -12.30 7.03 26.06
C PRO D 368 -13.24 6.59 27.17
N PRO D 369 -14.44 7.15 27.20
CA PRO D 369 -15.35 6.86 28.30
C PRO D 369 -16.20 5.60 28.16
N THR D 370 -16.72 5.12 29.31
CA THR D 370 -17.92 4.33 29.33
C THR D 370 -19.14 5.21 29.35
N ILE D 371 -19.79 5.38 28.19
CA ILE D 371 -21.04 6.11 28.17
C ILE D 371 -22.19 5.33 28.77
N ASN D 372 -23.26 6.07 29.13
CA ASN D 372 -24.52 5.53 29.63
C ASN D 372 -24.38 5.00 31.08
N LEU D 373 -23.25 5.27 31.68
CA LEU D 373 -23.01 4.78 33.08
C LEU D 373 -23.65 5.77 34.08
N ASP D 374 -24.98 5.81 34.06
CA ASP D 374 -25.76 6.80 34.79
C ASP D 374 -25.84 6.47 36.28
N ASN D 375 -26.06 5.20 36.55
CA ASN D 375 -26.25 4.67 37.91
CA ASN D 375 -26.27 4.67 37.89
C ASN D 375 -25.43 3.40 38.08
N PRO D 376 -24.13 3.53 38.38
CA PRO D 376 -23.31 2.34 38.49
C PRO D 376 -23.72 1.45 39.65
N GLU D 377 -23.47 0.15 39.53
CA GLU D 377 -23.61 -0.78 40.65
C GLU D 377 -22.75 -0.32 41.81
N GLU D 378 -23.19 -0.63 43.02
CA GLU D 378 -22.43 -0.33 44.22
C GLU D 378 -21.22 -1.24 44.37
N GLY D 379 -20.19 -0.72 45.04
CA GLY D 379 -19.06 -1.53 45.48
C GLY D 379 -18.05 -1.92 44.42
N LEU D 380 -18.07 -1.24 43.30
CA LEU D 380 -17.15 -1.58 42.21
C LEU D 380 -15.75 -1.18 42.60
N GLY D 381 -15.62 0.00 43.20
CA GLY D 381 -14.34 0.45 43.69
C GLY D 381 -13.27 0.80 42.66
N VAL D 382 -13.67 1.05 41.39
CA VAL D 382 -12.70 1.46 40.37
C VAL D 382 -13.26 2.61 39.56
N ASP D 383 -12.37 3.34 38.90
CA ASP D 383 -12.70 4.48 38.05
C ASP D 383 -13.05 3.94 36.67
N LEU D 384 -14.34 4.01 36.33
CA LEU D 384 -14.88 3.44 35.11
C LEU D 384 -14.99 4.50 34.00
N VAL D 385 -14.34 5.62 34.19
CA VAL D 385 -14.35 6.71 33.18
C VAL D 385 -15.78 6.94 32.63
N PRO D 386 -16.74 7.21 33.54
CA PRO D 386 -18.08 7.46 33.07
C PRO D 386 -18.20 8.69 32.17
N HIS D 387 -18.97 8.54 31.09
CA HIS D 387 -19.54 9.63 30.29
C HIS D 387 -18.62 10.39 29.38
N VAL D 388 -17.48 10.82 29.88
CA VAL D 388 -16.60 11.69 29.09
C VAL D 388 -15.16 11.23 29.12
N ALA D 389 -14.46 11.46 28.02
CA ALA D 389 -13.05 11.09 27.90
C ALA D 389 -12.16 11.76 28.96
N ARG D 390 -11.03 11.14 29.23
CA ARG D 390 -10.11 11.58 30.25
C ARG D 390 -8.76 11.80 29.67
N LYS D 391 -8.22 13.01 29.86
CA LYS D 391 -6.82 13.25 29.55
C LYS D 391 -5.96 12.62 30.63
N VAL D 392 -4.93 11.88 30.23
CA VAL D 392 -3.95 11.29 31.12
C VAL D 392 -2.55 11.82 30.84
N GLU D 393 -1.63 11.53 31.76
CA GLU D 393 -0.27 12.02 31.69
C GLU D 393 0.71 10.92 32.07
N SER D 394 1.79 10.80 31.30
CA SER D 394 2.81 9.79 31.52
C SER D 394 2.24 8.38 31.66
N MET D 395 1.26 8.05 30.82
CA MET D 395 0.76 6.68 30.78
C MET D 395 1.65 5.84 29.88
N GLU D 396 2.34 4.87 30.45
CA GLU D 396 3.37 4.12 29.73
C GLU D 396 2.85 2.78 29.23
N TYR D 397 1.85 2.21 29.92
CA TYR D 397 1.31 0.87 29.62
C TYR D 397 -0.18 0.94 29.68
N ALA D 398 -0.84 0.15 28.84
CA ALA D 398 -2.29 0.02 28.85
C ALA D 398 -2.62 -1.40 28.45
N MET D 399 -3.73 -1.90 28.98
CA MET D 399 -4.14 -3.26 28.88
C MET D 399 -5.51 -3.36 28.24
N CYS D 400 -5.76 -4.45 27.51
CA CYS D 400 -7.09 -4.72 27.04
CA CYS D 400 -7.02 -4.74 26.90
C CYS D 400 -7.44 -6.19 27.23
N ASN D 401 -8.66 -6.41 27.71
CA ASN D 401 -9.18 -7.74 28.00
C ASN D 401 -10.34 -8.16 27.09
N SER D 402 -10.37 -9.44 26.71
CA SER D 402 -11.54 -10.04 26.11
C SER D 402 -11.82 -11.39 26.79
N PHE D 403 -13.07 -11.60 27.14
CA PHE D 403 -13.49 -12.82 27.86
C PHE D 403 -14.70 -13.43 27.16
N GLY D 404 -14.49 -14.50 26.40
CA GLY D 404 -15.53 -15.05 25.54
C GLY D 404 -16.27 -16.30 26.00
N PHE D 405 -17.28 -16.66 25.23
CA PHE D 405 -18.13 -17.82 25.51
C PHE D 405 -17.28 -19.09 25.61
N GLY D 406 -17.64 -19.98 26.52
CA GLY D 406 -16.82 -21.13 26.80
C GLY D 406 -15.76 -20.83 27.84
N GLY D 407 -15.74 -19.61 28.36
CA GLY D 407 -14.74 -19.20 29.34
C GLY D 407 -13.37 -18.87 28.84
N THR D 408 -13.24 -18.58 27.53
CA THR D 408 -11.93 -18.30 26.96
C THR D 408 -11.53 -16.84 27.23
N ASN D 409 -10.38 -16.63 27.88
CA ASN D 409 -9.96 -15.32 28.31
C ASN D 409 -8.61 -14.96 27.76
N GLY D 410 -8.46 -13.67 27.41
CA GLY D 410 -7.21 -13.14 27.00
C GLY D 410 -6.98 -11.71 27.45
N SER D 411 -5.72 -11.34 27.61
CA SER D 411 -5.33 -10.00 27.97
C SER D 411 -4.05 -9.65 27.21
N LEU D 412 -3.97 -8.42 26.67
CA LEU D 412 -2.80 -7.91 26.06
C LEU D 412 -2.36 -6.64 26.76
N ILE D 413 -1.07 -6.43 26.84
CA ILE D 413 -0.48 -5.22 27.34
C ILE D 413 0.43 -4.58 26.30
N PHE D 414 0.16 -3.29 26.06
CA PHE D 414 0.92 -2.48 25.18
C PHE D 414 1.73 -1.47 25.96
N LYS D 415 2.89 -1.10 25.40
CA LYS D 415 3.76 -0.07 25.97
C LYS D 415 3.91 1.10 25.00
N ARG D 416 3.85 2.32 25.54
CA ARG D 416 4.01 3.57 24.78
C ARG D 416 5.43 3.61 24.20
N MET D 417 5.72 4.17 23.05
CA MET D 417 7.13 4.17 22.65
C MET D 417 7.98 5.21 23.42
C ACT E . -11.99 -47.73 -11.41
O ACT E . -11.22 -46.77 -11.66
OXT ACT E . -13.00 -47.96 -12.11
CH3 ACT E . -11.71 -48.66 -10.27
C1 GOL F . 18.88 40.87 -28.92
O1 GOL F . 19.42 41.75 -29.92
C2 GOL F . 17.35 40.89 -28.94
O2 GOL F . 16.85 39.82 -28.14
C3 GOL F . 16.85 40.73 -30.37
O3 GOL F . 16.89 42.00 -31.04
C ACT G . -26.17 11.17 -3.54
O ACT G . -25.17 10.83 -2.85
OXT ACT G . -26.41 10.65 -4.66
CH3 ACT G . -27.09 12.24 -3.01
C1 GOL H . -23.04 33.01 -26.57
O1 GOL H . -22.31 31.96 -27.21
C2 GOL H . -22.80 32.95 -25.07
O2 GOL H . -23.65 33.89 -24.39
C3 GOL H . -23.07 31.53 -24.58
O3 GOL H . -21.84 30.80 -24.58
#